data_1VDL
#
_entry.id   1VDL
#
_cell.length_a   1.000
_cell.length_b   1.000
_cell.length_c   1.000
_cell.angle_alpha   90.00
_cell.angle_beta   90.00
_cell.angle_gamma   90.00
#
_symmetry.space_group_name_H-M   'P 1'
#
_entity_poly.entity_id   1
_entity_poly.type   'polypeptide(L)'
_entity_poly.pdbx_seq_one_letter_code
;GSSGSSGMTVEQNVLQQSAAQKHQQTFLNQLREITGINDAQILQQALKDSNGNLELAVAFLTAKNAKTPPQEETSGPSSG
;
_entity_poly.pdbx_strand_id   A
#
# COMPACT_ATOMS: atom_id res chain seq x y z
N GLY A 1 29.95 8.86 12.69
CA GLY A 1 29.84 8.67 11.25
C GLY A 1 29.45 7.23 10.92
N SER A 2 29.72 6.85 9.68
CA SER A 2 29.40 5.51 9.22
C SER A 2 30.56 4.55 9.52
N SER A 3 31.72 4.90 8.97
CA SER A 3 32.91 4.09 9.16
C SER A 3 32.70 2.70 8.55
N GLY A 4 33.82 2.01 8.33
CA GLY A 4 33.77 0.68 7.75
C GLY A 4 33.75 -0.38 8.85
N SER A 5 32.66 -0.40 9.60
CA SER A 5 32.51 -1.36 10.67
C SER A 5 31.55 -2.47 10.24
N SER A 6 31.72 -3.62 10.87
CA SER A 6 30.87 -4.77 10.56
C SER A 6 31.10 -5.21 9.11
N GLY A 7 31.03 -6.52 8.90
CA GLY A 7 31.21 -7.07 7.57
C GLY A 7 29.98 -7.87 7.13
N MET A 8 29.14 -7.21 6.35
CA MET A 8 27.93 -7.84 5.86
C MET A 8 27.23 -8.62 6.97
N THR A 9 26.35 -7.93 7.68
CA THR A 9 25.61 -8.55 8.76
C THR A 9 24.12 -8.21 8.66
N VAL A 10 23.31 -9.09 9.20
CA VAL A 10 21.86 -8.91 9.18
C VAL A 10 21.42 -8.27 10.49
N GLU A 11 22.12 -7.20 10.87
CA GLU A 11 21.81 -6.49 12.10
C GLU A 11 21.37 -5.06 11.78
N GLN A 12 21.27 -4.78 10.50
CA GLN A 12 20.87 -3.45 10.04
C GLN A 12 19.67 -3.55 9.09
N ASN A 13 18.73 -4.41 9.47
CA ASN A 13 17.54 -4.61 8.66
C ASN A 13 16.34 -4.82 9.57
N VAL A 14 16.52 -5.69 10.55
CA VAL A 14 15.46 -5.99 11.50
C VAL A 14 14.86 -4.68 12.02
N LEU A 15 15.68 -3.64 11.99
CA LEU A 15 15.24 -2.33 12.44
C LEU A 15 14.22 -1.76 11.47
N GLN A 16 14.55 -1.85 10.19
CA GLN A 16 13.67 -1.35 9.14
C GLN A 16 12.22 -1.68 9.48
N GLN A 17 12.01 -2.91 9.94
CA GLN A 17 10.67 -3.36 10.30
C GLN A 17 10.01 -2.35 11.23
N SER A 18 8.74 -2.10 10.97
CA SER A 18 7.98 -1.16 11.78
C SER A 18 8.44 0.27 11.49
N ALA A 19 9.67 0.54 11.87
CA ALA A 19 10.25 1.86 11.66
C ALA A 19 9.84 2.38 10.28
N ALA A 20 9.81 1.46 9.33
CA ALA A 20 9.45 1.81 7.96
C ALA A 20 7.92 1.97 7.88
N GLN A 21 7.23 1.02 8.50
CA GLN A 21 5.78 1.04 8.50
C GLN A 21 5.26 2.42 8.88
N LYS A 22 6.01 3.08 9.75
CA LYS A 22 5.64 4.41 10.21
C LYS A 22 6.30 5.46 9.31
N HIS A 23 5.74 5.59 8.12
CA HIS A 23 6.26 6.55 7.15
C HIS A 23 5.18 6.88 6.12
N GLN A 24 4.50 7.99 6.37
CA GLN A 24 3.43 8.43 5.48
C GLN A 24 3.85 8.23 4.02
N GLN A 25 4.95 8.88 3.65
CA GLN A 25 5.45 8.77 2.29
C GLN A 25 5.46 7.32 1.84
N THR A 26 6.07 6.48 2.68
CA THR A 26 6.15 5.06 2.38
C THR A 26 4.76 4.47 2.18
N PHE A 27 3.81 5.01 2.92
CA PHE A 27 2.43 4.54 2.83
C PHE A 27 1.82 4.90 1.48
N LEU A 28 1.80 6.20 1.19
CA LEU A 28 1.24 6.68 -0.06
C LEU A 28 1.87 5.91 -1.22
N ASN A 29 3.20 5.86 -1.20
CA ASN A 29 3.92 5.16 -2.25
C ASN A 29 3.44 3.71 -2.33
N GLN A 30 3.13 3.16 -1.16
CA GLN A 30 2.65 1.80 -1.09
C GLN A 30 1.27 1.67 -1.75
N LEU A 31 0.37 2.55 -1.34
CA LEU A 31 -0.98 2.56 -1.90
C LEU A 31 -0.93 3.08 -3.33
N ARG A 32 0.21 3.65 -3.69
CA ARG A 32 0.39 4.19 -5.03
C ARG A 32 0.46 3.06 -6.05
N GLU A 33 1.18 2.01 -5.68
CA GLU A 33 1.33 0.86 -6.56
C GLU A 33 0.16 -0.11 -6.37
N ILE A 34 -0.10 -0.44 -5.11
CA ILE A 34 -1.18 -1.35 -4.77
C ILE A 34 -2.38 -1.06 -5.67
N THR A 35 -3.02 0.07 -5.40
CA THR A 35 -4.18 0.47 -6.17
C THR A 35 -3.75 1.11 -7.49
N GLY A 36 -2.46 1.41 -7.57
CA GLY A 36 -1.91 2.02 -8.77
C GLY A 36 -2.26 3.52 -8.84
N ILE A 37 -3.02 3.96 -7.86
CA ILE A 37 -3.43 5.35 -7.79
C ILE A 37 -2.18 6.24 -7.75
N ASN A 38 -2.38 7.49 -8.16
CA ASN A 38 -1.28 8.44 -8.18
C ASN A 38 -1.65 9.65 -7.32
N ASP A 39 -2.83 10.19 -7.59
CA ASP A 39 -3.31 11.35 -6.86
C ASP A 39 -3.04 11.14 -5.36
N ALA A 40 -2.62 12.22 -4.71
CA ALA A 40 -2.33 12.16 -3.29
C ALA A 40 -3.63 12.40 -2.50
N GLN A 41 -4.50 13.21 -3.08
CA GLN A 41 -5.75 13.54 -2.44
C GLN A 41 -6.61 12.27 -2.30
N ILE A 42 -6.25 11.25 -3.07
CA ILE A 42 -6.96 9.99 -3.04
C ILE A 42 -6.23 9.01 -2.12
N LEU A 43 -4.91 9.00 -2.26
CA LEU A 43 -4.07 8.13 -1.45
C LEU A 43 -4.21 8.50 0.02
N GLN A 44 -4.05 9.80 0.28
CA GLN A 44 -4.16 10.31 1.64
C GLN A 44 -5.54 10.02 2.21
N GLN A 45 -6.55 10.42 1.45
CA GLN A 45 -7.93 10.22 1.86
C GLN A 45 -8.12 8.79 2.40
N ALA A 46 -7.58 7.84 1.66
CA ALA A 46 -7.67 6.45 2.04
C ALA A 46 -6.95 6.24 3.37
N LEU A 47 -5.72 6.73 3.43
CA LEU A 47 -4.91 6.61 4.63
C LEU A 47 -5.66 7.22 5.81
N LYS A 48 -6.01 8.49 5.65
CA LYS A 48 -6.74 9.20 6.69
C LYS A 48 -7.85 8.30 7.24
N ASP A 49 -8.74 7.90 6.35
CA ASP A 49 -9.84 7.04 6.73
C ASP A 49 -9.30 5.83 7.51
N SER A 50 -8.51 5.03 6.81
CA SER A 50 -7.92 3.85 7.41
C SER A 50 -7.38 4.18 8.80
N ASN A 51 -6.95 5.43 8.95
CA ASN A 51 -6.41 5.88 10.22
C ASN A 51 -4.97 5.39 10.36
N GLY A 52 -4.45 4.85 9.26
CA GLY A 52 -3.09 4.34 9.25
C GLY A 52 -3.08 2.83 8.98
N ASN A 53 -4.01 2.40 8.15
CA ASN A 53 -4.11 1.00 7.79
C ASN A 53 -4.14 0.86 6.27
N LEU A 54 -3.08 0.25 5.74
CA LEU A 54 -2.98 0.06 4.31
C LEU A 54 -4.12 -0.83 3.83
N GLU A 55 -4.24 -1.98 4.47
CA GLU A 55 -5.29 -2.93 4.12
C GLU A 55 -6.63 -2.21 3.96
N LEU A 56 -6.85 -1.23 4.84
CA LEU A 56 -8.08 -0.45 4.80
C LEU A 56 -8.00 0.57 3.67
N ALA A 57 -6.80 1.10 3.47
CA ALA A 57 -6.57 2.08 2.43
C ALA A 57 -6.78 1.43 1.06
N VAL A 58 -6.44 0.16 1.00
CA VAL A 58 -6.60 -0.60 -0.24
C VAL A 58 -8.05 -1.04 -0.39
N ALA A 59 -8.61 -1.50 0.72
CA ALA A 59 -9.99 -1.97 0.73
C ALA A 59 -10.90 -0.82 0.29
N PHE A 60 -10.67 0.34 0.88
CA PHE A 60 -11.47 1.51 0.56
C PHE A 60 -11.30 1.91 -0.91
N LEU A 61 -10.06 1.83 -1.36
CA LEU A 61 -9.74 2.17 -2.74
C LEU A 61 -10.32 1.11 -3.67
N THR A 62 -10.10 -0.14 -3.30
CA THR A 62 -10.60 -1.25 -4.10
C THR A 62 -12.13 -1.21 -4.18
N ALA A 63 -12.74 -0.82 -3.07
CA ALA A 63 -14.18 -0.73 -3.00
C ALA A 63 -14.63 0.65 -3.48
N LYS A 64 -14.04 1.09 -4.58
CA LYS A 64 -14.37 2.39 -5.14
C LYS A 64 -14.01 2.41 -6.62
N ASN A 65 -12.77 2.03 -6.90
CA ASN A 65 -12.28 1.99 -8.28
C ASN A 65 -11.92 0.56 -8.64
N ALA A 66 -12.87 -0.11 -9.29
CA ALA A 66 -12.65 -1.48 -9.70
C ALA A 66 -13.05 -1.63 -11.18
N LYS A 67 -12.76 -2.81 -11.71
CA LYS A 67 -13.07 -3.10 -13.10
C LYS A 67 -14.58 -3.28 -13.25
N THR A 68 -15.08 -2.87 -14.41
CA THR A 68 -16.51 -2.98 -14.69
C THR A 68 -16.90 -4.45 -14.89
N PRO A 69 -18.22 -4.71 -14.74
CA PRO A 69 -18.74 -6.05 -14.90
C PRO A 69 -18.78 -6.46 -16.38
N PRO A 70 -19.11 -7.76 -16.61
CA PRO A 70 -19.18 -8.28 -17.96
C PRO A 70 -20.46 -7.81 -18.66
N GLN A 71 -20.54 -6.49 -18.84
CA GLN A 71 -21.70 -5.90 -19.49
C GLN A 71 -21.40 -5.65 -20.98
N GLU A 72 -22.45 -5.30 -21.70
CA GLU A 72 -22.32 -5.03 -23.12
C GLU A 72 -21.67 -3.66 -23.34
N GLU A 73 -20.40 -3.70 -23.74
CA GLU A 73 -19.66 -2.48 -23.98
C GLU A 73 -18.22 -2.81 -24.38
N THR A 74 -17.53 -1.79 -24.89
CA THR A 74 -16.16 -1.96 -25.31
C THR A 74 -15.19 -1.70 -24.14
N SER A 75 -14.00 -2.26 -24.25
CA SER A 75 -13.00 -2.10 -23.21
C SER A 75 -11.63 -2.54 -23.75
N GLY A 76 -11.55 -3.81 -24.11
CA GLY A 76 -10.31 -4.35 -24.64
C GLY A 76 -9.55 -5.11 -23.54
N PRO A 77 -9.75 -6.46 -23.55
CA PRO A 77 -9.08 -7.32 -22.57
C PRO A 77 -7.60 -7.50 -22.91
N SER A 78 -6.90 -8.19 -22.02
CA SER A 78 -5.49 -8.43 -22.21
C SER A 78 -5.10 -9.76 -21.57
N SER A 79 -4.03 -10.34 -22.10
CA SER A 79 -3.53 -11.61 -21.58
C SER A 79 -2.11 -11.87 -22.08
N GLY A 80 -1.48 -12.88 -21.49
CA GLY A 80 -0.13 -13.24 -21.87
C GLY A 80 -0.12 -14.45 -22.81
N GLY A 1 19.91 -27.13 -8.04
CA GLY A 1 20.35 -25.96 -8.79
C GLY A 1 21.44 -25.20 -8.04
N SER A 2 21.27 -23.89 -7.98
CA SER A 2 22.22 -23.04 -7.29
C SER A 2 21.51 -22.15 -6.28
N SER A 3 21.76 -22.43 -5.01
CA SER A 3 21.15 -21.68 -3.93
C SER A 3 22.13 -21.50 -2.78
N GLY A 4 22.80 -20.35 -2.77
CA GLY A 4 23.77 -20.06 -1.74
C GLY A 4 24.16 -18.58 -1.77
N SER A 5 25.16 -18.29 -2.60
CA SER A 5 25.64 -16.92 -2.74
C SER A 5 24.71 -16.13 -3.66
N SER A 6 24.02 -15.16 -3.07
CA SER A 6 23.11 -14.33 -3.83
C SER A 6 21.93 -15.17 -4.32
N GLY A 7 20.90 -15.24 -3.48
CA GLY A 7 19.71 -16.00 -3.82
C GLY A 7 18.46 -15.12 -3.75
N MET A 8 17.66 -15.37 -2.72
CA MET A 8 16.44 -14.61 -2.53
C MET A 8 15.93 -14.74 -1.09
N THR A 9 16.40 -13.82 -0.25
CA THR A 9 16.01 -13.83 1.15
C THR A 9 15.64 -12.40 1.59
N VAL A 10 14.78 -12.34 2.60
CA VAL A 10 14.32 -11.07 3.13
C VAL A 10 14.22 -11.15 4.65
N GLU A 11 15.36 -11.42 5.27
CA GLU A 11 15.40 -11.54 6.72
C GLU A 11 15.81 -10.21 7.35
N GLN A 12 16.03 -9.23 6.49
CA GLN A 12 16.43 -7.90 6.94
C GLN A 12 15.27 -6.91 6.80
N ASN A 13 14.13 -7.45 6.43
CA ASN A 13 12.93 -6.64 6.25
C ASN A 13 12.00 -6.83 7.45
N VAL A 14 12.01 -8.05 7.97
CA VAL A 14 11.17 -8.37 9.12
C VAL A 14 11.34 -7.30 10.19
N LEU A 15 12.59 -6.89 10.37
CA LEU A 15 12.91 -5.87 11.35
C LEU A 15 12.45 -4.50 10.85
N GLN A 16 12.69 -4.27 9.56
CA GLN A 16 12.30 -3.02 8.94
C GLN A 16 10.79 -2.84 9.00
N GLN A 17 10.09 -3.96 9.12
CA GLN A 17 8.64 -3.94 9.18
C GLN A 17 8.18 -3.24 10.46
N SER A 18 8.31 -1.91 10.45
CA SER A 18 7.91 -1.11 11.59
C SER A 18 8.40 0.33 11.41
N ALA A 19 9.67 0.54 11.76
CA ALA A 19 10.26 1.86 11.65
C ALA A 19 9.94 2.45 10.28
N ALA A 20 9.95 1.58 9.28
CA ALA A 20 9.66 2.00 7.92
C ALA A 20 8.14 2.00 7.70
N GLN A 21 7.47 1.14 8.46
CA GLN A 21 6.03 1.04 8.36
C GLN A 21 5.36 2.36 8.77
N LYS A 22 6.06 3.10 9.62
CA LYS A 22 5.56 4.38 10.09
C LYS A 22 6.17 5.50 9.24
N HIS A 23 5.76 5.55 7.99
CA HIS A 23 6.24 6.56 7.07
C HIS A 23 5.15 6.91 6.05
N GLN A 24 4.45 8.00 6.35
CA GLN A 24 3.37 8.45 5.49
C GLN A 24 3.77 8.26 4.01
N GLN A 25 4.91 8.84 3.67
CA GLN A 25 5.40 8.74 2.30
C GLN A 25 5.42 7.28 1.84
N THR A 26 6.04 6.45 2.66
CA THR A 26 6.14 5.03 2.36
C THR A 26 4.74 4.44 2.16
N PHE A 27 3.79 4.97 2.90
CA PHE A 27 2.41 4.51 2.82
C PHE A 27 1.80 4.83 1.46
N LEU A 28 1.77 6.13 1.16
CA LEU A 28 1.21 6.59 -0.10
C LEU A 28 1.87 5.82 -1.25
N ASN A 29 3.19 5.80 -1.23
CA ASN A 29 3.95 5.12 -2.27
C ASN A 29 3.45 3.68 -2.38
N GLN A 30 3.12 3.10 -1.22
CA GLN A 30 2.64 1.74 -1.17
C GLN A 30 1.26 1.64 -1.83
N LEU A 31 0.37 2.52 -1.40
CA LEU A 31 -0.98 2.54 -1.93
C LEU A 31 -0.95 3.07 -3.37
N ARG A 32 0.18 3.65 -3.72
CA ARG A 32 0.37 4.20 -5.05
C ARG A 32 0.43 3.07 -6.09
N GLU A 33 1.15 2.03 -5.74
CA GLU A 33 1.29 0.88 -6.62
C GLU A 33 0.13 -0.09 -6.42
N ILE A 34 -0.12 -0.42 -5.17
CA ILE A 34 -1.20 -1.33 -4.83
C ILE A 34 -2.41 -1.04 -5.72
N THR A 35 -3.04 0.09 -5.45
CA THR A 35 -4.21 0.50 -6.21
C THR A 35 -3.79 1.13 -7.54
N GLY A 36 -2.50 1.46 -7.61
CA GLY A 36 -1.96 2.09 -8.81
C GLY A 36 -2.27 3.58 -8.84
N ILE A 37 -3.08 4.01 -7.88
CA ILE A 37 -3.46 5.40 -7.80
C ILE A 37 -2.20 6.27 -7.77
N ASN A 38 -2.39 7.53 -8.16
CA ASN A 38 -1.28 8.47 -8.20
C ASN A 38 -1.62 9.68 -7.32
N ASP A 39 -2.79 10.25 -7.58
CA ASP A 39 -3.23 11.41 -6.82
C ASP A 39 -2.98 11.17 -5.33
N ALA A 40 -2.57 12.23 -4.66
CA ALA A 40 -2.29 12.16 -3.24
C ALA A 40 -3.58 12.40 -2.45
N GLN A 41 -4.44 13.24 -3.04
CA GLN A 41 -5.70 13.56 -2.41
C GLN A 41 -6.58 12.31 -2.26
N ILE A 42 -6.21 11.29 -3.03
CA ILE A 42 -6.94 10.04 -3.01
C ILE A 42 -6.22 9.05 -2.10
N LEU A 43 -4.90 9.04 -2.22
CA LEU A 43 -4.07 8.15 -1.43
C LEU A 43 -4.22 8.52 0.06
N GLN A 44 -4.05 9.81 0.33
CA GLN A 44 -4.17 10.29 1.70
C GLN A 44 -5.56 10.01 2.24
N GLN A 45 -6.56 10.42 1.47
CA GLN A 45 -7.95 10.21 1.86
C GLN A 45 -8.15 8.79 2.39
N ALA A 46 -7.57 7.84 1.66
CA ALA A 46 -7.67 6.45 2.04
C ALA A 46 -6.93 6.22 3.36
N LEU A 47 -5.71 6.74 3.42
CA LEU A 47 -4.89 6.60 4.61
C LEU A 47 -5.65 7.19 5.81
N LYS A 48 -6.13 8.41 5.61
CA LYS A 48 -6.86 9.09 6.66
C LYS A 48 -8.00 8.20 7.17
N ASP A 49 -8.86 7.82 6.24
CA ASP A 49 -9.99 6.97 6.57
C ASP A 49 -9.48 5.74 7.33
N SER A 50 -8.51 5.08 6.73
CA SER A 50 -7.94 3.89 7.35
C SER A 50 -7.40 4.22 8.73
N ASN A 51 -6.96 5.46 8.88
CA ASN A 51 -6.43 5.92 10.16
C ASN A 51 -4.98 5.42 10.31
N GLY A 52 -4.47 4.86 9.22
CA GLY A 52 -3.11 4.34 9.22
C GLY A 52 -3.10 2.83 8.97
N ASN A 53 -4.05 2.38 8.16
CA ASN A 53 -4.16 0.97 7.85
C ASN A 53 -4.23 0.79 6.33
N LEU A 54 -3.10 0.41 5.76
CA LEU A 54 -3.01 0.20 4.33
C LEU A 54 -4.14 -0.74 3.88
N GLU A 55 -4.21 -1.88 4.54
CA GLU A 55 -5.22 -2.86 4.21
C GLU A 55 -6.58 -2.19 4.06
N LEU A 56 -6.79 -1.17 4.87
CA LEU A 56 -8.05 -0.42 4.83
C LEU A 56 -8.00 0.58 3.69
N ALA A 57 -6.82 1.14 3.48
CA ALA A 57 -6.63 2.12 2.42
C ALA A 57 -6.83 1.45 1.06
N VAL A 58 -6.46 0.18 1.01
CA VAL A 58 -6.59 -0.59 -0.21
C VAL A 58 -8.05 -1.04 -0.38
N ALA A 59 -8.60 -1.50 0.74
CA ALA A 59 -9.99 -1.97 0.74
C ALA A 59 -10.90 -0.83 0.27
N PHE A 60 -10.69 0.33 0.86
CA PHE A 60 -11.50 1.50 0.52
C PHE A 60 -11.31 1.88 -0.95
N LEU A 61 -10.06 1.81 -1.39
CA LEU A 61 -9.74 2.14 -2.77
C LEU A 61 -10.29 1.07 -3.70
N THR A 62 -10.08 -0.18 -3.30
CA THR A 62 -10.55 -1.30 -4.09
C THR A 62 -12.08 -1.28 -4.18
N ALA A 63 -12.71 -0.88 -3.08
CA ALA A 63 -14.15 -0.81 -3.02
C ALA A 63 -14.61 0.59 -3.46
N LYS A 64 -13.95 1.09 -4.50
CA LYS A 64 -14.28 2.41 -5.02
C LYS A 64 -13.83 2.50 -6.48
N ASN A 65 -12.60 2.06 -6.71
CA ASN A 65 -12.04 2.09 -8.05
C ASN A 65 -11.92 0.66 -8.58
N ALA A 66 -13.03 0.16 -9.08
CA ALA A 66 -13.06 -1.20 -9.63
C ALA A 66 -13.62 -1.16 -11.05
N LYS A 67 -13.75 -2.35 -11.63
CA LYS A 67 -14.26 -2.46 -12.98
C LYS A 67 -15.78 -2.24 -12.97
N THR A 68 -16.23 -1.37 -13.85
CA THR A 68 -17.64 -1.06 -13.96
C THR A 68 -18.17 -1.42 -15.35
N PRO A 69 -19.51 -1.57 -15.43
CA PRO A 69 -20.15 -1.90 -16.69
C PRO A 69 -20.20 -0.69 -17.63
N PRO A 70 -20.64 -0.95 -18.89
CA PRO A 70 -20.73 0.11 -19.88
C PRO A 70 -21.94 1.00 -19.60
N GLN A 71 -21.91 1.67 -18.46
CA GLN A 71 -22.99 2.56 -18.06
C GLN A 71 -22.62 4.01 -18.40
N GLU A 72 -23.66 4.85 -18.43
CA GLU A 72 -23.47 6.25 -18.73
C GLU A 72 -23.08 7.03 -17.47
N GLU A 73 -21.95 7.72 -17.56
CA GLU A 73 -21.48 8.50 -16.43
C GLU A 73 -20.62 9.67 -16.93
N THR A 74 -20.36 10.60 -16.01
CA THR A 74 -19.56 11.76 -16.34
C THR A 74 -18.07 11.42 -16.26
N SER A 75 -17.37 11.70 -17.36
CA SER A 75 -15.95 11.43 -17.43
C SER A 75 -15.41 11.82 -18.81
N GLY A 76 -14.62 12.87 -18.82
CA GLY A 76 -14.03 13.37 -20.06
C GLY A 76 -12.70 14.07 -19.80
N PRO A 77 -12.80 15.38 -19.46
CA PRO A 77 -11.62 16.18 -19.19
C PRO A 77 -11.04 15.84 -17.81
N SER A 78 -9.99 15.03 -17.84
CA SER A 78 -9.33 14.63 -16.61
C SER A 78 -8.15 13.70 -16.92
N SER A 79 -7.02 14.31 -17.22
CA SER A 79 -5.82 13.56 -17.55
C SER A 79 -6.12 12.56 -18.66
N GLY A 80 -5.70 12.91 -19.87
CA GLY A 80 -5.92 12.06 -21.01
C GLY A 80 -7.28 11.38 -20.95
N GLY A 1 19.86 3.42 -3.37
CA GLY A 1 18.93 2.37 -3.75
C GLY A 1 19.68 1.14 -4.28
N SER A 2 19.56 0.05 -3.53
CA SER A 2 20.22 -1.18 -3.92
C SER A 2 19.18 -2.28 -4.12
N SER A 3 19.46 -3.14 -5.10
CA SER A 3 18.56 -4.24 -5.41
C SER A 3 19.32 -5.35 -6.13
N GLY A 4 19.21 -6.56 -5.58
CA GLY A 4 19.87 -7.71 -6.16
C GLY A 4 18.90 -8.87 -6.35
N SER A 5 19.40 -9.93 -6.96
CA SER A 5 18.59 -11.11 -7.22
C SER A 5 19.38 -12.37 -6.87
N SER A 6 18.85 -13.12 -5.91
CA SER A 6 19.49 -14.34 -5.48
C SER A 6 20.90 -14.05 -4.96
N GLY A 7 21.04 -14.15 -3.64
CA GLY A 7 22.33 -13.89 -3.01
C GLY A 7 22.16 -13.76 -1.50
N MET A 8 21.35 -12.80 -1.09
CA MET A 8 21.11 -12.55 0.32
C MET A 8 19.85 -13.30 0.80
N THR A 9 19.72 -13.38 2.11
CA THR A 9 18.57 -14.05 2.70
C THR A 9 17.57 -13.03 3.23
N VAL A 10 16.33 -13.48 3.36
CA VAL A 10 15.27 -12.62 3.86
C VAL A 10 15.29 -12.62 5.39
N GLU A 11 16.46 -12.35 5.93
CA GLU A 11 16.63 -12.31 7.38
C GLU A 11 17.19 -10.96 7.82
N GLN A 12 17.30 -10.05 6.85
CA GLN A 12 17.82 -8.73 7.12
C GLN A 12 16.88 -7.67 6.54
N ASN A 13 15.59 -7.97 6.60
CA ASN A 13 14.59 -7.05 6.09
C ASN A 13 13.54 -6.80 7.17
N VAL A 14 13.11 -7.88 7.80
CA VAL A 14 12.11 -7.79 8.85
C VAL A 14 12.49 -6.67 9.82
N LEU A 15 13.79 -6.42 9.90
CA LEU A 15 14.29 -5.38 10.78
C LEU A 15 13.82 -4.02 10.28
N GLN A 16 13.87 -3.85 8.96
CA GLN A 16 13.45 -2.61 8.35
C GLN A 16 12.00 -2.30 8.71
N GLN A 17 11.22 -3.35 8.90
CA GLN A 17 9.82 -3.21 9.25
C GLN A 17 9.67 -2.24 10.43
N SER A 18 8.43 -1.94 10.75
CA SER A 18 8.13 -1.04 11.86
C SER A 18 8.55 0.38 11.49
N ALA A 19 9.85 0.60 11.43
CA ALA A 19 10.39 1.90 11.08
C ALA A 19 9.93 2.29 9.68
N ALA A 20 10.11 1.35 8.76
CA ALA A 20 9.72 1.57 7.38
C ALA A 20 8.19 1.58 7.27
N GLN A 21 7.57 0.79 8.13
CA GLN A 21 6.12 0.70 8.14
C GLN A 21 5.51 2.04 8.51
N LYS A 22 6.06 2.65 9.55
CA LYS A 22 5.58 3.94 10.01
C LYS A 22 6.23 5.05 9.19
N HIS A 23 5.77 5.17 7.95
CA HIS A 23 6.29 6.19 7.06
C HIS A 23 5.21 6.62 6.08
N GLN A 24 4.56 7.73 6.41
CA GLN A 24 3.50 8.27 5.58
C GLN A 24 3.86 8.13 4.11
N GLN A 25 5.00 8.71 3.75
CA GLN A 25 5.48 8.66 2.38
C GLN A 25 5.44 7.23 1.86
N THR A 26 6.09 6.34 2.60
CA THR A 26 6.14 4.95 2.22
C THR A 26 4.73 4.39 2.03
N PHE A 27 3.82 4.87 2.86
CA PHE A 27 2.43 4.44 2.78
C PHE A 27 1.80 4.85 1.44
N LEU A 28 1.80 6.16 1.21
CA LEU A 28 1.23 6.70 -0.02
C LEU A 28 1.80 5.93 -1.21
N ASN A 29 3.13 5.82 -1.23
CA ASN A 29 3.81 5.12 -2.30
C ASN A 29 3.24 3.72 -2.43
N GLN A 30 2.95 3.12 -1.28
CA GLN A 30 2.41 1.77 -1.25
C GLN A 30 1.03 1.74 -1.90
N LEU A 31 0.17 2.64 -1.42
CA LEU A 31 -1.18 2.72 -1.95
C LEU A 31 -1.14 3.28 -3.37
N ARG A 32 0.04 3.75 -3.75
CA ARG A 32 0.23 4.33 -5.07
C ARG A 32 0.29 3.22 -6.12
N GLU A 33 1.02 2.17 -5.80
CA GLU A 33 1.16 1.04 -6.69
C GLU A 33 0.01 0.05 -6.50
N ILE A 34 -0.25 -0.26 -5.24
CA ILE A 34 -1.32 -1.18 -4.90
C ILE A 34 -2.52 -0.92 -5.81
N THR A 35 -3.18 0.20 -5.57
CA THR A 35 -4.35 0.57 -6.36
C THR A 35 -3.91 1.25 -7.66
N GLY A 36 -2.63 1.62 -7.70
CA GLY A 36 -2.08 2.29 -8.87
C GLY A 36 -2.42 3.78 -8.87
N ILE A 37 -3.25 4.16 -7.91
CA ILE A 37 -3.67 5.54 -7.79
C ILE A 37 -2.42 6.44 -7.66
N ASN A 38 -2.54 7.63 -8.22
CA ASN A 38 -1.44 8.58 -8.17
C ASN A 38 -1.81 9.76 -7.27
N ASP A 39 -2.98 10.32 -7.55
CA ASP A 39 -3.47 11.45 -6.78
C ASP A 39 -3.14 11.25 -5.30
N ALA A 40 -2.67 12.31 -4.68
CA ALA A 40 -2.32 12.26 -3.28
C ALA A 40 -3.56 12.51 -2.42
N GLN A 41 -4.51 13.23 -3.01
CA GLN A 41 -5.75 13.53 -2.32
C GLN A 41 -6.60 12.27 -2.16
N ILE A 42 -6.25 11.25 -2.93
CA ILE A 42 -6.96 9.99 -2.88
C ILE A 42 -6.20 9.02 -1.96
N LEU A 43 -4.89 9.04 -2.09
CA LEU A 43 -4.05 8.16 -1.29
C LEU A 43 -4.15 8.58 0.19
N GLN A 44 -4.02 9.88 0.40
CA GLN A 44 -4.09 10.42 1.76
C GLN A 44 -5.46 10.15 2.36
N GLN A 45 -6.49 10.46 1.59
CA GLN A 45 -7.85 10.26 2.04
C GLN A 45 -8.03 8.83 2.58
N ALA A 46 -7.47 7.89 1.83
CA ALA A 46 -7.56 6.49 2.22
C ALA A 46 -6.82 6.28 3.54
N LEU A 47 -5.57 6.71 3.57
CA LEU A 47 -4.75 6.58 4.76
C LEU A 47 -5.49 7.21 5.95
N LYS A 48 -5.87 8.47 5.77
CA LYS A 48 -6.59 9.19 6.80
C LYS A 48 -7.76 8.35 7.30
N ASP A 49 -8.64 8.01 6.38
CA ASP A 49 -9.80 7.21 6.70
C ASP A 49 -9.35 5.96 7.46
N SER A 50 -8.45 5.22 6.85
CA SER A 50 -7.92 4.01 7.46
C SER A 50 -7.37 4.31 8.85
N ASN A 51 -6.88 5.54 9.00
CA ASN A 51 -6.33 5.97 10.27
C ASN A 51 -4.89 5.44 10.39
N GLY A 52 -4.41 4.88 9.31
CA GLY A 52 -3.06 4.34 9.28
C GLY A 52 -3.08 2.83 9.02
N ASN A 53 -4.01 2.42 8.17
CA ASN A 53 -4.15 1.01 7.83
C ASN A 53 -4.24 0.87 6.31
N LEU A 54 -3.18 0.33 5.72
CA LEU A 54 -3.15 0.14 4.29
C LEU A 54 -4.30 -0.79 3.86
N GLU A 55 -4.36 -1.93 4.53
CA GLU A 55 -5.40 -2.90 4.23
C GLU A 55 -6.77 -2.21 4.12
N LEU A 56 -6.89 -1.11 4.85
CA LEU A 56 -8.13 -0.34 4.85
C LEU A 56 -8.08 0.70 3.73
N ALA A 57 -6.88 1.25 3.53
CA ALA A 57 -6.68 2.25 2.50
C ALA A 57 -6.84 1.60 1.11
N VAL A 58 -6.43 0.34 1.04
CA VAL A 58 -6.52 -0.40 -0.20
C VAL A 58 -7.98 -0.78 -0.47
N ALA A 59 -8.64 -1.22 0.59
CA ALA A 59 -10.04 -1.62 0.49
C ALA A 59 -10.87 -0.42 0.05
N PHE A 60 -10.78 0.65 0.85
CA PHE A 60 -11.52 1.86 0.56
C PHE A 60 -11.34 2.28 -0.90
N LEU A 61 -10.24 1.83 -1.48
CA LEU A 61 -9.94 2.14 -2.87
C LEU A 61 -10.51 1.05 -3.77
N THR A 62 -10.04 -0.16 -3.55
CA THR A 62 -10.50 -1.29 -4.34
C THR A 62 -12.02 -1.41 -4.27
N ALA A 63 -12.58 -0.85 -3.21
CA ALA A 63 -14.02 -0.89 -3.01
C ALA A 63 -14.68 0.11 -3.96
N LYS A 64 -13.84 0.87 -4.66
CA LYS A 64 -14.34 1.85 -5.61
C LYS A 64 -13.84 1.48 -7.02
N ASN A 65 -12.59 1.04 -7.07
CA ASN A 65 -11.99 0.65 -8.34
C ASN A 65 -10.98 -0.47 -8.09
N ALA A 66 -11.31 -1.64 -8.61
CA ALA A 66 -10.45 -2.80 -8.47
C ALA A 66 -10.68 -3.76 -9.64
N LYS A 67 -9.57 -4.18 -10.23
CA LYS A 67 -9.63 -5.10 -11.36
C LYS A 67 -8.84 -6.37 -11.03
N THR A 68 -9.57 -7.39 -10.61
CA THR A 68 -8.94 -8.65 -10.25
C THR A 68 -9.64 -9.81 -10.97
N PRO A 69 -8.83 -10.85 -11.31
CA PRO A 69 -9.37 -12.02 -11.99
C PRO A 69 -10.16 -12.90 -11.03
N PRO A 70 -11.02 -13.77 -11.64
CA PRO A 70 -11.83 -14.68 -10.84
C PRO A 70 -10.99 -15.84 -10.29
N GLN A 71 -10.05 -15.47 -9.41
CA GLN A 71 -9.18 -16.46 -8.81
C GLN A 71 -9.34 -16.44 -7.28
N GLU A 72 -10.36 -15.72 -6.83
CA GLU A 72 -10.63 -15.61 -5.41
C GLU A 72 -11.25 -16.89 -4.89
N GLU A 73 -10.89 -17.24 -3.65
CA GLU A 73 -11.41 -18.44 -3.03
C GLU A 73 -11.02 -18.48 -1.55
N THR A 74 -11.57 -19.47 -0.85
CA THR A 74 -11.29 -19.62 0.57
C THR A 74 -11.78 -18.40 1.35
N SER A 75 -12.38 -18.68 2.49
CA SER A 75 -12.91 -17.62 3.33
C SER A 75 -13.08 -18.14 4.77
N GLY A 76 -12.94 -17.22 5.72
CA GLY A 76 -13.07 -17.56 7.12
C GLY A 76 -14.52 -17.93 7.46
N PRO A 77 -14.67 -18.68 8.58
CA PRO A 77 -16.00 -19.11 9.02
C PRO A 77 -16.77 -17.94 9.65
N SER A 78 -18.04 -18.19 9.92
CA SER A 78 -18.89 -17.18 10.51
C SER A 78 -19.92 -17.84 11.43
N SER A 79 -20.51 -17.01 12.30
CA SER A 79 -21.51 -17.51 13.22
C SER A 79 -22.06 -16.35 14.06
N GLY A 80 -21.16 -15.74 14.82
CA GLY A 80 -21.54 -14.61 15.67
C GLY A 80 -20.59 -14.48 16.85
N GLY A 1 24.12 7.94 -1.90
CA GLY A 1 22.92 8.64 -2.30
C GLY A 1 21.68 7.77 -2.10
N SER A 2 20.57 8.43 -1.84
CA SER A 2 19.31 7.73 -1.62
C SER A 2 18.77 7.20 -2.95
N SER A 3 17.95 6.16 -2.85
CA SER A 3 17.37 5.55 -4.04
C SER A 3 16.00 4.95 -3.69
N GLY A 4 14.99 5.41 -4.41
CA GLY A 4 13.64 4.93 -4.19
C GLY A 4 13.63 3.42 -3.92
N SER A 5 13.25 3.07 -2.71
CA SER A 5 13.20 1.67 -2.32
C SER A 5 11.76 1.30 -1.94
N SER A 6 11.28 0.24 -2.55
CA SER A 6 9.92 -0.24 -2.29
C SER A 6 9.96 -1.38 -1.28
N GLY A 7 8.85 -1.55 -0.58
CA GLY A 7 8.75 -2.61 0.42
C GLY A 7 8.80 -3.99 -0.23
N MET A 8 9.96 -4.61 -0.14
CA MET A 8 10.16 -5.93 -0.71
C MET A 8 11.57 -6.44 -0.45
N THR A 9 12.54 -5.55 -0.67
CA THR A 9 13.93 -5.90 -0.46
C THR A 9 14.38 -5.50 0.94
N VAL A 10 15.46 -6.13 1.38
CA VAL A 10 16.00 -5.85 2.70
C VAL A 10 17.28 -5.03 2.56
N GLU A 11 17.89 -4.75 3.71
CA GLU A 11 19.13 -3.98 3.73
C GLU A 11 18.82 -2.49 3.59
N GLN A 12 19.78 -1.68 4.01
CA GLN A 12 19.64 -0.24 3.93
C GLN A 12 18.22 0.17 4.34
N ASN A 13 17.73 -0.47 5.39
CA ASN A 13 16.40 -0.18 5.89
C ASN A 13 16.35 -0.45 7.39
N VAL A 14 16.89 -1.59 7.78
CA VAL A 14 16.91 -1.98 9.18
C VAL A 14 17.47 -0.82 10.01
N LEU A 15 18.40 -0.09 9.40
CA LEU A 15 19.01 1.04 10.07
C LEU A 15 17.94 2.06 10.45
N GLN A 16 16.90 2.10 9.63
CA GLN A 16 15.79 3.02 9.87
C GLN A 16 14.73 2.36 10.73
N GLN A 17 15.16 1.33 11.46
CA GLN A 17 14.25 0.60 12.34
C GLN A 17 13.37 1.58 13.12
N SER A 18 12.19 1.10 13.48
CA SER A 18 11.25 1.92 14.23
C SER A 18 10.77 3.09 13.37
N ALA A 19 11.66 4.03 13.15
CA ALA A 19 11.34 5.21 12.34
C ALA A 19 10.67 4.75 11.05
N ALA A 20 11.19 3.67 10.49
CA ALA A 20 10.64 3.13 9.26
C ALA A 20 9.21 2.66 9.50
N GLN A 21 8.99 2.11 10.68
CA GLN A 21 7.68 1.61 11.05
C GLN A 21 6.63 2.71 10.88
N LYS A 22 7.11 3.96 10.89
CA LYS A 22 6.23 5.10 10.73
C LYS A 22 6.74 5.98 9.59
N HIS A 23 6.25 5.68 8.39
CA HIS A 23 6.65 6.44 7.22
C HIS A 23 5.43 6.68 6.33
N GLN A 24 4.92 7.90 6.39
CA GLN A 24 3.75 8.26 5.59
C GLN A 24 4.06 8.10 4.10
N GLN A 25 5.07 8.83 3.65
CA GLN A 25 5.48 8.78 2.25
C GLN A 25 5.47 7.33 1.76
N THR A 26 6.08 6.46 2.55
CA THR A 26 6.15 5.05 2.21
C THR A 26 4.74 4.47 2.01
N PHE A 27 3.83 4.93 2.85
CA PHE A 27 2.45 4.48 2.78
C PHE A 27 1.81 4.88 1.46
N LEU A 28 1.79 6.19 1.21
CA LEU A 28 1.20 6.71 -0.01
C LEU A 28 1.77 5.94 -1.21
N ASN A 29 3.09 5.84 -1.24
CA ASN A 29 3.76 5.14 -2.32
C ASN A 29 3.22 3.71 -2.40
N GLN A 30 2.96 3.14 -1.24
CA GLN A 30 2.44 1.79 -1.17
C GLN A 30 1.04 1.72 -1.80
N LEU A 31 0.18 2.61 -1.35
CA LEU A 31 -1.18 2.66 -1.87
C LEU A 31 -1.16 3.21 -3.29
N ARG A 32 0.01 3.68 -3.70
CA ARG A 32 0.18 4.23 -5.03
C ARG A 32 0.27 3.11 -6.06
N GLU A 33 1.07 2.10 -5.72
CA GLU A 33 1.25 0.96 -6.61
C GLU A 33 0.11 -0.04 -6.44
N ILE A 34 -0.18 -0.35 -5.18
CA ILE A 34 -1.24 -1.28 -4.85
C ILE A 34 -2.42 -1.05 -5.79
N THR A 35 -3.12 0.05 -5.55
CA THR A 35 -4.28 0.41 -6.36
C THR A 35 -3.82 1.08 -7.66
N GLY A 36 -2.55 1.47 -7.68
CA GLY A 36 -1.99 2.12 -8.85
C GLY A 36 -2.31 3.62 -8.85
N ILE A 37 -3.21 4.01 -7.95
CA ILE A 37 -3.60 5.39 -7.83
C ILE A 37 -2.35 6.27 -7.82
N ASN A 38 -2.55 7.54 -8.14
CA ASN A 38 -1.45 8.50 -8.18
C ASN A 38 -1.80 9.70 -7.30
N ASP A 39 -2.98 10.25 -7.53
CA ASP A 39 -3.44 11.40 -6.77
C ASP A 39 -3.13 11.18 -5.29
N ALA A 40 -2.70 12.26 -4.64
CA ALA A 40 -2.36 12.19 -3.23
C ALA A 40 -3.63 12.43 -2.40
N GLN A 41 -4.52 13.24 -2.95
CA GLN A 41 -5.77 13.54 -2.28
C GLN A 41 -6.61 12.27 -2.10
N ILE A 42 -6.27 11.26 -2.88
CA ILE A 42 -6.97 10.00 -2.83
C ILE A 42 -6.20 9.03 -1.94
N LEU A 43 -4.89 9.03 -2.11
CA LEU A 43 -4.03 8.15 -1.32
C LEU A 43 -4.10 8.56 0.15
N GLN A 44 -3.94 9.86 0.38
CA GLN A 44 -3.99 10.38 1.73
C GLN A 44 -5.36 10.13 2.36
N GLN A 45 -6.39 10.43 1.59
CA GLN A 45 -7.75 10.23 2.05
C GLN A 45 -7.93 8.81 2.60
N ALA A 46 -7.42 7.86 1.83
CA ALA A 46 -7.51 6.46 2.22
C ALA A 46 -6.78 6.26 3.56
N LEU A 47 -5.53 6.67 3.58
CA LEU A 47 -4.71 6.55 4.78
C LEU A 47 -5.46 7.17 5.96
N LYS A 48 -5.98 8.37 5.74
CA LYS A 48 -6.70 9.07 6.77
C LYS A 48 -7.86 8.20 7.26
N ASP A 49 -8.79 7.94 6.36
CA ASP A 49 -9.95 7.12 6.69
C ASP A 49 -9.48 5.87 7.44
N SER A 50 -8.48 5.20 6.87
CA SER A 50 -7.94 4.00 7.46
C SER A 50 -7.36 4.32 8.85
N ASN A 51 -6.89 5.55 9.00
CA ASN A 51 -6.32 5.99 10.25
C ASN A 51 -4.89 5.45 10.38
N GLY A 52 -4.41 4.87 9.29
CA GLY A 52 -3.07 4.31 9.25
C GLY A 52 -3.11 2.82 9.00
N ASN A 53 -4.07 2.41 8.17
CA ASN A 53 -4.22 1.00 7.82
C ASN A 53 -4.29 0.87 6.30
N LEU A 54 -3.22 0.32 5.75
CA LEU A 54 -3.15 0.12 4.30
C LEU A 54 -4.31 -0.78 3.86
N GLU A 55 -4.41 -1.92 4.52
CA GLU A 55 -5.46 -2.88 4.21
C GLU A 55 -6.80 -2.16 4.07
N LEU A 56 -6.95 -1.10 4.85
CA LEU A 56 -8.18 -0.32 4.82
C LEU A 56 -8.10 0.71 3.69
N ALA A 57 -6.90 1.25 3.50
CA ALA A 57 -6.67 2.24 2.48
C ALA A 57 -6.83 1.59 1.10
N VAL A 58 -6.47 0.32 1.03
CA VAL A 58 -6.56 -0.43 -0.21
C VAL A 58 -8.02 -0.79 -0.46
N ALA A 59 -8.68 -1.25 0.59
CA ALA A 59 -10.08 -1.64 0.50
C ALA A 59 -10.91 -0.42 0.05
N PHE A 60 -10.79 0.65 0.82
CA PHE A 60 -11.52 1.86 0.51
C PHE A 60 -11.32 2.27 -0.94
N LEU A 61 -10.24 1.77 -1.53
CA LEU A 61 -9.93 2.07 -2.91
C LEU A 61 -10.51 0.98 -3.81
N THR A 62 -10.08 -0.24 -3.56
CA THR A 62 -10.55 -1.37 -4.34
C THR A 62 -12.07 -1.49 -4.26
N ALA A 63 -12.62 -0.89 -3.20
CA ALA A 63 -14.06 -0.91 -3.00
C ALA A 63 -14.72 0.07 -3.97
N LYS A 64 -13.88 0.86 -4.63
CA LYS A 64 -14.37 1.84 -5.58
C LYS A 64 -13.87 1.47 -6.98
N ASN A 65 -12.56 1.37 -7.10
CA ASN A 65 -11.95 1.03 -8.37
C ASN A 65 -11.11 -0.23 -8.21
N ALA A 66 -11.55 -1.30 -8.86
CA ALA A 66 -10.85 -2.57 -8.80
C ALA A 66 -11.01 -3.31 -10.14
N LYS A 67 -10.11 -4.25 -10.36
CA LYS A 67 -10.14 -5.03 -11.59
C LYS A 67 -10.20 -6.52 -11.25
N THR A 68 -11.34 -7.12 -11.53
CA THR A 68 -11.54 -8.54 -11.25
C THR A 68 -11.32 -9.36 -12.52
N PRO A 69 -10.76 -10.57 -12.34
CA PRO A 69 -10.49 -11.46 -13.45
C PRO A 69 -11.79 -12.12 -13.95
N PRO A 70 -11.76 -12.55 -15.23
CA PRO A 70 -12.92 -13.18 -15.84
C PRO A 70 -13.09 -14.61 -15.33
N GLN A 71 -13.21 -14.73 -14.00
CA GLN A 71 -13.37 -16.03 -13.38
C GLN A 71 -13.71 -15.87 -11.90
N GLU A 72 -14.01 -16.99 -11.26
CA GLU A 72 -14.36 -16.98 -9.85
C GLU A 72 -13.10 -17.14 -9.00
N GLU A 73 -12.93 -16.21 -8.07
CA GLU A 73 -11.77 -16.24 -7.19
C GLU A 73 -11.95 -15.23 -6.04
N THR A 74 -12.08 -15.76 -4.85
CA THR A 74 -12.27 -14.92 -3.67
C THR A 74 -13.22 -13.77 -3.98
N SER A 75 -14.51 -14.03 -3.77
CA SER A 75 -15.53 -13.03 -4.03
C SER A 75 -16.39 -12.84 -2.79
N GLY A 76 -16.16 -11.72 -2.11
CA GLY A 76 -16.90 -11.40 -0.91
C GLY A 76 -17.83 -10.19 -1.13
N PRO A 77 -18.88 -10.12 -0.28
CA PRO A 77 -19.84 -9.02 -0.38
C PRO A 77 -19.25 -7.73 0.17
N SER A 78 -18.39 -7.12 -0.63
CA SER A 78 -17.76 -5.88 -0.25
C SER A 78 -18.33 -4.71 -1.06
N SER A 79 -18.13 -4.79 -2.37
CA SER A 79 -18.62 -3.76 -3.27
C SER A 79 -20.15 -3.76 -3.28
N GLY A 80 -20.71 -4.92 -3.59
CA GLY A 80 -22.15 -5.07 -3.65
C GLY A 80 -22.54 -6.36 -4.36
N GLY A 1 14.53 -3.20 -20.93
CA GLY A 1 13.25 -3.31 -20.26
C GLY A 1 13.21 -2.41 -19.01
N SER A 2 13.04 -3.06 -17.87
CA SER A 2 12.99 -2.34 -16.60
C SER A 2 14.12 -2.80 -15.69
N SER A 3 14.11 -4.10 -15.41
CA SER A 3 15.13 -4.69 -14.54
C SER A 3 15.18 -3.94 -13.21
N GLY A 4 14.63 -4.57 -12.19
CA GLY A 4 14.61 -3.98 -10.86
C GLY A 4 14.60 -5.06 -9.78
N SER A 5 13.91 -4.76 -8.69
CA SER A 5 13.82 -5.69 -7.58
C SER A 5 12.68 -6.68 -7.82
N SER A 6 12.74 -7.79 -7.09
CA SER A 6 11.72 -8.82 -7.22
C SER A 6 10.92 -8.93 -5.92
N GLY A 7 9.73 -8.34 -5.95
CA GLY A 7 8.87 -8.37 -4.78
C GLY A 7 9.63 -7.95 -3.52
N MET A 8 8.90 -7.96 -2.41
CA MET A 8 9.50 -7.59 -1.14
C MET A 8 10.73 -8.44 -0.82
N THR A 9 11.42 -8.08 0.24
CA THR A 9 12.61 -8.79 0.65
C THR A 9 12.53 -9.16 2.14
N VAL A 10 13.34 -10.13 2.52
CA VAL A 10 13.37 -10.59 3.90
C VAL A 10 14.82 -10.79 4.34
N GLU A 11 14.98 -11.34 5.53
CA GLU A 11 16.30 -11.58 6.07
C GLU A 11 17.04 -10.25 6.29
N GLN A 12 16.27 -9.18 6.26
CA GLN A 12 16.84 -7.85 6.45
C GLN A 12 15.72 -6.83 6.67
N ASN A 13 14.66 -6.97 5.86
CA ASN A 13 13.54 -6.07 5.95
C ASN A 13 12.63 -6.50 7.11
N VAL A 14 12.60 -7.80 7.35
CA VAL A 14 11.79 -8.35 8.42
C VAL A 14 11.93 -7.45 9.66
N LEU A 15 13.16 -7.02 9.90
CA LEU A 15 13.44 -6.17 11.05
C LEU A 15 12.94 -4.76 10.76
N GLN A 16 13.17 -4.32 9.53
CA GLN A 16 12.74 -2.99 9.12
C GLN A 16 11.23 -2.83 9.32
N GLN A 17 10.56 -3.97 9.44
CA GLN A 17 9.11 -3.97 9.62
C GLN A 17 8.71 -2.88 10.63
N SER A 18 7.51 -2.37 10.44
CA SER A 18 6.99 -1.34 11.32
C SER A 18 7.77 -0.04 11.11
N ALA A 19 9.05 -0.08 11.48
CA ALA A 19 9.90 1.09 11.33
C ALA A 19 9.66 1.72 9.97
N ALA A 20 9.47 0.86 8.97
CA ALA A 20 9.23 1.32 7.61
C ALA A 20 7.75 1.67 7.45
N GLN A 21 6.91 0.90 8.14
CA GLN A 21 5.48 1.12 8.08
C GLN A 21 5.14 2.53 8.55
N LYS A 22 5.80 2.95 9.62
CA LYS A 22 5.57 4.27 10.17
C LYS A 22 6.23 5.32 9.27
N HIS A 23 5.73 5.39 8.05
CA HIS A 23 6.26 6.35 7.09
C HIS A 23 5.17 6.73 6.09
N GLN A 24 4.49 7.82 6.40
CA GLN A 24 3.41 8.31 5.55
C GLN A 24 3.79 8.15 4.08
N GLN A 25 4.90 8.78 3.71
CA GLN A 25 5.38 8.71 2.34
C GLN A 25 5.37 7.27 1.85
N THR A 26 6.03 6.41 2.60
CA THR A 26 6.10 5.01 2.25
C THR A 26 4.69 4.44 2.03
N PHE A 27 3.77 4.90 2.85
CA PHE A 27 2.39 4.45 2.76
C PHE A 27 1.78 4.84 1.41
N LEU A 28 1.76 6.14 1.15
CA LEU A 28 1.20 6.64 -0.09
C LEU A 28 1.81 5.87 -1.26
N ASN A 29 3.14 5.83 -1.28
CA ASN A 29 3.86 5.14 -2.34
C ASN A 29 3.35 3.70 -2.42
N GLN A 30 3.05 3.13 -1.26
CA GLN A 30 2.56 1.77 -1.18
C GLN A 30 1.18 1.66 -1.84
N LEU A 31 0.30 2.56 -1.43
CA LEU A 31 -1.05 2.58 -1.97
C LEU A 31 -1.02 3.10 -3.41
N ARG A 32 0.10 3.72 -3.75
CA ARG A 32 0.28 4.26 -5.09
C ARG A 32 0.40 3.13 -6.11
N GLU A 33 1.19 2.13 -5.74
CA GLU A 33 1.40 0.98 -6.60
C GLU A 33 0.26 -0.03 -6.45
N ILE A 34 -0.06 -0.33 -5.20
CA ILE A 34 -1.13 -1.26 -4.89
C ILE A 34 -2.30 -1.02 -5.85
N THR A 35 -3.01 0.06 -5.59
CA THR A 35 -4.15 0.42 -6.40
C THR A 35 -3.69 1.10 -7.69
N GLY A 36 -2.41 1.43 -7.73
CA GLY A 36 -1.84 2.08 -8.90
C GLY A 36 -2.17 3.57 -8.92
N ILE A 37 -2.98 3.98 -7.95
CA ILE A 37 -3.39 5.37 -7.84
C ILE A 37 -2.14 6.26 -7.92
N ASN A 38 -2.39 7.54 -8.19
CA ASN A 38 -1.31 8.50 -8.30
C ASN A 38 -1.63 9.71 -7.42
N ASP A 39 -2.83 10.25 -7.60
CA ASP A 39 -3.26 11.40 -6.84
C ASP A 39 -2.99 11.15 -5.35
N ALA A 40 -2.62 12.22 -4.67
CA ALA A 40 -2.34 12.13 -3.24
C ALA A 40 -3.61 12.38 -2.45
N GLN A 41 -4.48 13.20 -3.03
CA GLN A 41 -5.75 13.54 -2.39
C GLN A 41 -6.61 12.28 -2.25
N ILE A 42 -6.27 11.27 -3.04
CA ILE A 42 -7.00 10.02 -3.00
C ILE A 42 -6.26 9.02 -2.10
N LEU A 43 -4.95 9.00 -2.25
CA LEU A 43 -4.12 8.10 -1.47
C LEU A 43 -4.22 8.49 0.01
N GLN A 44 -4.03 9.79 0.26
CA GLN A 44 -4.09 10.30 1.61
C GLN A 44 -5.48 10.08 2.21
N GLN A 45 -6.49 10.43 1.42
CA GLN A 45 -7.87 10.27 1.86
C GLN A 45 -8.10 8.84 2.39
N ALA A 46 -7.51 7.89 1.68
CA ALA A 46 -7.65 6.49 2.08
C ALA A 46 -6.91 6.26 3.40
N LEU A 47 -5.68 6.75 3.44
CA LEU A 47 -4.86 6.61 4.65
C LEU A 47 -5.59 7.22 5.84
N LYS A 48 -6.04 8.46 5.63
CA LYS A 48 -6.77 9.16 6.68
C LYS A 48 -7.83 8.23 7.28
N ASP A 49 -8.81 7.91 6.46
CA ASP A 49 -9.90 7.04 6.89
C ASP A 49 -9.32 5.85 7.64
N SER A 50 -8.55 5.04 6.91
CA SER A 50 -7.93 3.87 7.50
C SER A 50 -7.35 4.21 8.88
N ASN A 51 -6.88 5.44 8.99
CA ASN A 51 -6.31 5.90 10.24
C ASN A 51 -4.87 5.39 10.37
N GLY A 52 -4.38 4.84 9.26
CA GLY A 52 -3.03 4.30 9.23
C GLY A 52 -3.04 2.79 8.95
N ASN A 53 -4.02 2.38 8.16
CA ASN A 53 -4.16 0.98 7.82
C ASN A 53 -4.21 0.84 6.30
N LEU A 54 -3.12 0.32 5.74
CA LEU A 54 -3.02 0.13 4.30
C LEU A 54 -4.16 -0.78 3.84
N GLU A 55 -4.29 -1.91 4.53
CA GLU A 55 -5.32 -2.88 4.20
C GLU A 55 -6.67 -2.18 4.04
N LEU A 56 -6.86 -1.15 4.86
CA LEU A 56 -8.10 -0.39 4.83
C LEU A 56 -8.03 0.63 3.70
N ALA A 57 -6.85 1.18 3.51
CA ALA A 57 -6.63 2.17 2.47
C ALA A 57 -6.83 1.52 1.10
N VAL A 58 -6.50 0.24 1.03
CA VAL A 58 -6.64 -0.50 -0.21
C VAL A 58 -8.09 -0.96 -0.36
N ALA A 59 -8.65 -1.44 0.74
CA ALA A 59 -10.02 -1.91 0.74
C ALA A 59 -10.95 -0.77 0.29
N PHE A 60 -10.73 0.40 0.88
CA PHE A 60 -11.53 1.56 0.56
C PHE A 60 -11.35 1.95 -0.92
N LEU A 61 -10.11 1.86 -1.39
CA LEU A 61 -9.80 2.19 -2.76
C LEU A 61 -10.38 1.12 -3.68
N THR A 62 -10.11 -0.13 -3.32
CA THR A 62 -10.59 -1.25 -4.11
C THR A 62 -12.12 -1.23 -4.19
N ALA A 63 -12.73 -0.84 -3.08
CA ALA A 63 -14.18 -0.77 -3.02
C ALA A 63 -14.68 0.35 -3.93
N LYS A 64 -13.73 1.13 -4.42
CA LYS A 64 -14.06 2.24 -5.32
C LYS A 64 -13.60 1.90 -6.74
N ASN A 65 -12.29 1.81 -6.90
CA ASN A 65 -11.71 1.50 -8.19
C ASN A 65 -12.06 0.06 -8.57
N ALA A 66 -11.90 -0.82 -7.59
CA ALA A 66 -12.19 -2.23 -7.79
C ALA A 66 -11.39 -2.74 -8.99
N LYS A 67 -10.18 -3.19 -8.70
CA LYS A 67 -9.30 -3.72 -9.74
C LYS A 67 -8.89 -5.14 -9.39
N THR A 68 -8.59 -5.91 -10.43
CA THR A 68 -8.18 -7.29 -10.25
C THR A 68 -6.70 -7.37 -9.93
N PRO A 69 -6.35 -8.36 -9.06
CA PRO A 69 -4.96 -8.56 -8.67
C PRO A 69 -4.16 -9.21 -9.80
N PRO A 70 -2.81 -9.04 -9.71
CA PRO A 70 -1.92 -9.60 -10.71
C PRO A 70 -1.77 -11.12 -10.52
N GLN A 71 -2.92 -11.79 -10.53
CA GLN A 71 -2.93 -13.24 -10.36
C GLN A 71 -2.36 -13.62 -8.99
N GLU A 72 -2.95 -14.66 -8.42
CA GLU A 72 -2.52 -15.13 -7.11
C GLU A 72 -2.25 -16.64 -7.16
N GLU A 73 -1.26 -17.05 -6.38
CA GLU A 73 -0.88 -18.46 -6.33
C GLU A 73 -0.50 -18.84 -4.89
N THR A 74 -1.50 -18.95 -4.05
CA THR A 74 -1.28 -19.31 -2.65
C THR A 74 -2.61 -19.51 -1.93
N SER A 75 -3.31 -20.55 -2.36
CA SER A 75 -4.61 -20.87 -1.76
C SER A 75 -4.40 -21.53 -0.40
N GLY A 76 -3.71 -22.66 -0.42
CA GLY A 76 -3.44 -23.40 0.81
C GLY A 76 -4.65 -23.38 1.74
N PRO A 77 -5.74 -24.05 1.28
CA PRO A 77 -6.97 -24.11 2.06
C PRO A 77 -6.82 -25.09 3.22
N SER A 78 -7.40 -24.70 4.35
CA SER A 78 -7.35 -25.53 5.55
C SER A 78 -8.13 -24.86 6.68
N SER A 79 -9.44 -25.00 6.60
CA SER A 79 -10.33 -24.43 7.60
C SER A 79 -10.79 -25.51 8.57
N GLY A 80 -10.04 -25.67 9.65
CA GLY A 80 -10.37 -26.66 10.65
C GLY A 80 -10.40 -26.03 12.06
N GLY A 1 27.39 7.85 -12.18
CA GLY A 1 27.15 6.86 -11.13
C GLY A 1 26.73 7.54 -9.82
N SER A 2 25.63 8.28 -9.90
CA SER A 2 25.13 8.98 -8.74
C SER A 2 24.84 7.99 -7.61
N SER A 3 25.68 8.03 -6.59
CA SER A 3 25.53 7.15 -5.44
C SER A 3 26.54 7.52 -4.35
N GLY A 4 27.80 7.46 -4.73
CA GLY A 4 28.88 7.79 -3.79
C GLY A 4 29.01 6.71 -2.71
N SER A 5 30.10 6.80 -1.96
CA SER A 5 30.35 5.84 -0.90
C SER A 5 30.73 6.57 0.38
N SER A 6 30.62 5.85 1.49
CA SER A 6 30.94 6.42 2.79
C SER A 6 31.56 5.35 3.70
N GLY A 7 30.78 4.30 3.92
CA GLY A 7 31.24 3.21 4.77
C GLY A 7 30.05 2.38 5.27
N MET A 8 30.21 1.88 6.49
CA MET A 8 29.17 1.07 7.10
C MET A 8 29.22 1.17 8.64
N THR A 9 28.26 1.90 9.18
CA THR A 9 28.19 2.08 10.62
C THR A 9 26.77 1.85 11.12
N VAL A 10 26.65 1.59 12.41
CA VAL A 10 25.36 1.34 13.02
C VAL A 10 24.93 2.59 13.81
N GLU A 11 24.97 3.72 13.13
CA GLU A 11 24.58 4.98 13.75
C GLU A 11 23.56 5.71 12.87
N GLN A 12 23.10 5.02 11.84
CA GLN A 12 22.13 5.58 10.93
C GLN A 12 20.82 4.79 10.99
N ASN A 13 20.86 3.68 11.71
CA ASN A 13 19.70 2.83 11.86
C ASN A 13 18.86 3.32 13.04
N VAL A 14 19.57 3.73 14.08
CA VAL A 14 18.90 4.22 15.28
C VAL A 14 17.89 5.30 14.90
N LEU A 15 18.20 6.02 13.83
CA LEU A 15 17.32 7.06 13.35
C LEU A 15 16.09 6.43 12.70
N GLN A 16 16.34 5.68 11.64
CA GLN A 16 15.25 5.02 10.93
C GLN A 16 14.23 4.45 11.92
N GLN A 17 14.76 3.81 12.95
CA GLN A 17 13.91 3.22 13.97
C GLN A 17 12.73 4.14 14.29
N SER A 18 11.61 3.52 14.63
CA SER A 18 10.41 4.27 14.96
C SER A 18 9.88 4.98 13.71
N ALA A 19 10.63 5.97 13.26
CA ALA A 19 10.25 6.74 12.09
C ALA A 19 9.84 5.77 10.98
N ALA A 20 10.63 4.73 10.81
CA ALA A 20 10.38 3.73 9.79
C ALA A 20 9.02 3.08 10.06
N GLN A 21 8.75 2.83 11.34
CA GLN A 21 7.51 2.22 11.74
C GLN A 21 6.32 3.11 11.34
N LYS A 22 6.62 4.40 11.23
CA LYS A 22 5.59 5.36 10.86
C LYS A 22 6.12 6.26 9.75
N HIS A 23 5.93 5.81 8.51
CA HIS A 23 6.38 6.56 7.36
C HIS A 23 5.21 6.79 6.39
N GLN A 24 4.68 8.00 6.44
CA GLN A 24 3.56 8.36 5.58
C GLN A 24 3.94 8.16 4.11
N GLN A 25 4.96 8.89 3.69
CA GLN A 25 5.42 8.80 2.31
C GLN A 25 5.46 7.35 1.85
N THR A 26 6.05 6.52 2.69
CA THR A 26 6.16 5.09 2.38
C THR A 26 4.77 4.49 2.16
N PHE A 27 3.82 4.97 2.96
CA PHE A 27 2.45 4.48 2.85
C PHE A 27 1.84 4.84 1.49
N LEU A 28 1.80 6.14 1.21
CA LEU A 28 1.25 6.61 -0.05
C LEU A 28 1.89 5.84 -1.20
N ASN A 29 3.21 5.82 -1.20
CA ASN A 29 3.95 5.12 -2.24
C ASN A 29 3.44 3.68 -2.34
N GLN A 30 3.14 3.10 -1.18
CA GLN A 30 2.65 1.74 -1.13
C GLN A 30 1.26 1.65 -1.78
N LEU A 31 0.38 2.53 -1.35
CA LEU A 31 -0.97 2.56 -1.88
C LEU A 31 -0.94 3.11 -3.31
N ARG A 32 0.21 3.65 -3.68
CA ARG A 32 0.39 4.19 -5.01
C ARG A 32 0.46 3.07 -6.04
N GLU A 33 1.22 2.04 -5.70
CA GLU A 33 1.37 0.89 -6.58
C GLU A 33 0.21 -0.08 -6.41
N ILE A 34 -0.07 -0.41 -5.15
CA ILE A 34 -1.16 -1.33 -4.84
C ILE A 34 -2.35 -1.02 -5.75
N THR A 35 -3.01 0.08 -5.46
CA THR A 35 -4.16 0.49 -6.23
C THR A 35 -3.73 1.14 -7.55
N GLY A 36 -2.45 1.50 -7.60
CA GLY A 36 -1.89 2.13 -8.78
C GLY A 36 -2.18 3.63 -8.79
N ILE A 37 -3.04 4.05 -7.87
CA ILE A 37 -3.40 5.45 -7.77
C ILE A 37 -2.14 6.30 -7.74
N ASN A 38 -2.31 7.58 -8.06
CA ASN A 38 -1.20 8.51 -8.07
C ASN A 38 -1.54 9.73 -7.22
N ASP A 39 -2.71 10.30 -7.50
CA ASP A 39 -3.16 11.47 -6.77
C ASP A 39 -2.92 11.25 -5.27
N ALA A 40 -2.53 12.32 -4.60
CA ALA A 40 -2.26 12.27 -3.18
C ALA A 40 -3.56 12.53 -2.41
N GLN A 41 -4.46 13.26 -3.06
CA GLN A 41 -5.74 13.59 -2.45
C GLN A 41 -6.60 12.33 -2.31
N ILE A 42 -6.23 11.31 -3.07
CA ILE A 42 -6.95 10.05 -3.06
C ILE A 42 -6.22 9.07 -2.13
N LEU A 43 -4.91 9.04 -2.27
CA LEU A 43 -4.09 8.16 -1.45
C LEU A 43 -4.20 8.57 0.02
N GLN A 44 -4.08 9.87 0.23
CA GLN A 44 -4.17 10.41 1.59
C GLN A 44 -5.56 10.14 2.18
N GLN A 45 -6.57 10.50 1.40
CA GLN A 45 -7.94 10.31 1.84
C GLN A 45 -8.13 8.89 2.39
N ALA A 46 -7.60 7.93 1.66
CA ALA A 46 -7.71 6.53 2.07
C ALA A 46 -6.99 6.35 3.41
N LEU A 47 -5.72 6.72 3.42
CA LEU A 47 -4.92 6.59 4.62
C LEU A 47 -5.65 7.26 5.79
N LYS A 48 -6.06 8.49 5.56
CA LYS A 48 -6.78 9.25 6.57
C LYS A 48 -7.89 8.38 7.16
N ASP A 49 -8.72 7.85 6.28
CA ASP A 49 -9.81 7.00 6.70
C ASP A 49 -9.27 5.83 7.52
N SER A 50 -8.55 4.95 6.83
CA SER A 50 -7.96 3.79 7.48
C SER A 50 -7.42 4.18 8.86
N ASN A 51 -6.91 5.40 8.94
CA ASN A 51 -6.36 5.90 10.19
C ASN A 51 -4.93 5.39 10.35
N GLY A 52 -4.40 4.83 9.26
CA GLY A 52 -3.05 4.30 9.28
C GLY A 52 -3.06 2.79 9.00
N ASN A 53 -4.02 2.38 8.19
CA ASN A 53 -4.14 0.97 7.83
C ASN A 53 -4.19 0.84 6.31
N LEU A 54 -3.12 0.27 5.77
CA LEU A 54 -3.02 0.07 4.33
C LEU A 54 -4.17 -0.83 3.87
N GLU A 55 -4.26 -1.98 4.50
CA GLU A 55 -5.30 -2.94 4.17
C GLU A 55 -6.64 -2.24 4.00
N LEU A 56 -6.88 -1.26 4.87
CA LEU A 56 -8.12 -0.50 4.82
C LEU A 56 -8.03 0.53 3.71
N ALA A 57 -6.83 1.08 3.54
CA ALA A 57 -6.60 2.08 2.51
C ALA A 57 -6.80 1.44 1.13
N VAL A 58 -6.45 0.17 1.04
CA VAL A 58 -6.59 -0.57 -0.20
C VAL A 58 -8.04 -1.02 -0.37
N ALA A 59 -8.60 -1.51 0.73
CA ALA A 59 -9.97 -1.98 0.72
C ALA A 59 -10.90 -0.85 0.27
N PHE A 60 -10.66 0.32 0.86
CA PHE A 60 -11.47 1.49 0.53
C PHE A 60 -11.28 1.89 -0.93
N LEU A 61 -10.03 1.84 -1.37
CA LEU A 61 -9.71 2.19 -2.74
C LEU A 61 -10.26 1.13 -3.69
N THR A 62 -10.06 -0.12 -3.30
CA THR A 62 -10.54 -1.24 -4.10
C THR A 62 -12.07 -1.21 -4.20
N ALA A 63 -12.70 -0.91 -3.08
CA ALA A 63 -14.14 -0.84 -3.02
C ALA A 63 -14.61 0.56 -3.43
N LYS A 64 -14.05 1.02 -4.56
CA LYS A 64 -14.41 2.33 -5.07
C LYS A 64 -14.17 2.35 -6.58
N ASN A 65 -12.97 1.96 -6.97
CA ASN A 65 -12.60 1.93 -8.38
C ASN A 65 -12.21 0.51 -8.77
N ALA A 66 -13.18 -0.22 -9.29
CA ALA A 66 -12.96 -1.59 -9.71
C ALA A 66 -13.40 -1.75 -11.16
N LYS A 67 -12.94 -2.84 -11.77
CA LYS A 67 -13.29 -3.12 -13.15
C LYS A 67 -14.78 -3.42 -13.25
N THR A 68 -15.31 -3.23 -14.45
CA THR A 68 -16.72 -3.47 -14.70
C THR A 68 -16.96 -4.95 -15.07
N PRO A 69 -18.23 -5.38 -14.91
CA PRO A 69 -18.60 -6.75 -15.21
C PRO A 69 -18.67 -6.97 -16.73
N PRO A 70 -18.88 -8.26 -17.12
CA PRO A 70 -18.97 -8.62 -18.52
C PRO A 70 -20.31 -8.20 -19.11
N GLN A 71 -20.54 -6.88 -19.12
CA GLN A 71 -21.78 -6.35 -19.65
C GLN A 71 -21.49 -5.45 -20.85
N GLU A 72 -22.57 -5.06 -21.52
CA GLU A 72 -22.45 -4.20 -22.69
C GLU A 72 -22.13 -2.77 -22.27
N GLU A 73 -20.85 -2.41 -22.44
CA GLU A 73 -20.41 -1.07 -22.09
C GLU A 73 -19.06 -0.78 -22.75
N THR A 74 -18.63 0.47 -22.63
CA THR A 74 -17.37 0.89 -23.21
C THR A 74 -16.21 0.19 -22.52
N SER A 75 -15.10 0.10 -23.23
CA SER A 75 -13.90 -0.54 -22.70
C SER A 75 -12.65 0.09 -23.33
N GLY A 76 -11.58 0.06 -22.56
CA GLY A 76 -10.31 0.61 -23.02
C GLY A 76 -9.14 -0.30 -22.64
N PRO A 77 -8.88 -1.30 -23.52
CA PRO A 77 -7.80 -2.24 -23.29
C PRO A 77 -6.44 -1.59 -23.56
N SER A 78 -5.39 -2.37 -23.33
CA SER A 78 -4.04 -1.88 -23.56
C SER A 78 -3.02 -2.95 -23.17
N SER A 79 -2.04 -3.14 -24.03
CA SER A 79 -1.01 -4.14 -23.78
C SER A 79 0.18 -3.90 -24.72
N GLY A 80 1.37 -4.12 -24.18
CA GLY A 80 2.59 -3.94 -24.95
C GLY A 80 3.58 -5.07 -24.68
N GLY A 1 21.26 8.68 5.30
CA GLY A 1 21.29 7.23 5.21
C GLY A 1 21.48 6.78 3.74
N SER A 2 22.62 6.17 3.49
CA SER A 2 22.92 5.69 2.16
C SER A 2 22.38 4.27 1.97
N SER A 3 21.09 4.19 1.70
CA SER A 3 20.43 2.92 1.51
C SER A 3 20.18 2.69 0.01
N GLY A 4 20.16 1.42 -0.36
CA GLY A 4 19.93 1.05 -1.74
C GLY A 4 20.00 -0.47 -1.93
N SER A 5 18.98 -1.00 -2.59
CA SER A 5 18.92 -2.44 -2.84
C SER A 5 19.05 -2.71 -4.34
N SER A 6 19.70 -3.82 -4.65
CA SER A 6 19.91 -4.21 -6.03
C SER A 6 20.30 -5.69 -6.10
N GLY A 7 19.46 -6.46 -6.80
CA GLY A 7 19.71 -7.88 -6.95
C GLY A 7 19.15 -8.67 -5.76
N MET A 8 19.87 -9.73 -5.40
CA MET A 8 19.45 -10.56 -4.29
C MET A 8 19.94 -9.98 -2.95
N THR A 9 19.04 -9.25 -2.31
CA THR A 9 19.36 -8.64 -1.03
C THR A 9 18.17 -8.74 -0.07
N VAL A 10 18.45 -9.23 1.13
CA VAL A 10 17.41 -9.38 2.13
C VAL A 10 17.70 -8.43 3.29
N GLU A 11 18.89 -7.86 3.28
CA GLU A 11 19.29 -6.92 4.31
C GLU A 11 18.33 -5.73 4.37
N GLN A 12 18.52 -4.90 5.38
CA GLN A 12 17.68 -3.73 5.55
C GLN A 12 16.26 -4.14 5.94
N ASN A 13 15.61 -4.82 5.01
CA ASN A 13 14.24 -5.28 5.24
C ASN A 13 14.13 -5.80 6.68
N VAL A 14 15.24 -6.35 7.17
CA VAL A 14 15.26 -6.89 8.52
C VAL A 14 14.88 -5.78 9.51
N LEU A 15 15.61 -4.68 9.42
CA LEU A 15 15.35 -3.54 10.30
C LEU A 15 14.20 -2.72 9.74
N GLN A 16 14.30 -2.43 8.44
CA GLN A 16 13.26 -1.65 7.78
C GLN A 16 11.88 -2.04 8.29
N GLN A 17 11.71 -3.34 8.50
CA GLN A 17 10.45 -3.86 8.98
C GLN A 17 9.91 -2.99 10.11
N SER A 18 8.62 -2.66 10.02
CA SER A 18 7.99 -1.84 11.03
C SER A 18 8.43 -0.38 10.87
N ALA A 19 9.72 -0.17 11.07
CA ALA A 19 10.29 1.17 10.95
C ALA A 19 9.82 1.80 9.64
N ALA A 20 9.63 0.95 8.65
CA ALA A 20 9.19 1.41 7.34
C ALA A 20 7.67 1.61 7.35
N GLN A 21 7.02 0.80 8.17
CA GLN A 21 5.56 0.88 8.30
C GLN A 21 5.14 2.28 8.75
N LYS A 22 5.94 2.83 9.66
CA LYS A 22 5.67 4.17 10.17
C LYS A 22 6.34 5.21 9.28
N HIS A 23 5.73 5.44 8.13
CA HIS A 23 6.26 6.40 7.18
C HIS A 23 5.16 6.80 6.19
N GLN A 24 4.48 7.89 6.50
CA GLN A 24 3.41 8.37 5.65
C GLN A 24 3.79 8.21 4.17
N GLN A 25 4.88 8.86 3.80
CA GLN A 25 5.36 8.79 2.43
C GLN A 25 5.36 7.35 1.94
N THR A 26 6.04 6.50 2.69
CA THR A 26 6.11 5.09 2.33
C THR A 26 4.71 4.52 2.09
N PHE A 27 3.78 4.95 2.93
CA PHE A 27 2.41 4.49 2.82
C PHE A 27 1.80 4.90 1.48
N LEU A 28 1.78 6.21 1.25
CA LEU A 28 1.22 6.74 0.01
C LEU A 28 1.83 5.99 -1.18
N ASN A 29 3.15 5.91 -1.17
CA ASN A 29 3.85 5.22 -2.24
C ASN A 29 3.36 3.77 -2.33
N GLN A 30 3.06 3.21 -1.16
CA GLN A 30 2.58 1.84 -1.09
C GLN A 30 1.21 1.73 -1.77
N LEU A 31 0.32 2.62 -1.37
CA LEU A 31 -1.03 2.64 -1.93
C LEU A 31 -0.97 3.15 -3.37
N ARG A 32 0.16 3.75 -3.70
CA ARG A 32 0.35 4.29 -5.04
C ARG A 32 0.50 3.15 -6.06
N GLU A 33 1.25 2.14 -5.66
CA GLU A 33 1.48 0.99 -6.52
C GLU A 33 0.34 -0.02 -6.38
N ILE A 34 0.02 -0.33 -5.13
CA ILE A 34 -1.05 -1.28 -4.86
C ILE A 34 -2.24 -0.97 -5.77
N THR A 35 -2.94 0.10 -5.44
CA THR A 35 -4.09 0.51 -6.22
C THR A 35 -3.65 1.13 -7.55
N GLY A 36 -2.38 1.51 -7.61
CA GLY A 36 -1.83 2.10 -8.80
C GLY A 36 -2.14 3.60 -8.87
N ILE A 37 -3.01 4.02 -7.95
CA ILE A 37 -3.40 5.43 -7.90
C ILE A 37 -2.15 6.30 -7.92
N ASN A 38 -2.36 7.56 -8.28
CA ASN A 38 -1.25 8.51 -8.34
C ASN A 38 -1.56 9.71 -7.44
N ASP A 39 -2.75 10.27 -7.67
CA ASP A 39 -3.18 11.42 -6.89
C ASP A 39 -2.84 11.20 -5.41
N ALA A 40 -2.48 12.29 -4.76
CA ALA A 40 -2.12 12.23 -3.34
C ALA A 40 -3.37 12.50 -2.50
N GLN A 41 -4.33 13.17 -3.12
CA GLN A 41 -5.57 13.49 -2.43
C GLN A 41 -6.43 12.23 -2.28
N ILE A 42 -6.09 11.22 -3.04
CA ILE A 42 -6.82 9.96 -3.00
C ILE A 42 -6.09 8.98 -2.08
N LEU A 43 -4.76 8.98 -2.20
CA LEU A 43 -3.94 8.10 -1.40
C LEU A 43 -4.08 8.49 0.07
N GLN A 44 -3.94 9.77 0.33
CA GLN A 44 -4.05 10.28 1.69
C GLN A 44 -5.45 9.99 2.26
N GLN A 45 -6.45 10.36 1.47
CA GLN A 45 -7.83 10.15 1.89
C GLN A 45 -8.02 8.73 2.40
N ALA A 46 -7.44 7.78 1.66
CA ALA A 46 -7.53 6.38 2.03
C ALA A 46 -6.82 6.16 3.36
N LEU A 47 -5.61 6.69 3.46
CA LEU A 47 -4.82 6.57 4.67
C LEU A 47 -5.59 7.18 5.84
N LYS A 48 -6.00 8.42 5.67
CA LYS A 48 -6.74 9.12 6.70
C LYS A 48 -7.89 8.25 7.18
N ASP A 49 -8.75 7.88 6.24
CA ASP A 49 -9.90 7.04 6.55
C ASP A 49 -9.42 5.80 7.32
N SER A 50 -8.46 5.11 6.73
CA SER A 50 -7.91 3.93 7.35
C SER A 50 -7.36 4.26 8.74
N ASN A 51 -6.91 5.49 8.89
CA ASN A 51 -6.37 5.95 10.15
C ASN A 51 -4.94 5.41 10.31
N GLY A 52 -4.45 4.81 9.24
CA GLY A 52 -3.10 4.25 9.24
C GLY A 52 -3.14 2.74 8.99
N ASN A 53 -4.07 2.34 8.15
CA ASN A 53 -4.22 0.93 7.81
C ASN A 53 -4.26 0.78 6.28
N LEU A 54 -3.14 0.32 5.74
CA LEU A 54 -3.04 0.13 4.29
C LEU A 54 -4.18 -0.78 3.83
N GLU A 55 -4.30 -1.92 4.47
CA GLU A 55 -5.34 -2.87 4.13
C GLU A 55 -6.69 -2.16 3.97
N LEU A 56 -6.87 -1.14 4.78
CA LEU A 56 -8.10 -0.36 4.74
C LEU A 56 -8.00 0.69 3.62
N ALA A 57 -6.80 1.21 3.45
CA ALA A 57 -6.56 2.22 2.43
C ALA A 57 -6.75 1.59 1.05
N VAL A 58 -6.48 0.29 0.99
CA VAL A 58 -6.63 -0.44 -0.26
C VAL A 58 -8.08 -0.87 -0.44
N ALA A 59 -8.65 -1.40 0.64
CA ALA A 59 -10.03 -1.85 0.61
C ALA A 59 -10.93 -0.68 0.17
N PHE A 60 -10.67 0.47 0.75
CA PHE A 60 -11.45 1.66 0.44
C PHE A 60 -11.26 2.06 -1.03
N LEU A 61 -10.10 1.71 -1.56
CA LEU A 61 -9.79 2.02 -2.95
C LEU A 61 -10.37 0.93 -3.86
N THR A 62 -10.16 -0.31 -3.45
CA THR A 62 -10.65 -1.44 -4.22
C THR A 62 -12.18 -1.52 -4.12
N ALA A 63 -12.69 -1.03 -3.00
CA ALA A 63 -14.13 -1.04 -2.77
C ALA A 63 -14.73 0.28 -3.25
N LYS A 64 -14.15 0.79 -4.33
CA LYS A 64 -14.62 2.05 -4.90
C LYS A 64 -14.40 2.03 -6.41
N ASN A 65 -13.14 1.95 -6.80
CA ASN A 65 -12.80 1.91 -8.21
C ASN A 65 -12.72 0.46 -8.68
N ALA A 66 -11.90 -0.31 -7.98
CA ALA A 66 -11.71 -1.72 -8.30
C ALA A 66 -11.10 -1.84 -9.71
N LYS A 67 -9.84 -2.23 -9.73
CA LYS A 67 -9.13 -2.38 -10.98
C LYS A 67 -8.80 -3.86 -11.20
N THR A 68 -8.68 -4.23 -12.46
CA THR A 68 -8.36 -5.61 -12.81
C THR A 68 -6.88 -5.74 -13.19
N PRO A 69 -6.12 -6.40 -12.28
CA PRO A 69 -4.69 -6.60 -12.50
C PRO A 69 -4.45 -7.69 -13.54
N PRO A 70 -3.26 -7.61 -14.18
CA PRO A 70 -2.89 -8.56 -15.21
C PRO A 70 -2.50 -9.91 -14.58
N GLN A 71 -3.42 -10.46 -13.80
CA GLN A 71 -3.19 -11.73 -13.15
C GLN A 71 -4.46 -12.20 -12.44
N GLU A 72 -4.58 -13.51 -12.33
CA GLU A 72 -5.74 -14.10 -11.67
C GLU A 72 -5.30 -15.17 -10.67
N GLU A 73 -5.68 -14.95 -9.41
CA GLU A 73 -5.32 -15.88 -8.35
C GLU A 73 -6.58 -16.27 -7.57
N THR A 74 -6.55 -17.49 -7.05
CA THR A 74 -7.67 -18.01 -6.28
C THR A 74 -7.18 -18.57 -4.94
N SER A 75 -8.13 -19.02 -4.15
CA SER A 75 -7.82 -19.59 -2.85
C SER A 75 -8.86 -20.64 -2.47
N GLY A 76 -10.09 -20.19 -2.34
CA GLY A 76 -11.18 -21.09 -1.99
C GLY A 76 -11.28 -22.26 -2.97
N PRO A 77 -11.97 -23.34 -2.52
CA PRO A 77 -12.14 -24.52 -3.35
C PRO A 77 -13.16 -24.28 -4.45
N SER A 78 -14.30 -23.73 -4.07
CA SER A 78 -15.36 -23.44 -5.02
C SER A 78 -15.84 -24.74 -5.67
N SER A 79 -17.16 -24.92 -5.66
CA SER A 79 -17.75 -26.10 -6.25
C SER A 79 -17.35 -26.21 -7.72
N GLY A 80 -17.68 -25.18 -8.47
CA GLY A 80 -17.37 -25.15 -9.89
C GLY A 80 -15.99 -24.51 -10.13
N GLY A 1 20.79 3.03 -11.08
CA GLY A 1 20.41 1.94 -11.96
C GLY A 1 20.46 0.60 -11.22
N SER A 2 21.65 0.01 -11.25
CA SER A 2 21.85 -1.28 -10.58
C SER A 2 20.97 -2.34 -11.23
N SER A 3 21.56 -3.51 -11.45
CA SER A 3 20.84 -4.61 -12.05
C SER A 3 20.42 -5.62 -10.99
N GLY A 4 21.41 -6.13 -10.27
CA GLY A 4 21.14 -7.10 -9.22
C GLY A 4 21.99 -8.36 -9.41
N SER A 5 22.44 -8.92 -8.29
CA SER A 5 23.25 -10.11 -8.32
C SER A 5 22.57 -11.23 -7.52
N SER A 6 22.91 -12.46 -7.87
CA SER A 6 22.35 -13.61 -7.19
C SER A 6 22.88 -13.69 -5.76
N GLY A 7 22.27 -14.59 -4.99
CA GLY A 7 22.66 -14.76 -3.61
C GLY A 7 22.23 -13.58 -2.75
N MET A 8 23.19 -12.98 -2.08
CA MET A 8 22.91 -11.83 -1.23
C MET A 8 22.03 -12.24 -0.04
N THR A 9 22.45 -11.82 1.14
CA THR A 9 21.70 -12.14 2.35
C THR A 9 20.56 -11.13 2.54
N VAL A 10 19.52 -11.59 3.22
CA VAL A 10 18.36 -10.75 3.47
C VAL A 10 18.53 -10.06 4.83
N GLU A 11 19.77 -9.99 5.26
CA GLU A 11 20.08 -9.36 6.54
C GLU A 11 20.16 -7.83 6.37
N GLN A 12 19.89 -7.39 5.15
CA GLN A 12 19.94 -5.98 4.85
C GLN A 12 18.65 -5.55 4.14
N ASN A 13 17.53 -5.86 4.78
CA ASN A 13 16.23 -5.51 4.22
C ASN A 13 15.17 -5.59 5.32
N VAL A 14 15.25 -6.66 6.11
CA VAL A 14 14.32 -6.86 7.19
C VAL A 14 14.23 -5.58 8.04
N LEU A 15 15.39 -4.96 8.22
CA LEU A 15 15.46 -3.73 9.00
C LEU A 15 14.29 -2.82 8.62
N GLN A 16 14.13 -2.63 7.32
CA GLN A 16 13.06 -1.78 6.81
C GLN A 16 11.76 -2.06 7.57
N GLN A 17 11.57 -3.33 7.90
CA GLN A 17 10.38 -3.74 8.63
C GLN A 17 10.08 -2.76 9.76
N SER A 18 8.79 -2.47 9.94
CA SER A 18 8.37 -1.55 10.98
C SER A 18 8.74 -0.12 10.59
N ALA A 19 10.02 0.16 10.60
CA ALA A 19 10.51 1.48 10.26
C ALA A 19 9.79 1.98 9.01
N ALA A 20 9.63 1.07 8.06
CA ALA A 20 8.95 1.40 6.82
C ALA A 20 7.46 1.60 7.08
N GLN A 21 6.93 0.76 7.97
CA GLN A 21 5.52 0.84 8.32
C GLN A 21 5.17 2.25 8.80
N LYS A 22 6.06 2.82 9.59
CA LYS A 22 5.85 4.15 10.11
C LYS A 22 6.53 5.17 9.18
N HIS A 23 5.88 5.40 8.04
CA HIS A 23 6.40 6.34 7.06
C HIS A 23 5.29 6.74 6.09
N GLN A 24 4.64 7.84 6.41
CA GLN A 24 3.56 8.34 5.57
C GLN A 24 3.92 8.19 4.09
N GLN A 25 5.02 8.81 3.71
CA GLN A 25 5.48 8.75 2.35
C GLN A 25 5.46 7.32 1.84
N THR A 26 6.13 6.44 2.57
CA THR A 26 6.19 5.03 2.22
C THR A 26 4.78 4.48 2.02
N PHE A 27 3.87 4.95 2.86
CA PHE A 27 2.50 4.50 2.80
C PHE A 27 1.84 4.91 1.48
N LEU A 28 1.82 6.22 1.25
CA LEU A 28 1.24 6.75 0.03
C LEU A 28 1.79 5.99 -1.18
N ASN A 29 3.11 5.90 -1.22
CA ASN A 29 3.78 5.20 -2.30
C ASN A 29 3.27 3.76 -2.38
N GLN A 30 3.03 3.20 -1.20
CA GLN A 30 2.53 1.84 -1.12
C GLN A 30 1.14 1.73 -1.76
N LEU A 31 0.26 2.62 -1.32
CA LEU A 31 -1.10 2.63 -1.84
C LEU A 31 -1.09 3.15 -3.28
N ARG A 32 0.06 3.68 -3.67
CA ARG A 32 0.22 4.22 -5.01
C ARG A 32 0.37 3.08 -6.02
N GLU A 33 1.19 2.10 -5.65
CA GLU A 33 1.44 0.96 -6.51
C GLU A 33 0.31 -0.07 -6.37
N ILE A 34 0.00 -0.39 -5.11
CA ILE A 34 -1.05 -1.35 -4.82
C ILE A 34 -2.22 -1.12 -5.78
N THR A 35 -2.96 -0.05 -5.52
CA THR A 35 -4.10 0.29 -6.35
C THR A 35 -3.64 0.95 -7.65
N GLY A 36 -2.38 1.35 -7.66
CA GLY A 36 -1.81 2.00 -8.83
C GLY A 36 -2.12 3.50 -8.83
N ILE A 37 -3.03 3.88 -7.95
CA ILE A 37 -3.42 5.28 -7.85
C ILE A 37 -2.18 6.16 -7.88
N ASN A 38 -2.39 7.44 -8.13
CA ASN A 38 -1.29 8.39 -8.18
C ASN A 38 -1.65 9.61 -7.32
N ASP A 39 -2.82 10.16 -7.59
CA ASP A 39 -3.29 11.32 -6.85
C ASP A 39 -2.92 11.17 -5.38
N ALA A 40 -2.66 12.31 -4.74
CA ALA A 40 -2.30 12.31 -3.33
C ALA A 40 -3.56 12.56 -2.49
N GLN A 41 -4.54 13.21 -3.12
CA GLN A 41 -5.79 13.51 -2.44
C GLN A 41 -6.62 12.24 -2.26
N ILE A 42 -6.24 11.21 -3.01
CA ILE A 42 -6.94 9.94 -2.95
C ILE A 42 -6.18 8.99 -2.00
N LEU A 43 -4.86 8.99 -2.16
CA LEU A 43 -4.03 8.13 -1.33
C LEU A 43 -4.16 8.56 0.13
N GLN A 44 -4.01 9.86 0.35
CA GLN A 44 -4.11 10.41 1.69
C GLN A 44 -5.49 10.11 2.29
N GLN A 45 -6.52 10.47 1.53
CA GLN A 45 -7.88 10.24 1.97
C GLN A 45 -8.03 8.82 2.52
N ALA A 46 -7.49 7.87 1.79
CA ALA A 46 -7.55 6.48 2.18
C ALA A 46 -6.84 6.30 3.52
N LEU A 47 -5.57 6.69 3.53
CA LEU A 47 -4.76 6.58 4.74
C LEU A 47 -5.51 7.24 5.91
N LYS A 48 -5.90 8.49 5.68
CA LYS A 48 -6.62 9.24 6.69
C LYS A 48 -7.75 8.37 7.27
N ASP A 49 -8.63 7.94 6.37
CA ASP A 49 -9.75 7.11 6.77
C ASP A 49 -9.23 5.92 7.58
N SER A 50 -8.45 5.08 6.91
CA SER A 50 -7.88 3.90 7.55
C SER A 50 -7.32 4.28 8.92
N ASN A 51 -6.89 5.52 9.02
CA ASN A 51 -6.32 6.02 10.27
C ASN A 51 -4.89 5.48 10.42
N GLY A 52 -4.39 4.90 9.34
CA GLY A 52 -3.05 4.35 9.34
C GLY A 52 -3.08 2.84 9.06
N ASN A 53 -4.01 2.45 8.19
CA ASN A 53 -4.15 1.05 7.84
C ASN A 53 -4.20 0.92 6.31
N LEU A 54 -3.18 0.28 5.77
CA LEU A 54 -3.09 0.09 4.33
C LEU A 54 -4.24 -0.81 3.87
N GLU A 55 -4.35 -1.95 4.53
CA GLU A 55 -5.40 -2.90 4.21
C GLU A 55 -6.74 -2.18 4.04
N LEU A 56 -6.94 -1.17 4.88
CA LEU A 56 -8.17 -0.40 4.84
C LEU A 56 -8.07 0.64 3.72
N ALA A 57 -6.87 1.17 3.55
CA ALA A 57 -6.63 2.18 2.53
C ALA A 57 -6.82 1.54 1.15
N VAL A 58 -6.47 0.27 1.07
CA VAL A 58 -6.59 -0.46 -0.18
C VAL A 58 -8.06 -0.84 -0.41
N ALA A 59 -8.68 -1.35 0.66
CA ALA A 59 -10.07 -1.75 0.59
C ALA A 59 -10.91 -0.55 0.15
N PHE A 60 -10.73 0.56 0.86
CA PHE A 60 -11.48 1.77 0.55
C PHE A 60 -11.28 2.18 -0.91
N LEU A 61 -10.17 1.72 -1.47
CA LEU A 61 -9.84 2.04 -2.86
C LEU A 61 -10.42 0.95 -3.76
N THR A 62 -10.04 -0.28 -3.48
CA THR A 62 -10.51 -1.41 -4.27
C THR A 62 -12.04 -1.49 -4.22
N ALA A 63 -12.60 -0.91 -3.17
CA ALA A 63 -14.04 -0.91 -3.01
C ALA A 63 -14.62 0.38 -3.60
N LYS A 64 -13.97 0.84 -4.67
CA LYS A 64 -14.42 2.06 -5.33
C LYS A 64 -14.20 1.92 -6.84
N ASN A 65 -12.93 1.78 -7.22
CA ASN A 65 -12.59 1.64 -8.62
C ASN A 65 -12.25 0.18 -8.91
N ALA A 66 -11.42 -0.39 -8.05
CA ALA A 66 -11.01 -1.77 -8.20
C ALA A 66 -10.35 -1.96 -9.57
N LYS A 67 -9.04 -2.16 -9.53
CA LYS A 67 -8.28 -2.36 -10.76
C LYS A 67 -7.55 -3.70 -10.69
N THR A 68 -7.44 -4.34 -11.85
CA THR A 68 -6.77 -5.62 -11.93
C THR A 68 -5.30 -5.44 -12.35
N PRO A 69 -4.39 -5.71 -11.39
CA PRO A 69 -2.97 -5.57 -11.65
C PRO A 69 -2.45 -6.73 -12.52
N PRO A 70 -1.21 -6.55 -13.02
CA PRO A 70 -0.59 -7.57 -13.86
C PRO A 70 -0.12 -8.76 -13.03
N GLN A 71 -1.08 -9.34 -12.31
CA GLN A 71 -0.78 -10.50 -11.47
C GLN A 71 -2.04 -10.97 -10.76
N GLU A 72 -1.89 -12.04 -9.99
CA GLU A 72 -3.01 -12.60 -9.25
C GLU A 72 -2.66 -12.72 -7.77
N GLU A 73 -3.62 -12.39 -6.93
CA GLU A 73 -3.44 -12.45 -5.49
C GLU A 73 -4.76 -12.21 -4.77
N THR A 74 -4.70 -12.31 -3.45
CA THR A 74 -5.88 -12.11 -2.63
C THR A 74 -5.56 -11.21 -1.43
N SER A 75 -6.40 -10.21 -1.24
CA SER A 75 -6.21 -9.27 -0.14
C SER A 75 -7.55 -9.02 0.56
N GLY A 76 -7.46 -8.81 1.86
CA GLY A 76 -8.65 -8.55 2.66
C GLY A 76 -8.50 -9.14 4.07
N PRO A 77 -8.73 -8.26 5.09
CA PRO A 77 -8.62 -8.68 6.48
C PRO A 77 -9.83 -9.52 6.88
N SER A 78 -9.74 -10.08 8.08
CA SER A 78 -10.80 -10.90 8.61
C SER A 78 -11.68 -10.09 9.57
N SER A 79 -12.92 -10.53 9.70
CA SER A 79 -13.87 -9.86 10.58
C SER A 79 -15.20 -10.58 10.57
N GLY A 80 -15.77 -10.68 9.37
CA GLY A 80 -17.06 -11.35 9.20
C GLY A 80 -16.88 -12.86 9.09
N GLY A 1 4.05 14.20 -16.75
CA GLY A 1 3.99 13.30 -17.88
C GLY A 1 3.94 11.84 -17.40
N SER A 2 5.10 11.35 -16.99
CA SER A 2 5.21 9.99 -16.51
C SER A 2 6.58 9.76 -15.87
N SER A 3 6.56 9.14 -14.70
CA SER A 3 7.79 8.85 -13.98
C SER A 3 7.76 7.44 -13.41
N GLY A 4 8.93 6.85 -13.28
CA GLY A 4 9.05 5.50 -12.76
C GLY A 4 10.51 5.07 -12.66
N SER A 5 10.81 4.35 -11.58
CA SER A 5 12.16 3.88 -11.36
C SER A 5 12.21 2.35 -11.48
N SER A 6 13.41 1.85 -11.75
CA SER A 6 13.60 0.42 -11.90
C SER A 6 14.37 -0.13 -10.70
N GLY A 7 14.28 -1.44 -10.53
CA GLY A 7 14.95 -2.10 -9.43
C GLY A 7 13.95 -2.58 -8.37
N MET A 8 13.71 -1.72 -7.40
CA MET A 8 12.78 -2.04 -6.33
C MET A 8 13.24 -3.26 -5.55
N THR A 9 13.60 -3.03 -4.30
CA THR A 9 14.06 -4.10 -3.44
C THR A 9 13.17 -4.22 -2.20
N VAL A 10 12.79 -5.46 -1.90
CA VAL A 10 11.94 -5.72 -0.76
C VAL A 10 12.73 -6.50 0.30
N GLU A 11 13.89 -7.00 -0.12
CA GLU A 11 14.74 -7.76 0.77
C GLU A 11 15.55 -6.82 1.65
N GLN A 12 14.93 -6.38 2.73
CA GLN A 12 15.58 -5.48 3.67
C GLN A 12 14.55 -4.82 4.58
N ASN A 13 13.47 -4.36 3.95
CA ASN A 13 12.41 -3.69 4.70
C ASN A 13 11.88 -4.63 5.78
N VAL A 14 11.84 -5.91 5.43
CA VAL A 14 11.37 -6.92 6.37
C VAL A 14 12.02 -6.69 7.74
N LEU A 15 13.33 -6.51 7.71
CA LEU A 15 14.07 -6.27 8.94
C LEU A 15 13.57 -4.99 9.60
N GLN A 16 13.19 -4.03 8.77
CA GLN A 16 12.69 -2.77 9.26
C GLN A 16 11.16 -2.82 9.41
N GLN A 17 10.68 -4.00 9.77
CA GLN A 17 9.26 -4.20 9.96
C GLN A 17 8.71 -3.18 10.95
N SER A 18 7.48 -2.74 10.69
CA SER A 18 6.83 -1.76 11.54
C SER A 18 7.54 -0.41 11.43
N ALA A 19 8.77 -0.38 11.91
CA ALA A 19 9.56 0.84 11.88
C ALA A 19 9.34 1.54 10.53
N ALA A 20 9.25 0.73 9.49
CA ALA A 20 9.04 1.25 8.14
C ALA A 20 7.56 1.58 7.95
N GLN A 21 6.73 0.66 8.42
CA GLN A 21 5.29 0.84 8.31
C GLN A 21 4.88 2.24 8.77
N LYS A 22 5.73 2.81 9.62
CA LYS A 22 5.47 4.14 10.14
C LYS A 22 6.18 5.17 9.27
N HIS A 23 5.64 5.35 8.07
CA HIS A 23 6.21 6.29 7.12
C HIS A 23 5.14 6.71 6.11
N GLN A 24 4.47 7.81 6.41
CA GLN A 24 3.43 8.32 5.55
C GLN A 24 3.82 8.15 4.08
N GLN A 25 4.95 8.78 3.73
CA GLN A 25 5.45 8.70 2.37
C GLN A 25 5.42 7.27 1.87
N THR A 26 6.05 6.39 2.64
CA THR A 26 6.10 4.98 2.29
C THR A 26 4.69 4.42 2.08
N PHE A 27 3.77 4.92 2.89
CA PHE A 27 2.39 4.48 2.80
C PHE A 27 1.77 4.88 1.47
N LEU A 28 1.78 6.18 1.21
CA LEU A 28 1.22 6.71 -0.03
C LEU A 28 1.82 5.95 -1.21
N ASN A 29 3.15 5.88 -1.22
CA ASN A 29 3.86 5.20 -2.28
C ASN A 29 3.36 3.75 -2.37
N GLN A 30 3.06 3.19 -1.21
CA GLN A 30 2.58 1.82 -1.14
C GLN A 30 1.20 1.71 -1.80
N LEU A 31 0.32 2.62 -1.39
CA LEU A 31 -1.03 2.64 -1.93
C LEU A 31 -0.99 3.16 -3.36
N ARG A 32 0.14 3.73 -3.73
CA ARG A 32 0.32 4.26 -5.06
C ARG A 32 0.45 3.13 -6.08
N GLU A 33 1.23 2.13 -5.70
CA GLU A 33 1.45 0.98 -6.56
C GLU A 33 0.30 -0.01 -6.42
N ILE A 34 0.00 -0.34 -5.17
CA ILE A 34 -1.08 -1.28 -4.88
C ILE A 34 -2.25 -1.02 -5.83
N THR A 35 -2.97 0.06 -5.56
CA THR A 35 -4.11 0.44 -6.36
C THR A 35 -3.64 1.10 -7.66
N GLY A 36 -2.36 1.40 -7.71
CA GLY A 36 -1.78 2.04 -8.88
C GLY A 36 -2.13 3.53 -8.93
N ILE A 37 -2.92 3.95 -7.94
CA ILE A 37 -3.34 5.33 -7.87
C ILE A 37 -2.11 6.24 -7.92
N ASN A 38 -2.36 7.52 -8.19
CA ASN A 38 -1.28 8.49 -8.26
C ASN A 38 -1.63 9.70 -7.39
N ASP A 39 -2.84 10.21 -7.60
CA ASP A 39 -3.30 11.36 -6.85
C ASP A 39 -2.95 11.17 -5.37
N ALA A 40 -2.58 12.27 -4.74
CA ALA A 40 -2.21 12.25 -3.33
C ALA A 40 -3.45 12.52 -2.48
N GLN A 41 -4.41 13.18 -3.10
CA GLN A 41 -5.66 13.52 -2.41
C GLN A 41 -6.51 12.26 -2.22
N ILE A 42 -6.18 11.23 -2.99
CA ILE A 42 -6.89 9.98 -2.90
C ILE A 42 -6.15 9.02 -1.97
N LEU A 43 -4.84 8.99 -2.14
CA LEU A 43 -4.00 8.12 -1.32
C LEU A 43 -4.16 8.51 0.14
N GLN A 44 -4.00 9.79 0.40
CA GLN A 44 -4.13 10.30 1.77
C GLN A 44 -5.52 9.98 2.32
N GLN A 45 -6.53 10.35 1.56
CA GLN A 45 -7.90 10.11 1.95
C GLN A 45 -8.06 8.67 2.46
N ALA A 46 -7.46 7.75 1.72
CA ALA A 46 -7.54 6.34 2.07
C ALA A 46 -6.81 6.12 3.40
N LEU A 47 -5.64 6.74 3.50
CA LEU A 47 -4.83 6.62 4.70
C LEU A 47 -5.59 7.22 5.89
N LYS A 48 -6.00 8.47 5.70
CA LYS A 48 -6.73 9.17 6.74
C LYS A 48 -7.87 8.29 7.25
N ASP A 49 -8.74 7.92 6.32
CA ASP A 49 -9.88 7.07 6.66
C ASP A 49 -9.39 5.84 7.43
N SER A 50 -8.44 5.15 6.82
CA SER A 50 -7.87 3.96 7.43
C SER A 50 -7.32 4.29 8.82
N ASN A 51 -6.86 5.53 8.95
CA ASN A 51 -6.31 5.99 10.21
C ASN A 51 -4.87 5.45 10.36
N GLY A 52 -4.40 4.84 9.28
CA GLY A 52 -3.05 4.29 9.27
C GLY A 52 -3.08 2.78 9.03
N ASN A 53 -4.03 2.38 8.19
CA ASN A 53 -4.18 0.96 7.85
C ASN A 53 -4.24 0.81 6.34
N LEU A 54 -3.12 0.38 5.77
CA LEU A 54 -3.04 0.18 4.34
C LEU A 54 -4.18 -0.72 3.87
N GLU A 55 -4.27 -1.88 4.52
CA GLU A 55 -5.31 -2.83 4.20
C GLU A 55 -6.66 -2.13 4.05
N LEU A 56 -6.84 -1.10 4.86
CA LEU A 56 -8.08 -0.34 4.83
C LEU A 56 -8.00 0.70 3.71
N ALA A 57 -6.81 1.24 3.52
CA ALA A 57 -6.59 2.24 2.49
C ALA A 57 -6.79 1.60 1.11
N VAL A 58 -6.47 0.31 1.04
CA VAL A 58 -6.60 -0.43 -0.20
C VAL A 58 -8.06 -0.85 -0.37
N ALA A 59 -8.63 -1.37 0.71
CA ALA A 59 -10.01 -1.82 0.70
C ALA A 59 -10.91 -0.67 0.24
N PHE A 60 -10.68 0.49 0.83
CA PHE A 60 -11.46 1.67 0.50
C PHE A 60 -11.28 2.04 -0.97
N LEU A 61 -10.10 1.73 -1.49
CA LEU A 61 -9.78 2.03 -2.87
C LEU A 61 -10.37 0.95 -3.78
N THR A 62 -10.12 -0.29 -3.40
CA THR A 62 -10.61 -1.43 -4.16
C THR A 62 -12.14 -1.47 -4.11
N ALA A 63 -12.68 -0.89 -3.05
CA ALA A 63 -14.13 -0.86 -2.88
C ALA A 63 -14.68 0.44 -3.49
N LYS A 64 -14.08 0.83 -4.60
CA LYS A 64 -14.49 2.05 -5.29
C LYS A 64 -14.25 1.88 -6.78
N ASN A 65 -12.98 1.83 -7.15
CA ASN A 65 -12.60 1.69 -8.54
C ASN A 65 -12.33 0.20 -8.84
N ALA A 66 -11.42 -0.37 -8.06
CA ALA A 66 -11.07 -1.77 -8.22
C ALA A 66 -10.49 -1.98 -9.63
N LYS A 67 -9.37 -1.31 -9.87
CA LYS A 67 -8.70 -1.43 -11.15
C LYS A 67 -7.24 -1.85 -10.93
N THR A 68 -6.79 -2.75 -11.79
CA THR A 68 -5.43 -3.25 -11.70
C THR A 68 -4.62 -2.83 -12.94
N PRO A 69 -3.32 -2.53 -12.71
CA PRO A 69 -2.44 -2.11 -13.79
C PRO A 69 -2.04 -3.30 -14.65
N PRO A 70 -2.42 -3.21 -15.95
CA PRO A 70 -2.11 -4.28 -16.90
C PRO A 70 -0.63 -4.24 -17.29
N GLN A 71 0.22 -4.30 -16.28
CA GLN A 71 1.66 -4.27 -16.50
C GLN A 71 2.35 -5.33 -15.64
N GLU A 72 1.53 -6.18 -15.04
CA GLU A 72 2.04 -7.24 -14.18
C GLU A 72 1.64 -8.60 -14.72
N GLU A 73 2.46 -9.60 -14.41
CA GLU A 73 2.20 -10.95 -14.85
C GLU A 73 2.01 -11.89 -13.66
N THR A 74 0.87 -11.73 -12.99
CA THR A 74 0.57 -12.55 -11.83
C THR A 74 0.86 -14.02 -12.12
N SER A 75 0.12 -14.56 -13.08
CA SER A 75 0.29 -15.95 -13.47
C SER A 75 -0.38 -16.85 -12.44
N GLY A 76 0.07 -16.73 -11.21
CA GLY A 76 -0.47 -17.53 -10.12
C GLY A 76 0.17 -17.17 -8.79
N PRO A 77 -0.69 -17.01 -7.75
CA PRO A 77 -0.21 -16.67 -6.42
C PRO A 77 0.44 -17.88 -5.74
N SER A 78 1.73 -18.04 -6.00
CA SER A 78 2.47 -19.14 -5.42
C SER A 78 3.21 -18.68 -4.16
N SER A 79 3.43 -19.63 -3.26
CA SER A 79 4.12 -19.33 -2.02
C SER A 79 5.37 -18.51 -2.30
N GLY A 80 5.33 -17.25 -1.87
CA GLY A 80 6.46 -16.35 -2.07
C GLY A 80 6.98 -15.82 -0.73
N GLY A 1 21.64 6.19 5.00
CA GLY A 1 20.29 5.65 4.94
C GLY A 1 19.31 6.67 4.35
N SER A 2 19.39 6.83 3.04
CA SER A 2 18.52 7.77 2.34
C SER A 2 18.27 7.27 0.92
N SER A 3 17.03 6.85 0.68
CA SER A 3 16.65 6.35 -0.62
C SER A 3 17.27 7.22 -1.72
N GLY A 4 17.60 6.57 -2.83
CA GLY A 4 18.21 7.27 -3.95
C GLY A 4 18.99 6.29 -4.84
N SER A 5 20.28 6.22 -4.60
CA SER A 5 21.14 5.35 -5.38
C SER A 5 22.08 4.57 -4.45
N SER A 6 21.77 3.29 -4.28
CA SER A 6 22.57 2.43 -3.42
C SER A 6 22.06 0.99 -3.51
N GLY A 7 22.56 0.29 -4.51
CA GLY A 7 22.18 -1.11 -4.73
C GLY A 7 20.66 -1.25 -4.72
N MET A 8 20.22 -2.50 -4.71
CA MET A 8 18.80 -2.79 -4.69
C MET A 8 18.50 -4.05 -3.88
N THR A 9 18.90 -4.02 -2.62
CA THR A 9 18.68 -5.15 -1.74
C THR A 9 17.62 -4.81 -0.69
N VAL A 10 17.01 -5.86 -0.14
CA VAL A 10 15.99 -5.69 0.86
C VAL A 10 16.24 -6.65 2.03
N GLU A 11 17.45 -6.58 2.56
CA GLU A 11 17.85 -7.43 3.66
C GLU A 11 18.27 -6.59 4.86
N GLN A 12 18.20 -5.28 4.68
CA GLN A 12 18.57 -4.35 5.74
C GLN A 12 17.34 -3.60 6.24
N ASN A 13 16.34 -3.51 5.37
CA ASN A 13 15.11 -2.82 5.71
C ASN A 13 14.23 -3.75 6.56
N VAL A 14 14.28 -5.03 6.22
CA VAL A 14 13.50 -6.03 6.94
C VAL A 14 13.74 -5.86 8.45
N LEU A 15 14.98 -6.06 8.84
CA LEU A 15 15.34 -5.94 10.24
C LEU A 15 14.94 -4.55 10.76
N GLN A 16 14.89 -3.61 9.83
CA GLN A 16 14.51 -2.25 10.18
C GLN A 16 13.00 -2.06 10.03
N GLN A 17 12.29 -3.17 10.14
CA GLN A 17 10.84 -3.15 10.03
C GLN A 17 10.26 -2.02 10.89
N SER A 18 8.96 -1.81 10.74
CA SER A 18 8.28 -0.77 11.49
C SER A 18 8.72 0.61 10.99
N ALA A 19 10.01 0.88 11.14
CA ALA A 19 10.56 2.15 10.72
C ALA A 19 10.24 2.37 9.23
N ALA A 20 10.11 1.26 8.52
CA ALA A 20 9.81 1.32 7.10
C ALA A 20 8.30 1.15 6.90
N GLN A 21 7.58 1.29 8.01
CA GLN A 21 6.12 1.16 7.97
C GLN A 21 5.47 2.45 8.44
N LYS A 22 6.07 3.06 9.45
CA LYS A 22 5.55 4.29 10.00
C LYS A 22 6.11 5.48 9.21
N HIS A 23 5.86 5.43 7.90
CA HIS A 23 6.32 6.49 7.02
C HIS A 23 5.20 6.88 6.05
N GLN A 24 4.51 7.95 6.40
CA GLN A 24 3.42 8.44 5.58
C GLN A 24 3.77 8.31 4.10
N GLN A 25 4.89 8.91 3.73
CA GLN A 25 5.34 8.86 2.35
C GLN A 25 5.36 7.41 1.85
N THR A 26 6.03 6.56 2.60
CA THR A 26 6.12 5.15 2.24
C THR A 26 4.73 4.56 2.04
N PHE A 27 3.79 5.02 2.85
CA PHE A 27 2.42 4.54 2.76
C PHE A 27 1.79 4.94 1.43
N LEU A 28 1.74 6.25 1.20
CA LEU A 28 1.16 6.77 -0.02
C LEU A 28 1.76 6.04 -1.22
N ASN A 29 3.08 5.92 -1.20
CA ASN A 29 3.80 5.26 -2.28
C ASN A 29 3.32 3.80 -2.36
N GLN A 30 3.05 3.23 -1.19
CA GLN A 30 2.60 1.85 -1.13
C GLN A 30 1.22 1.72 -1.78
N LEU A 31 0.30 2.58 -1.35
CA LEU A 31 -1.05 2.57 -1.88
C LEU A 31 -1.03 3.08 -3.32
N ARG A 32 0.12 3.62 -3.70
CA ARG A 32 0.29 4.16 -5.05
C ARG A 32 0.38 3.02 -6.07
N GLU A 33 1.15 2.00 -5.69
CA GLU A 33 1.33 0.85 -6.56
C GLU A 33 0.18 -0.15 -6.36
N ILE A 34 -0.10 -0.44 -5.11
CA ILE A 34 -1.16 -1.38 -4.78
C ILE A 34 -2.35 -1.15 -5.72
N THR A 35 -3.04 -0.05 -5.48
CA THR A 35 -4.19 0.30 -6.30
C THR A 35 -3.74 0.95 -7.60
N GLY A 36 -2.48 1.35 -7.63
CA GLY A 36 -1.91 1.99 -8.80
C GLY A 36 -2.23 3.49 -8.82
N ILE A 37 -3.13 3.88 -7.92
CA ILE A 37 -3.52 5.27 -7.82
C ILE A 37 -2.26 6.16 -7.79
N ASN A 38 -2.46 7.42 -8.12
CA ASN A 38 -1.36 8.37 -8.13
C ASN A 38 -1.73 9.58 -7.28
N ASP A 39 -2.90 10.14 -7.55
CA ASP A 39 -3.37 11.30 -6.82
C ASP A 39 -3.08 11.11 -5.34
N ALA A 40 -2.61 12.19 -4.72
CA ALA A 40 -2.29 12.15 -3.30
C ALA A 40 -3.56 12.42 -2.48
N GLN A 41 -4.48 13.16 -3.10
CA GLN A 41 -5.73 13.48 -2.44
C GLN A 41 -6.58 12.22 -2.27
N ILE A 42 -6.23 11.20 -3.03
CA ILE A 42 -6.96 9.94 -2.98
C ILE A 42 -6.21 8.97 -2.06
N LEU A 43 -4.89 8.96 -2.21
CA LEU A 43 -4.06 8.09 -1.40
C LEU A 43 -4.16 8.50 0.07
N GLN A 44 -4.00 9.80 0.30
CA GLN A 44 -4.08 10.33 1.65
C GLN A 44 -5.46 10.04 2.25
N GLN A 45 -6.48 10.40 1.50
CA GLN A 45 -7.85 10.20 1.96
C GLN A 45 -8.02 8.77 2.48
N ALA A 46 -7.48 7.82 1.73
CA ALA A 46 -7.56 6.43 2.10
C ALA A 46 -6.85 6.22 3.44
N LEU A 47 -5.61 6.67 3.48
CA LEU A 47 -4.81 6.54 4.69
C LEU A 47 -5.57 7.13 5.87
N LYS A 48 -5.96 8.39 5.71
CA LYS A 48 -6.70 9.09 6.75
C LYS A 48 -7.86 8.21 7.23
N ASP A 49 -8.72 7.85 6.28
CA ASP A 49 -9.87 7.02 6.58
C ASP A 49 -9.41 5.78 7.35
N SER A 50 -8.42 5.11 6.78
CA SER A 50 -7.88 3.90 7.40
C SER A 50 -7.30 4.24 8.78
N ASN A 51 -6.90 5.50 8.93
CA ASN A 51 -6.34 5.96 10.19
C ASN A 51 -4.91 5.43 10.33
N GLY A 52 -4.43 4.83 9.25
CA GLY A 52 -3.08 4.28 9.24
C GLY A 52 -3.12 2.77 8.97
N ASN A 53 -4.06 2.37 8.15
CA ASN A 53 -4.21 0.96 7.80
C ASN A 53 -4.23 0.81 6.28
N LEU A 54 -3.12 0.28 5.76
CA LEU A 54 -3.01 0.08 4.33
C LEU A 54 -4.14 -0.83 3.84
N GLU A 55 -4.29 -1.95 4.53
CA GLU A 55 -5.33 -2.91 4.18
C GLU A 55 -6.66 -2.19 4.00
N LEU A 56 -6.88 -1.18 4.82
CA LEU A 56 -8.11 -0.41 4.76
C LEU A 56 -8.00 0.63 3.64
N ALA A 57 -6.81 1.16 3.48
CA ALA A 57 -6.57 2.15 2.45
C ALA A 57 -6.77 1.52 1.08
N VAL A 58 -6.50 0.22 1.01
CA VAL A 58 -6.65 -0.53 -0.23
C VAL A 58 -8.11 -0.91 -0.41
N ALA A 59 -8.69 -1.47 0.65
CA ALA A 59 -10.09 -1.88 0.61
C ALA A 59 -10.96 -0.69 0.22
N PHE A 60 -10.69 0.44 0.85
CA PHE A 60 -11.45 1.66 0.57
C PHE A 60 -11.29 2.07 -0.89
N LEU A 61 -10.14 1.73 -1.45
CA LEU A 61 -9.85 2.06 -2.84
C LEU A 61 -10.45 0.98 -3.75
N THR A 62 -10.16 -0.26 -3.40
CA THR A 62 -10.67 -1.39 -4.18
C THR A 62 -12.19 -1.35 -4.26
N ALA A 63 -12.80 -0.88 -3.18
CA ALA A 63 -14.25 -0.77 -3.13
C ALA A 63 -14.70 0.48 -3.88
N LYS A 64 -13.71 1.23 -4.35
CA LYS A 64 -13.98 2.46 -5.09
C LYS A 64 -13.70 2.24 -6.57
N ASN A 65 -12.44 1.93 -6.85
CA ASN A 65 -12.01 1.70 -8.22
C ASN A 65 -12.71 0.45 -8.76
N ALA A 66 -12.60 -0.63 -8.00
CA ALA A 66 -13.22 -1.89 -8.39
C ALA A 66 -12.71 -2.29 -9.78
N LYS A 67 -11.61 -3.01 -9.78
CA LYS A 67 -11.01 -3.46 -11.03
C LYS A 67 -11.67 -4.78 -11.46
N THR A 68 -12.04 -4.83 -12.73
CA THR A 68 -12.68 -6.00 -13.28
C THR A 68 -11.69 -7.17 -13.34
N PRO A 69 -11.97 -8.21 -12.51
CA PRO A 69 -11.12 -9.38 -12.45
C PRO A 69 -11.33 -10.27 -13.68
N PRO A 70 -10.31 -11.13 -13.96
CA PRO A 70 -10.38 -12.03 -15.09
C PRO A 70 -11.34 -13.20 -14.82
N GLN A 71 -12.57 -12.85 -14.50
CA GLN A 71 -13.58 -13.85 -14.21
C GLN A 71 -13.15 -14.70 -13.01
N GLU A 72 -14.14 -15.22 -12.30
CA GLU A 72 -13.88 -16.05 -11.14
C GLU A 72 -14.73 -17.32 -11.20
N GLU A 73 -14.28 -18.33 -10.44
CA GLU A 73 -14.99 -19.59 -10.40
C GLU A 73 -16.46 -19.37 -10.01
N THR A 74 -16.65 -18.80 -8.84
CA THR A 74 -17.98 -18.53 -8.34
C THR A 74 -18.78 -19.83 -8.19
N SER A 75 -19.63 -19.85 -7.18
CA SER A 75 -20.44 -21.03 -6.92
C SER A 75 -19.56 -22.27 -6.86
N GLY A 76 -19.00 -22.51 -5.68
CA GLY A 76 -18.13 -23.67 -5.49
C GLY A 76 -18.41 -24.34 -4.14
N PRO A 77 -18.03 -25.64 -4.06
CA PRO A 77 -18.23 -26.40 -2.84
C PRO A 77 -17.20 -26.00 -1.77
N SER A 78 -17.72 -25.64 -0.61
CA SER A 78 -16.86 -25.24 0.50
C SER A 78 -17.52 -25.62 1.83
N SER A 79 -16.74 -26.30 2.66
CA SER A 79 -17.21 -26.73 3.96
C SER A 79 -16.62 -25.85 5.06
N GLY A 80 -17.49 -25.12 5.73
CA GLY A 80 -17.07 -24.23 6.80
C GLY A 80 -16.68 -25.03 8.05
N GLY A 1 12.71 -0.34 -10.71
CA GLY A 1 12.98 0.50 -11.85
C GLY A 1 13.85 -0.23 -12.88
N SER A 2 13.19 -0.74 -13.92
CA SER A 2 13.89 -1.45 -14.97
C SER A 2 14.50 -2.74 -14.41
N SER A 3 14.46 -3.78 -15.24
CA SER A 3 14.99 -5.07 -14.83
C SER A 3 14.21 -5.62 -13.65
N GLY A 4 13.28 -6.51 -13.96
CA GLY A 4 12.45 -7.12 -12.93
C GLY A 4 13.21 -8.22 -12.19
N SER A 5 13.73 -7.86 -11.03
CA SER A 5 14.48 -8.80 -10.21
C SER A 5 13.60 -9.33 -9.07
N SER A 6 13.30 -10.61 -9.15
CA SER A 6 12.46 -11.24 -8.14
C SER A 6 13.33 -12.09 -7.20
N GLY A 7 12.72 -12.54 -6.11
CA GLY A 7 13.42 -13.35 -5.14
C GLY A 7 12.83 -14.77 -5.08
N MET A 8 12.29 -15.10 -3.91
CA MET A 8 11.70 -16.40 -3.70
C MET A 8 10.36 -16.28 -2.98
N THR A 9 10.36 -15.47 -1.93
CA THR A 9 9.15 -15.26 -1.15
C THR A 9 9.03 -13.79 -0.76
N VAL A 10 7.78 -13.36 -0.59
CA VAL A 10 7.51 -11.98 -0.21
C VAL A 10 6.98 -11.94 1.23
N GLU A 11 7.78 -12.48 2.14
CA GLU A 11 7.40 -12.52 3.54
C GLU A 11 7.89 -11.25 4.25
N GLN A 12 8.72 -10.49 3.55
CA GLN A 12 9.26 -9.26 4.09
C GLN A 12 8.17 -8.19 4.13
N ASN A 13 7.60 -7.92 2.97
CA ASN A 13 6.55 -6.92 2.85
C ASN A 13 5.58 -7.07 4.03
N VAL A 14 5.21 -8.31 4.29
CA VAL A 14 4.30 -8.60 5.39
C VAL A 14 4.84 -8.00 6.68
N LEU A 15 6.07 -8.40 7.01
CA LEU A 15 6.72 -7.91 8.22
C LEU A 15 6.82 -6.38 8.15
N GLN A 16 7.26 -5.89 7.00
CA GLN A 16 7.40 -4.47 6.81
C GLN A 16 6.24 -3.72 7.46
N GLN A 17 5.10 -4.39 7.52
CA GLN A 17 3.91 -3.81 8.11
C GLN A 17 4.29 -2.96 9.32
N SER A 18 3.44 -1.97 9.60
CA SER A 18 3.66 -1.09 10.73
C SER A 18 4.83 -0.15 10.43
N ALA A 19 6.02 -0.72 10.40
CA ALA A 19 7.23 0.05 10.12
C ALA A 19 6.96 1.00 8.96
N ALA A 20 6.29 0.47 7.94
CA ALA A 20 5.96 1.26 6.77
C ALA A 20 5.02 2.39 7.17
N GLN A 21 4.05 2.05 8.00
CA GLN A 21 3.08 3.03 8.47
C GLN A 21 3.80 4.22 9.11
N LYS A 22 4.88 3.92 9.81
CA LYS A 22 5.66 4.94 10.48
C LYS A 22 6.14 5.96 9.45
N HIS A 23 6.23 5.51 8.21
CA HIS A 23 6.67 6.36 7.12
C HIS A 23 5.50 6.64 6.18
N GLN A 24 4.85 7.77 6.43
CA GLN A 24 3.71 8.16 5.61
C GLN A 24 4.04 8.01 4.12
N GLN A 25 5.10 8.70 3.71
CA GLN A 25 5.53 8.65 2.32
C GLN A 25 5.52 7.21 1.82
N THR A 26 6.09 6.33 2.64
CA THR A 26 6.15 4.92 2.29
C THR A 26 4.75 4.35 2.10
N PHE A 27 3.82 4.90 2.87
CA PHE A 27 2.43 4.46 2.81
C PHE A 27 1.79 4.85 1.48
N LEU A 28 1.78 6.16 1.23
CA LEU A 28 1.20 6.68 0.00
C LEU A 28 1.77 5.91 -1.19
N ASN A 29 3.10 5.83 -1.22
CA ASN A 29 3.78 5.13 -2.30
C ASN A 29 3.24 3.71 -2.41
N GLN A 30 2.95 3.13 -1.26
CA GLN A 30 2.43 1.78 -1.20
C GLN A 30 1.04 1.73 -1.85
N LEU A 31 0.18 2.62 -1.40
CA LEU A 31 -1.18 2.68 -1.91
C LEU A 31 -1.14 3.24 -3.34
N ARG A 32 0.01 3.75 -3.71
CA ARG A 32 0.19 4.32 -5.04
C ARG A 32 0.30 3.20 -6.08
N GLU A 33 1.07 2.18 -5.73
CA GLU A 33 1.26 1.04 -6.61
C GLU A 33 0.12 0.04 -6.44
N ILE A 34 -0.13 -0.30 -5.19
CA ILE A 34 -1.19 -1.25 -4.87
C ILE A 34 -2.39 -1.00 -5.79
N THR A 35 -3.07 0.10 -5.53
CA THR A 35 -4.23 0.47 -6.32
C THR A 35 -3.80 1.14 -7.63
N GLY A 36 -2.55 1.55 -7.66
CA GLY A 36 -2.00 2.20 -8.83
C GLY A 36 -2.33 3.69 -8.84
N ILE A 37 -3.22 4.07 -7.93
CA ILE A 37 -3.63 5.46 -7.82
C ILE A 37 -2.39 6.34 -7.79
N ASN A 38 -2.59 7.60 -8.18
CA ASN A 38 -1.49 8.56 -8.19
C ASN A 38 -1.85 9.76 -7.31
N ASP A 39 -3.04 10.31 -7.57
CA ASP A 39 -3.51 11.45 -6.80
C ASP A 39 -3.15 11.25 -5.33
N ALA A 40 -2.72 12.35 -4.71
CA ALA A 40 -2.34 12.30 -3.31
C ALA A 40 -3.58 12.56 -2.45
N GLN A 41 -4.56 13.20 -3.06
CA GLN A 41 -5.79 13.52 -2.36
C GLN A 41 -6.64 12.26 -2.19
N ILE A 42 -6.29 11.24 -2.96
CA ILE A 42 -7.01 9.97 -2.91
C ILE A 42 -6.24 9.01 -2.00
N LEU A 43 -4.92 9.04 -2.13
CA LEU A 43 -4.07 8.17 -1.34
C LEU A 43 -4.17 8.58 0.13
N GLN A 44 -4.03 9.86 0.37
CA GLN A 44 -4.09 10.39 1.72
C GLN A 44 -5.46 10.08 2.34
N GLN A 45 -6.51 10.43 1.62
CA GLN A 45 -7.87 10.19 2.08
C GLN A 45 -8.00 8.76 2.60
N ALA A 46 -7.49 7.84 1.81
CA ALA A 46 -7.54 6.43 2.18
C ALA A 46 -6.81 6.22 3.51
N LEU A 47 -5.58 6.70 3.55
CA LEU A 47 -4.76 6.57 4.75
C LEU A 47 -5.51 7.20 5.93
N LYS A 48 -5.91 8.45 5.74
CA LYS A 48 -6.63 9.18 6.77
C LYS A 48 -7.78 8.31 7.28
N ASP A 49 -8.70 8.01 6.38
CA ASP A 49 -9.85 7.19 6.73
C ASP A 49 -9.39 5.94 7.49
N SER A 50 -8.46 5.23 6.87
CA SER A 50 -7.92 4.02 7.48
C SER A 50 -7.33 4.34 8.85
N ASN A 51 -6.93 5.59 9.01
CA ASN A 51 -6.35 6.04 10.26
C ASN A 51 -4.91 5.52 10.38
N GLY A 52 -4.45 4.92 9.29
CA GLY A 52 -3.10 4.38 9.25
C GLY A 52 -3.13 2.87 9.01
N ASN A 53 -4.06 2.45 8.17
CA ASN A 53 -4.21 1.04 7.85
C ASN A 53 -4.28 0.87 6.33
N LEU A 54 -3.20 0.36 5.76
CA LEU A 54 -3.13 0.14 4.33
C LEU A 54 -4.28 -0.78 3.91
N GLU A 55 -4.36 -1.92 4.58
CA GLU A 55 -5.39 -2.90 4.29
C GLU A 55 -6.75 -2.21 4.15
N LEU A 56 -6.89 -1.11 4.87
CA LEU A 56 -8.13 -0.34 4.84
C LEU A 56 -8.07 0.68 3.71
N ALA A 57 -6.87 1.23 3.51
CA ALA A 57 -6.66 2.22 2.47
C ALA A 57 -6.79 1.55 1.11
N VAL A 58 -6.37 0.30 1.05
CA VAL A 58 -6.45 -0.46 -0.19
C VAL A 58 -7.89 -0.85 -0.47
N ALA A 59 -8.58 -1.26 0.60
CA ALA A 59 -9.97 -1.65 0.47
C ALA A 59 -10.81 -0.45 0.04
N PHE A 60 -10.75 0.59 0.87
CA PHE A 60 -11.50 1.81 0.58
C PHE A 60 -11.33 2.23 -0.88
N LEU A 61 -10.23 1.78 -1.47
CA LEU A 61 -9.95 2.09 -2.85
C LEU A 61 -10.56 1.02 -3.76
N THR A 62 -10.08 -0.20 -3.58
CA THR A 62 -10.56 -1.32 -4.36
C THR A 62 -12.09 -1.41 -4.27
N ALA A 63 -12.62 -0.85 -3.20
CA ALA A 63 -14.06 -0.85 -2.98
C ALA A 63 -14.73 0.11 -3.96
N LYS A 64 -13.90 0.88 -4.64
CA LYS A 64 -14.39 1.84 -5.62
C LYS A 64 -13.91 1.44 -7.01
N ASN A 65 -12.60 1.40 -7.16
CA ASN A 65 -12.00 1.03 -8.43
C ASN A 65 -11.56 -0.43 -8.38
N ALA A 66 -12.52 -1.32 -8.59
CA ALA A 66 -12.25 -2.74 -8.57
C ALA A 66 -12.08 -3.25 -10.01
N LYS A 67 -10.86 -3.65 -10.31
CA LYS A 67 -10.54 -4.16 -11.64
C LYS A 67 -10.05 -5.61 -11.52
N THR A 68 -10.38 -6.39 -12.55
CA THR A 68 -9.98 -7.79 -12.58
C THR A 68 -8.47 -7.91 -12.82
N PRO A 69 -7.87 -8.94 -12.19
CA PRO A 69 -6.45 -9.18 -12.33
C PRO A 69 -6.12 -9.78 -13.69
N PRO A 70 -4.86 -9.56 -14.15
CA PRO A 70 -4.41 -10.07 -15.43
C PRO A 70 -4.15 -11.58 -15.35
N GLN A 71 -5.18 -12.31 -14.94
CA GLN A 71 -5.07 -13.74 -14.81
C GLN A 71 -3.99 -14.12 -13.79
N GLU A 72 -4.38 -14.97 -12.86
CA GLU A 72 -3.46 -15.41 -11.82
C GLU A 72 -3.55 -16.93 -11.64
N GLU A 73 -2.46 -17.49 -11.15
CA GLU A 73 -2.40 -18.93 -10.93
C GLU A 73 -1.65 -19.23 -9.63
N THR A 74 -2.20 -18.75 -8.52
CA THR A 74 -1.59 -18.96 -7.23
C THR A 74 -2.59 -19.59 -6.26
N SER A 75 -2.08 -19.97 -5.09
CA SER A 75 -2.93 -20.59 -4.08
C SER A 75 -3.21 -19.60 -2.95
N GLY A 76 -4.49 -19.38 -2.71
CA GLY A 76 -4.91 -18.45 -1.66
C GLY A 76 -4.34 -18.88 -0.30
N PRO A 77 -4.21 -17.87 0.61
CA PRO A 77 -3.69 -18.12 1.93
C PRO A 77 -4.72 -18.82 2.82
N SER A 78 -4.23 -19.44 3.88
CA SER A 78 -5.11 -20.15 4.80
C SER A 78 -5.09 -19.46 6.17
N SER A 79 -5.74 -18.32 6.23
CA SER A 79 -5.81 -17.55 7.46
C SER A 79 -6.51 -18.39 8.55
N GLY A 80 -5.73 -18.73 9.56
CA GLY A 80 -6.25 -19.52 10.67
C GLY A 80 -6.43 -18.65 11.92
N GLY A 1 33.52 -24.50 -7.72
CA GLY A 1 34.47 -23.50 -8.17
C GLY A 1 33.79 -22.48 -9.10
N SER A 2 33.26 -21.43 -8.48
CA SER A 2 32.58 -20.38 -9.23
C SER A 2 31.62 -21.01 -10.25
N SER A 3 30.39 -21.22 -9.80
CA SER A 3 29.37 -21.80 -10.66
C SER A 3 28.38 -20.72 -11.10
N GLY A 4 27.76 -20.10 -10.11
CA GLY A 4 26.79 -19.05 -10.40
C GLY A 4 25.50 -19.27 -9.61
N SER A 5 25.29 -18.43 -8.60
CA SER A 5 24.11 -18.52 -7.78
C SER A 5 23.48 -17.14 -7.60
N SER A 6 22.16 -17.14 -7.45
CA SER A 6 21.43 -15.90 -7.29
C SER A 6 21.19 -15.64 -5.79
N GLY A 7 20.50 -16.58 -5.16
CA GLY A 7 20.20 -16.46 -3.75
C GLY A 7 19.27 -15.28 -3.48
N MET A 8 18.78 -15.22 -2.24
CA MET A 8 17.88 -14.15 -1.85
C MET A 8 18.45 -13.36 -0.68
N THR A 9 17.77 -12.26 -0.37
CA THR A 9 18.20 -11.40 0.72
C THR A 9 17.04 -11.15 1.69
N VAL A 10 17.36 -11.24 2.98
CA VAL A 10 16.36 -11.03 4.01
C VAL A 10 17.03 -10.42 5.25
N GLU A 11 17.79 -9.38 5.01
CA GLU A 11 18.50 -8.70 6.10
C GLU A 11 18.05 -7.24 6.17
N GLN A 12 17.21 -6.85 5.23
CA GLN A 12 16.71 -5.49 5.19
C GLN A 12 15.20 -5.47 5.39
N ASN A 13 14.54 -6.50 4.87
CA ASN A 13 13.10 -6.61 4.99
C ASN A 13 12.73 -6.83 6.46
N VAL A 14 13.64 -7.46 7.18
CA VAL A 14 13.42 -7.74 8.58
C VAL A 14 13.27 -6.42 9.35
N LEU A 15 14.33 -5.61 9.26
CA LEU A 15 14.33 -4.32 9.93
C LEU A 15 13.24 -3.43 9.32
N GLN A 16 13.23 -3.39 8.00
CA GLN A 16 12.25 -2.59 7.29
C GLN A 16 10.87 -2.71 7.96
N GLN A 17 10.56 -3.92 8.39
CA GLN A 17 9.30 -4.18 9.05
C GLN A 17 9.02 -3.11 10.10
N SER A 18 7.77 -2.66 10.12
CA SER A 18 7.37 -1.64 11.08
C SER A 18 7.95 -0.28 10.69
N ALA A 19 9.27 -0.20 10.78
CA ALA A 19 9.98 1.02 10.44
C ALA A 19 9.41 1.58 9.12
N ALA A 20 9.14 0.66 8.21
CA ALA A 20 8.60 1.05 6.92
C ALA A 20 7.11 1.38 7.06
N GLN A 21 6.45 0.63 7.93
CA GLN A 21 5.04 0.83 8.17
C GLN A 21 4.77 2.26 8.65
N LYS A 22 5.63 2.72 9.55
CA LYS A 22 5.51 4.05 10.09
C LYS A 22 6.24 5.05 9.17
N HIS A 23 5.62 5.29 8.03
CA HIS A 23 6.20 6.20 7.05
C HIS A 23 5.13 6.64 6.05
N GLN A 24 4.48 7.74 6.37
CA GLN A 24 3.43 8.26 5.50
C GLN A 24 3.82 8.09 4.04
N GLN A 25 4.93 8.70 3.67
CA GLN A 25 5.42 8.62 2.30
C GLN A 25 5.37 7.17 1.81
N THR A 26 6.02 6.30 2.55
CA THR A 26 6.05 4.89 2.20
C THR A 26 4.63 4.36 2.00
N PHE A 27 3.73 4.83 2.85
CA PHE A 27 2.34 4.41 2.78
C PHE A 27 1.72 4.81 1.44
N LEU A 28 1.74 6.10 1.16
CA LEU A 28 1.18 6.61 -0.07
C LEU A 28 1.81 5.87 -1.26
N ASN A 29 3.14 5.82 -1.25
CA ASN A 29 3.86 5.14 -2.31
C ASN A 29 3.35 3.71 -2.45
N GLN A 30 3.06 3.11 -1.30
CA GLN A 30 2.56 1.74 -1.29
C GLN A 30 1.17 1.68 -1.93
N LEU A 31 0.30 2.56 -1.47
CA LEU A 31 -1.07 2.62 -1.98
C LEU A 31 -1.03 3.13 -3.42
N ARG A 32 0.08 3.79 -3.76
CA ARG A 32 0.24 4.34 -5.09
C ARG A 32 0.31 3.22 -6.13
N GLU A 33 1.06 2.19 -5.78
CA GLU A 33 1.23 1.05 -6.66
C GLU A 33 0.08 0.05 -6.47
N ILE A 34 -0.18 -0.27 -5.20
CA ILE A 34 -1.25 -1.20 -4.86
C ILE A 34 -2.45 -0.93 -5.76
N THR A 35 -3.12 0.18 -5.48
CA THR A 35 -4.29 0.57 -6.24
C THR A 35 -3.88 1.22 -7.58
N GLY A 36 -2.61 1.60 -7.63
CA GLY A 36 -2.06 2.23 -8.83
C GLY A 36 -2.38 3.72 -8.85
N ILE A 37 -3.24 4.13 -7.92
CA ILE A 37 -3.64 5.52 -7.83
C ILE A 37 -2.38 6.40 -7.77
N ASN A 38 -2.54 7.63 -8.25
CA ASN A 38 -1.44 8.58 -8.26
C ASN A 38 -1.78 9.76 -7.36
N ASP A 39 -2.94 10.35 -7.60
CA ASP A 39 -3.39 11.48 -6.82
C ASP A 39 -3.05 11.25 -5.35
N ALA A 40 -2.57 12.31 -4.71
CA ALA A 40 -2.20 12.24 -3.31
C ALA A 40 -3.43 12.53 -2.45
N GLN A 41 -4.39 13.21 -3.06
CA GLN A 41 -5.62 13.55 -2.35
C GLN A 41 -6.51 12.31 -2.20
N ILE A 42 -6.18 11.29 -2.98
CA ILE A 42 -6.94 10.05 -2.94
C ILE A 42 -6.22 9.05 -2.02
N LEU A 43 -4.90 9.05 -2.14
CA LEU A 43 -4.08 8.15 -1.33
C LEU A 43 -4.21 8.54 0.14
N GLN A 44 -4.05 9.83 0.40
CA GLN A 44 -4.14 10.33 1.76
C GLN A 44 -5.53 10.05 2.33
N GLN A 45 -6.54 10.49 1.60
CA GLN A 45 -7.92 10.29 2.02
C GLN A 45 -8.12 8.85 2.51
N ALA A 46 -7.56 7.92 1.76
CA ALA A 46 -7.67 6.51 2.11
C ALA A 46 -6.92 6.25 3.43
N LEU A 47 -5.73 6.81 3.51
CA LEU A 47 -4.90 6.65 4.69
C LEU A 47 -5.64 7.25 5.90
N LYS A 48 -6.03 8.50 5.75
CA LYS A 48 -6.73 9.20 6.81
C LYS A 48 -7.86 8.32 7.33
N ASP A 49 -8.73 7.91 6.41
CA ASP A 49 -9.85 7.07 6.76
C ASP A 49 -9.35 5.85 7.52
N SER A 50 -8.48 5.10 6.86
CA SER A 50 -7.91 3.90 7.47
C SER A 50 -7.35 4.23 8.86
N ASN A 51 -6.88 5.45 9.00
CA ASN A 51 -6.32 5.91 10.26
C ASN A 51 -4.89 5.37 10.40
N GLY A 52 -4.40 4.79 9.31
CA GLY A 52 -3.07 4.24 9.31
C GLY A 52 -3.10 2.73 9.04
N ASN A 53 -4.06 2.32 8.23
CA ASN A 53 -4.21 0.92 7.89
C ASN A 53 -4.30 0.77 6.37
N LEU A 54 -3.17 0.43 5.78
CA LEU A 54 -3.10 0.25 4.34
C LEU A 54 -4.21 -0.68 3.88
N GLU A 55 -4.27 -1.85 4.52
CA GLU A 55 -5.29 -2.83 4.20
C GLU A 55 -6.65 -2.17 4.08
N LEU A 56 -6.84 -1.11 4.86
CA LEU A 56 -8.09 -0.38 4.85
C LEU A 56 -8.06 0.67 3.73
N ALA A 57 -6.88 1.25 3.54
CA ALA A 57 -6.69 2.25 2.52
C ALA A 57 -6.87 1.62 1.14
N VAL A 58 -6.48 0.35 1.05
CA VAL A 58 -6.59 -0.39 -0.20
C VAL A 58 -8.04 -0.80 -0.41
N ALA A 59 -8.63 -1.35 0.65
CA ALA A 59 -10.00 -1.80 0.60
C ALA A 59 -10.90 -0.64 0.16
N PHE A 60 -10.75 0.49 0.85
CA PHE A 60 -11.53 1.66 0.55
C PHE A 60 -11.36 2.07 -0.92
N LEU A 61 -10.18 1.78 -1.45
CA LEU A 61 -9.89 2.11 -2.84
C LEU A 61 -10.44 1.01 -3.75
N THR A 62 -10.09 -0.23 -3.42
CA THR A 62 -10.55 -1.37 -4.19
C THR A 62 -12.08 -1.37 -4.30
N ALA A 63 -12.71 -0.93 -3.22
CA ALA A 63 -14.15 -0.88 -3.17
C ALA A 63 -14.64 0.31 -4.01
N LYS A 64 -13.68 1.09 -4.49
CA LYS A 64 -13.99 2.26 -5.31
C LYS A 64 -13.66 1.96 -6.77
N ASN A 65 -12.51 1.33 -6.96
CA ASN A 65 -12.07 0.98 -8.30
C ASN A 65 -11.17 -0.26 -8.24
N ALA A 66 -11.64 -1.32 -8.87
CA ALA A 66 -10.90 -2.58 -8.89
C ALA A 66 -11.63 -3.58 -9.77
N LYS A 67 -10.90 -4.62 -10.16
CA LYS A 67 -11.47 -5.66 -11.00
C LYS A 67 -11.26 -7.02 -10.34
N THR A 68 -12.37 -7.64 -9.97
CA THR A 68 -12.32 -8.95 -9.32
C THR A 68 -11.85 -10.01 -10.31
N PRO A 69 -10.63 -10.55 -10.04
CA PRO A 69 -10.06 -11.58 -10.89
C PRO A 69 -10.75 -12.93 -10.66
N PRO A 70 -10.69 -13.79 -11.72
CA PRO A 70 -11.31 -15.10 -11.66
C PRO A 70 -10.47 -16.05 -10.80
N GLN A 71 -10.28 -15.65 -9.54
CA GLN A 71 -9.51 -16.45 -8.61
C GLN A 71 -10.38 -16.86 -7.42
N GLU A 72 -10.05 -18.02 -6.86
CA GLU A 72 -10.79 -18.53 -5.72
C GLU A 72 -9.85 -18.75 -4.53
N GLU A 73 -10.45 -18.85 -3.35
CA GLU A 73 -9.68 -19.07 -2.13
C GLU A 73 -10.38 -20.09 -1.24
N THR A 74 -9.57 -20.87 -0.55
CA THR A 74 -10.10 -21.89 0.34
C THR A 74 -9.48 -21.75 1.74
N SER A 75 -10.16 -22.34 2.72
CA SER A 75 -9.69 -22.28 4.08
C SER A 75 -8.36 -23.02 4.22
N GLY A 76 -7.72 -22.81 5.36
CA GLY A 76 -6.44 -23.45 5.62
C GLY A 76 -6.54 -24.42 6.80
N PRO A 77 -5.37 -25.03 7.15
CA PRO A 77 -5.32 -25.98 8.25
C PRO A 77 -5.38 -25.26 9.59
N SER A 78 -5.32 -26.06 10.65
CA SER A 78 -5.37 -25.51 12.00
C SER A 78 -4.03 -25.73 12.70
N SER A 79 -3.67 -24.78 13.55
CA SER A 79 -2.42 -24.86 14.29
C SER A 79 -2.66 -25.54 15.64
N GLY A 80 -1.56 -25.86 16.30
CA GLY A 80 -1.63 -26.51 17.61
C GLY A 80 -2.27 -25.59 18.64
N GLY A 1 12.36 -20.75 3.05
CA GLY A 1 12.43 -21.23 1.68
C GLY A 1 13.44 -20.41 0.87
N SER A 2 13.03 -20.06 -0.34
CA SER A 2 13.88 -19.28 -1.23
C SER A 2 13.04 -18.63 -2.33
N SER A 3 12.60 -17.42 -2.05
CA SER A 3 11.78 -16.68 -3.01
C SER A 3 12.49 -15.39 -3.41
N GLY A 4 12.18 -14.93 -4.62
CA GLY A 4 12.78 -13.71 -5.13
C GLY A 4 13.21 -13.88 -6.59
N SER A 5 14.35 -13.30 -6.91
CA SER A 5 14.89 -13.39 -8.26
C SER A 5 16.37 -13.74 -8.22
N SER A 6 16.67 -14.95 -8.68
CA SER A 6 18.04 -15.43 -8.71
C SER A 6 18.73 -15.10 -7.38
N GLY A 7 18.69 -16.07 -6.47
CA GLY A 7 19.30 -15.89 -5.17
C GLY A 7 18.78 -14.63 -4.48
N MET A 8 19.67 -13.65 -4.37
CA MET A 8 19.32 -12.38 -3.74
C MET A 8 18.96 -12.58 -2.27
N THR A 9 19.42 -11.64 -1.44
CA THR A 9 19.14 -11.71 -0.02
C THR A 9 18.14 -10.63 0.39
N VAL A 10 17.25 -11.01 1.29
CA VAL A 10 16.24 -10.08 1.77
C VAL A 10 16.29 -10.02 3.29
N GLU A 11 17.44 -9.59 3.80
CA GLU A 11 17.63 -9.47 5.23
C GLU A 11 17.65 -8.00 5.65
N GLN A 12 17.48 -7.13 4.66
CA GLN A 12 17.48 -5.70 4.91
C GLN A 12 16.05 -5.18 4.97
N ASN A 13 15.10 -6.09 4.73
CA ASN A 13 13.70 -5.73 4.74
C ASN A 13 13.04 -6.29 6.00
N VAL A 14 13.56 -7.43 6.43
CA VAL A 14 13.04 -8.09 7.62
C VAL A 14 13.19 -7.14 8.82
N LEU A 15 14.30 -6.42 8.83
CA LEU A 15 14.59 -5.48 9.91
C LEU A 15 13.75 -4.22 9.71
N GLN A 16 13.71 -3.76 8.46
CA GLN A 16 12.95 -2.57 8.13
C GLN A 16 11.52 -2.69 8.64
N GLN A 17 11.11 -3.93 8.88
CA GLN A 17 9.77 -4.19 9.36
C GLN A 17 9.36 -3.13 10.39
N SER A 18 8.08 -2.76 10.34
CA SER A 18 7.56 -1.76 11.25
C SER A 18 8.10 -0.38 10.89
N ALA A 19 9.42 -0.25 10.97
CA ALA A 19 10.06 1.00 10.66
C ALA A 19 9.56 1.51 9.30
N ALA A 20 9.24 0.56 8.43
CA ALA A 20 8.74 0.90 7.11
C ALA A 20 7.24 1.14 7.19
N GLN A 21 6.60 0.49 8.14
CA GLN A 21 5.17 0.63 8.33
C GLN A 21 4.83 2.04 8.79
N LYS A 22 5.68 2.57 9.66
CA LYS A 22 5.48 3.91 10.18
C LYS A 22 6.22 4.92 9.28
N HIS A 23 5.62 5.17 8.13
CA HIS A 23 6.20 6.11 7.17
C HIS A 23 5.13 6.55 6.17
N GLN A 24 4.47 7.65 6.51
CA GLN A 24 3.43 8.18 5.65
C GLN A 24 3.83 8.05 4.18
N GLN A 25 4.95 8.67 3.84
CA GLN A 25 5.44 8.63 2.47
C GLN A 25 5.40 7.19 1.94
N THR A 26 6.02 6.29 2.69
CA THR A 26 6.05 4.89 2.30
C THR A 26 4.64 4.37 2.07
N PHE A 27 3.73 4.84 2.90
CA PHE A 27 2.33 4.43 2.80
C PHE A 27 1.73 4.87 1.47
N LEU A 28 1.76 6.17 1.24
CA LEU A 28 1.21 6.72 0.01
C LEU A 28 1.84 6.00 -1.19
N ASN A 29 3.16 5.90 -1.16
CA ASN A 29 3.88 5.23 -2.23
C ASN A 29 3.41 3.79 -2.35
N GLN A 30 3.13 3.20 -1.19
CA GLN A 30 2.66 1.83 -1.15
C GLN A 30 1.28 1.71 -1.82
N LEU A 31 0.39 2.60 -1.42
CA LEU A 31 -0.96 2.61 -1.96
C LEU A 31 -0.91 3.11 -3.41
N ARG A 32 0.19 3.76 -3.74
CA ARG A 32 0.37 4.29 -5.08
C ARG A 32 0.52 3.15 -6.08
N GLU A 33 1.30 2.16 -5.69
CA GLU A 33 1.53 1.01 -6.55
C GLU A 33 0.39 0.00 -6.40
N ILE A 34 0.07 -0.31 -5.15
CA ILE A 34 -0.99 -1.25 -4.85
C ILE A 34 -2.17 -1.00 -5.81
N THR A 35 -2.89 0.08 -5.54
CA THR A 35 -4.03 0.44 -6.35
C THR A 35 -3.56 1.10 -7.65
N GLY A 36 -2.27 1.40 -7.70
CA GLY A 36 -1.70 2.04 -8.87
C GLY A 36 -2.06 3.52 -8.94
N ILE A 37 -2.85 3.94 -7.96
CA ILE A 37 -3.27 5.33 -7.88
C ILE A 37 -2.04 6.24 -7.96
N ASN A 38 -2.29 7.51 -8.23
CA ASN A 38 -1.23 8.48 -8.34
C ASN A 38 -1.57 9.71 -7.47
N ASP A 39 -2.78 10.21 -7.68
CA ASP A 39 -3.24 11.37 -6.93
C ASP A 39 -2.84 11.21 -5.46
N ALA A 40 -2.62 12.36 -4.82
CA ALA A 40 -2.23 12.35 -3.42
C ALA A 40 -3.46 12.63 -2.55
N GLN A 41 -4.47 13.20 -3.18
CA GLN A 41 -5.71 13.51 -2.48
C GLN A 41 -6.56 12.24 -2.31
N ILE A 42 -6.20 11.22 -3.07
CA ILE A 42 -6.91 9.96 -3.00
C ILE A 42 -6.16 9.00 -2.07
N LEU A 43 -4.85 9.00 -2.22
CA LEU A 43 -4.00 8.13 -1.40
C LEU A 43 -4.17 8.52 0.07
N GLN A 44 -4.03 9.81 0.34
CA GLN A 44 -4.16 10.31 1.69
C GLN A 44 -5.55 9.99 2.24
N GLN A 45 -6.57 10.35 1.47
CA GLN A 45 -7.94 10.11 1.86
C GLN A 45 -8.10 8.67 2.36
N ALA A 46 -7.50 7.75 1.62
CA ALA A 46 -7.58 6.34 1.97
C ALA A 46 -6.86 6.12 3.31
N LEU A 47 -5.68 6.74 3.43
CA LEU A 47 -4.89 6.62 4.64
C LEU A 47 -5.66 7.24 5.81
N LYS A 48 -6.01 8.50 5.63
CA LYS A 48 -6.75 9.22 6.67
C LYS A 48 -7.87 8.33 7.20
N ASP A 49 -8.74 7.92 6.29
CA ASP A 49 -9.86 7.08 6.66
C ASP A 49 -9.34 5.87 7.45
N SER A 50 -8.49 5.09 6.79
CA SER A 50 -7.93 3.91 7.41
C SER A 50 -7.38 4.26 8.80
N ASN A 51 -6.91 5.49 8.92
CA ASN A 51 -6.36 5.96 10.17
C ASN A 51 -4.94 5.42 10.35
N GLY A 52 -4.44 4.82 9.28
CA GLY A 52 -3.10 4.25 9.29
C GLY A 52 -3.14 2.74 9.05
N ASN A 53 -4.08 2.34 8.22
CA ASN A 53 -4.24 0.93 7.88
C ASN A 53 -4.30 0.78 6.37
N LEU A 54 -3.16 0.42 5.80
CA LEU A 54 -3.06 0.23 4.35
C LEU A 54 -4.18 -0.71 3.90
N GLU A 55 -4.25 -1.86 4.55
CA GLU A 55 -5.26 -2.85 4.22
C GLU A 55 -6.62 -2.18 4.07
N LEU A 56 -6.81 -1.10 4.81
CA LEU A 56 -8.05 -0.36 4.78
C LEU A 56 -7.99 0.69 3.67
N ALA A 57 -6.80 1.25 3.50
CA ALA A 57 -6.58 2.27 2.49
C ALA A 57 -6.74 1.64 1.10
N VAL A 58 -6.45 0.35 1.04
CA VAL A 58 -6.55 -0.39 -0.22
C VAL A 58 -8.00 -0.83 -0.42
N ALA A 59 -8.58 -1.36 0.64
CA ALA A 59 -9.96 -1.83 0.59
C ALA A 59 -10.87 -0.69 0.13
N PHE A 60 -10.65 0.47 0.75
CA PHE A 60 -11.45 1.65 0.41
C PHE A 60 -11.24 2.04 -1.06
N LEU A 61 -10.06 1.73 -1.57
CA LEU A 61 -9.73 2.05 -2.94
C LEU A 61 -10.32 0.97 -3.87
N THR A 62 -10.11 -0.28 -3.49
CA THR A 62 -10.61 -1.39 -4.26
C THR A 62 -12.14 -1.46 -4.18
N ALA A 63 -12.66 -1.01 -3.05
CA ALA A 63 -14.09 -1.01 -2.84
C ALA A 63 -14.67 0.35 -3.26
N LYS A 64 -14.08 0.90 -4.31
CA LYS A 64 -14.52 2.18 -4.83
C LYS A 64 -14.28 2.24 -6.34
N ASN A 65 -13.05 1.90 -6.73
CA ASN A 65 -12.69 1.90 -8.13
C ASN A 65 -12.54 0.46 -8.62
N ALA A 66 -13.63 -0.07 -9.15
CA ALA A 66 -13.64 -1.44 -9.66
C ALA A 66 -15.03 -1.76 -10.19
N LYS A 67 -15.14 -2.96 -10.75
CA LYS A 67 -16.41 -3.42 -11.30
C LYS A 67 -17.23 -4.10 -10.20
N THR A 68 -18.46 -3.65 -10.06
CA THR A 68 -19.35 -4.20 -9.06
C THR A 68 -19.86 -5.58 -9.49
N PRO A 69 -19.43 -6.62 -8.72
CA PRO A 69 -19.84 -7.98 -9.01
C PRO A 69 -21.28 -8.22 -8.60
N PRO A 70 -21.80 -9.43 -8.97
CA PRO A 70 -23.17 -9.80 -8.65
C PRO A 70 -23.30 -10.16 -7.17
N GLN A 71 -22.91 -9.22 -6.33
CA GLN A 71 -22.98 -9.42 -4.89
C GLN A 71 -22.24 -10.71 -4.50
N GLU A 72 -22.14 -10.93 -3.19
CA GLU A 72 -21.46 -12.10 -2.68
C GLU A 72 -22.30 -12.77 -1.59
N GLU A 73 -22.65 -14.02 -1.84
CA GLU A 73 -23.46 -14.78 -0.90
C GLU A 73 -22.58 -15.30 0.24
N THR A 74 -21.99 -14.37 0.97
CA THR A 74 -21.13 -14.72 2.09
C THR A 74 -21.84 -14.48 3.41
N SER A 75 -21.16 -14.83 4.49
CA SER A 75 -21.73 -14.66 5.82
C SER A 75 -20.61 -14.34 6.82
N GLY A 76 -20.89 -13.36 7.66
CA GLY A 76 -19.93 -12.94 8.67
C GLY A 76 -19.40 -11.53 8.38
N PRO A 77 -20.16 -10.52 8.88
CA PRO A 77 -19.79 -9.14 8.68
C PRO A 77 -18.63 -8.74 9.59
N SER A 78 -17.89 -7.73 9.16
CA SER A 78 -16.76 -7.25 9.93
C SER A 78 -16.86 -5.74 10.14
N SER A 79 -16.64 -5.33 11.38
CA SER A 79 -16.71 -3.92 11.72
C SER A 79 -18.12 -3.39 11.46
N GLY A 80 -18.89 -3.29 12.54
CA GLY A 80 -20.25 -2.81 12.45
C GLY A 80 -21.15 -3.82 11.72
N GLY A 1 28.44 -4.55 5.42
CA GLY A 1 28.78 -5.06 4.11
C GLY A 1 27.56 -5.65 3.42
N SER A 2 27.82 -6.49 2.43
CA SER A 2 26.75 -7.13 1.67
C SER A 2 27.34 -8.14 0.69
N SER A 3 26.55 -9.18 0.43
CA SER A 3 26.99 -10.23 -0.50
C SER A 3 26.28 -10.06 -1.84
N GLY A 4 24.96 -10.09 -1.80
CA GLY A 4 24.16 -9.94 -3.00
C GLY A 4 23.13 -11.06 -3.11
N SER A 5 22.03 -10.88 -2.40
CA SER A 5 20.97 -11.87 -2.41
C SER A 5 19.62 -11.17 -2.64
N SER A 6 18.70 -11.91 -3.24
CA SER A 6 17.37 -11.39 -3.52
C SER A 6 16.52 -12.45 -4.22
N GLY A 7 15.30 -12.59 -3.73
CA GLY A 7 14.38 -13.56 -4.30
C GLY A 7 14.69 -14.97 -3.79
N MET A 8 14.06 -15.31 -2.67
CA MET A 8 14.26 -16.62 -2.07
C MET A 8 13.39 -16.79 -0.82
N THR A 9 13.54 -15.84 0.10
CA THR A 9 12.77 -15.87 1.33
C THR A 9 12.33 -14.45 1.72
N VAL A 10 11.32 -14.41 2.58
CA VAL A 10 10.79 -13.13 3.03
C VAL A 10 11.33 -12.83 4.43
N GLU A 11 12.55 -13.30 4.69
CA GLU A 11 13.18 -13.10 5.98
C GLU A 11 13.58 -11.63 6.14
N GLN A 12 13.56 -11.18 7.38
CA GLN A 12 13.92 -9.80 7.69
C GLN A 12 12.75 -8.87 7.38
N ASN A 13 12.30 -8.93 6.13
CA ASN A 13 11.18 -8.10 5.70
C ASN A 13 10.07 -8.17 6.74
N VAL A 14 10.04 -9.28 7.46
CA VAL A 14 9.02 -9.49 8.49
C VAL A 14 9.10 -8.35 9.51
N LEU A 15 10.33 -7.97 9.83
CA LEU A 15 10.56 -6.90 10.79
C LEU A 15 10.27 -5.55 10.12
N GLN A 16 10.70 -5.46 8.87
CA GLN A 16 10.50 -4.23 8.11
C GLN A 16 9.01 -3.90 8.02
N GLN A 17 8.20 -4.89 8.32
CA GLN A 17 6.75 -4.72 8.28
C GLN A 17 6.25 -4.05 9.56
N SER A 18 6.80 -2.87 9.82
CA SER A 18 6.43 -2.12 11.01
C SER A 18 7.12 -0.76 11.00
N ALA A 19 8.41 -0.78 11.33
CA ALA A 19 9.20 0.44 11.36
C ALA A 19 9.01 1.21 10.05
N ALA A 20 8.88 0.44 8.97
CA ALA A 20 8.69 1.04 7.66
C ALA A 20 7.22 1.39 7.47
N GLN A 21 6.36 0.67 8.18
CA GLN A 21 4.93 0.90 8.11
C GLN A 21 4.59 2.30 8.64
N LYS A 22 5.44 2.77 9.54
CA LYS A 22 5.24 4.09 10.12
C LYS A 22 5.96 5.14 9.27
N HIS A 23 5.51 5.25 8.03
CA HIS A 23 6.10 6.20 7.10
C HIS A 23 5.04 6.65 6.09
N GLN A 24 4.39 7.75 6.41
CA GLN A 24 3.36 8.30 5.55
C GLN A 24 3.76 8.14 4.08
N GLN A 25 4.89 8.74 3.74
CA GLN A 25 5.40 8.68 2.38
C GLN A 25 5.37 7.23 1.87
N THR A 26 6.02 6.35 2.63
CA THR A 26 6.07 4.95 2.26
C THR A 26 4.66 4.40 2.04
N PHE A 27 3.74 4.86 2.88
CA PHE A 27 2.36 4.44 2.78
C PHE A 27 1.75 4.83 1.43
N LEU A 28 1.76 6.13 1.17
CA LEU A 28 1.23 6.66 -0.07
C LEU A 28 1.85 5.92 -1.25
N ASN A 29 3.17 5.86 -1.23
CA ASN A 29 3.90 5.18 -2.29
C ASN A 29 3.42 3.73 -2.39
N GLN A 30 3.13 3.15 -1.23
CA GLN A 30 2.65 1.78 -1.18
C GLN A 30 1.28 1.66 -1.84
N LEU A 31 0.39 2.55 -1.42
CA LEU A 31 -0.96 2.56 -1.95
C LEU A 31 -0.93 3.07 -3.40
N ARG A 32 0.16 3.74 -3.73
CA ARG A 32 0.32 4.27 -5.08
C ARG A 32 0.41 3.13 -6.09
N GLU A 33 1.14 2.10 -5.71
CA GLU A 33 1.32 0.94 -6.58
C GLU A 33 0.16 -0.05 -6.39
N ILE A 34 -0.10 -0.37 -5.12
CA ILE A 34 -1.17 -1.30 -4.79
C ILE A 34 -2.38 -1.01 -5.68
N THR A 35 -3.03 0.11 -5.41
CA THR A 35 -4.20 0.50 -6.17
C THR A 35 -3.78 1.13 -7.51
N GLY A 36 -2.51 1.49 -7.58
CA GLY A 36 -1.96 2.10 -8.78
C GLY A 36 -2.29 3.59 -8.84
N ILE A 37 -3.11 4.02 -7.90
CA ILE A 37 -3.50 5.41 -7.82
C ILE A 37 -2.25 6.30 -7.84
N ASN A 38 -2.45 7.55 -8.22
CA ASN A 38 -1.35 8.49 -8.28
C ASN A 38 -1.67 9.70 -7.39
N ASP A 39 -2.86 10.26 -7.63
CA ASP A 39 -3.29 11.42 -6.86
C ASP A 39 -2.94 11.21 -5.39
N ALA A 40 -2.60 12.30 -4.73
CA ALA A 40 -2.24 12.25 -3.32
C ALA A 40 -3.49 12.53 -2.47
N GLN A 41 -4.43 13.23 -3.08
CA GLN A 41 -5.67 13.56 -2.40
C GLN A 41 -6.54 12.31 -2.23
N ILE A 42 -6.20 11.29 -3.02
CA ILE A 42 -6.94 10.05 -2.97
C ILE A 42 -6.21 9.05 -2.06
N LEU A 43 -4.90 9.05 -2.18
CA LEU A 43 -4.07 8.15 -1.39
C LEU A 43 -4.19 8.55 0.09
N GLN A 44 -4.06 9.85 0.34
CA GLN A 44 -4.16 10.37 1.69
C GLN A 44 -5.54 10.07 2.28
N GLN A 45 -6.56 10.47 1.53
CA GLN A 45 -7.94 10.25 1.97
C GLN A 45 -8.12 8.82 2.48
N ALA A 46 -7.57 7.88 1.72
CA ALA A 46 -7.65 6.47 2.09
C ALA A 46 -6.92 6.25 3.41
N LEU A 47 -5.70 6.76 3.47
CA LEU A 47 -4.89 6.61 4.66
C LEU A 47 -5.63 7.24 5.85
N LYS A 48 -5.96 8.51 5.70
CA LYS A 48 -6.67 9.23 6.75
C LYS A 48 -7.78 8.34 7.30
N ASP A 49 -8.67 7.93 6.40
CA ASP A 49 -9.79 7.09 6.78
C ASP A 49 -9.27 5.87 7.55
N SER A 50 -8.44 5.09 6.88
CA SER A 50 -7.88 3.89 7.49
C SER A 50 -7.30 4.24 8.86
N ASN A 51 -6.87 5.49 8.99
CA ASN A 51 -6.30 5.96 10.25
C ASN A 51 -4.88 5.43 10.38
N GLY A 52 -4.40 4.83 9.31
CA GLY A 52 -3.05 4.28 9.30
C GLY A 52 -3.08 2.77 9.05
N ASN A 53 -4.03 2.35 8.23
CA ASN A 53 -4.19 0.95 7.90
C ASN A 53 -4.25 0.78 6.38
N LEU A 54 -3.13 0.41 5.80
CA LEU A 54 -3.04 0.21 4.36
C LEU A 54 -4.16 -0.73 3.92
N GLU A 55 -4.21 -1.89 4.58
CA GLU A 55 -5.23 -2.87 4.26
C GLU A 55 -6.60 -2.21 4.12
N LEU A 56 -6.78 -1.15 4.89
CA LEU A 56 -8.04 -0.41 4.86
C LEU A 56 -8.00 0.63 3.74
N ALA A 57 -6.81 1.21 3.56
CA ALA A 57 -6.62 2.22 2.53
C ALA A 57 -6.80 1.58 1.16
N VAL A 58 -6.46 0.30 1.08
CA VAL A 58 -6.58 -0.44 -0.17
C VAL A 58 -8.03 -0.87 -0.37
N ALA A 59 -8.60 -1.42 0.70
CA ALA A 59 -9.98 -1.88 0.66
C ALA A 59 -10.88 -0.72 0.23
N PHE A 60 -10.68 0.41 0.89
CA PHE A 60 -11.47 1.59 0.59
C PHE A 60 -11.32 2.00 -0.88
N LEU A 61 -10.12 1.77 -1.41
CA LEU A 61 -9.85 2.10 -2.79
C LEU A 61 -10.41 1.01 -3.70
N THR A 62 -10.05 -0.23 -3.38
CA THR A 62 -10.51 -1.37 -4.15
C THR A 62 -12.04 -1.38 -4.23
N ALA A 63 -12.65 -0.93 -3.16
CA ALA A 63 -14.11 -0.88 -3.09
C ALA A 63 -14.59 0.48 -3.61
N LYS A 64 -13.95 0.93 -4.68
CA LYS A 64 -14.30 2.20 -5.29
C LYS A 64 -14.07 2.12 -6.80
N ASN A 65 -12.85 1.76 -7.16
CA ASN A 65 -12.48 1.65 -8.57
C ASN A 65 -12.38 0.17 -8.93
N ALA A 66 -11.53 -0.53 -8.20
CA ALA A 66 -11.33 -1.95 -8.44
C ALA A 66 -10.73 -2.15 -9.84
N LYS A 67 -9.80 -3.09 -9.93
CA LYS A 67 -9.14 -3.38 -11.19
C LYS A 67 -9.37 -4.85 -11.55
N THR A 68 -9.27 -5.13 -12.84
CA THR A 68 -9.47 -6.47 -13.33
C THR A 68 -8.32 -7.38 -12.88
N PRO A 69 -8.68 -8.65 -12.55
CA PRO A 69 -7.70 -9.61 -12.09
C PRO A 69 -6.85 -10.13 -13.27
N PRO A 70 -5.67 -10.69 -12.92
CA PRO A 70 -4.77 -11.23 -13.91
C PRO A 70 -5.28 -12.55 -14.48
N GLN A 71 -6.42 -12.46 -15.15
CA GLN A 71 -7.03 -13.65 -15.74
C GLN A 71 -6.81 -14.86 -14.85
N GLU A 72 -6.82 -16.03 -15.47
CA GLU A 72 -6.61 -17.27 -14.75
C GLU A 72 -5.61 -18.16 -15.49
N GLU A 73 -5.07 -19.13 -14.76
CA GLU A 73 -4.10 -20.05 -15.33
C GLU A 73 -4.29 -21.45 -14.74
N THR A 74 -3.99 -22.44 -15.56
CA THR A 74 -4.13 -23.83 -15.13
C THR A 74 -2.81 -24.33 -14.56
N SER A 75 -2.93 -25.20 -13.56
CA SER A 75 -1.77 -25.76 -12.91
C SER A 75 -1.07 -24.70 -12.06
N GLY A 76 -0.49 -23.73 -12.76
CA GLY A 76 0.21 -22.65 -12.08
C GLY A 76 1.53 -23.14 -11.48
N PRO A 77 2.20 -22.22 -10.74
CA PRO A 77 3.47 -22.54 -10.11
C PRO A 77 3.26 -23.42 -8.88
N SER A 78 2.40 -22.96 -8.00
CA SER A 78 2.09 -23.70 -6.79
C SER A 78 1.73 -25.14 -7.12
N SER A 79 2.03 -26.02 -6.18
CA SER A 79 1.74 -27.44 -6.36
C SER A 79 1.51 -28.10 -5.00
N GLY A 80 0.80 -29.22 -5.05
CA GLY A 80 0.51 -29.97 -3.83
C GLY A 80 -0.58 -29.26 -3.01
N GLY A 1 5.34 12.97 10.61
CA GLY A 1 6.04 13.87 9.72
C GLY A 1 7.54 13.60 9.73
N SER A 2 7.92 12.48 9.13
CA SER A 2 9.33 12.10 9.07
C SER A 2 9.48 10.82 8.25
N SER A 3 10.33 10.90 7.23
CA SER A 3 10.58 9.76 6.36
C SER A 3 11.48 8.75 7.08
N GLY A 4 12.65 9.21 7.49
CA GLY A 4 13.60 8.36 8.18
C GLY A 4 15.00 8.98 8.15
N SER A 5 15.31 9.72 9.21
CA SER A 5 16.61 10.35 9.32
C SER A 5 17.47 9.63 10.36
N SER A 6 18.69 9.31 9.95
CA SER A 6 19.61 8.62 10.84
C SER A 6 19.83 9.44 12.12
N GLY A 7 20.18 8.74 13.18
CA GLY A 7 20.42 9.40 14.45
C GLY A 7 21.88 9.24 14.88
N MET A 8 22.08 9.11 16.18
CA MET A 8 23.42 8.97 16.72
C MET A 8 23.37 8.38 18.14
N THR A 9 22.46 8.91 18.94
CA THR A 9 22.32 8.46 20.31
C THR A 9 20.97 7.74 20.49
N VAL A 10 20.90 6.97 21.55
CA VAL A 10 19.68 6.23 21.85
C VAL A 10 18.70 7.13 22.58
N GLU A 11 18.45 8.29 21.98
CA GLU A 11 17.53 9.25 22.57
C GLU A 11 16.41 9.57 21.57
N GLN A 12 16.50 8.97 20.40
CA GLN A 12 15.51 9.19 19.37
C GLN A 12 15.33 7.92 18.52
N ASN A 13 16.47 7.33 18.15
CA ASN A 13 16.45 6.11 17.35
C ASN A 13 15.63 5.04 18.07
N VAL A 14 15.59 5.16 19.40
CA VAL A 14 14.86 4.21 20.21
C VAL A 14 13.38 4.22 19.78
N LEU A 15 12.81 5.41 19.82
CA LEU A 15 11.41 5.57 19.44
C LEU A 15 11.29 5.55 17.92
N GLN A 16 12.09 6.38 17.28
CA GLN A 16 12.09 6.47 15.83
C GLN A 16 11.93 5.08 15.21
N GLN A 17 12.57 4.10 15.85
CA GLN A 17 12.51 2.73 15.38
C GLN A 17 11.06 2.35 15.07
N SER A 18 10.91 1.46 14.10
CA SER A 18 9.59 0.99 13.70
C SER A 18 8.84 2.12 13.00
N ALA A 19 8.46 3.11 13.79
CA ALA A 19 7.72 4.25 13.27
C ALA A 19 8.39 4.72 11.97
N ALA A 20 9.71 4.77 12.00
CA ALA A 20 10.48 5.20 10.84
C ALA A 20 10.23 4.23 9.69
N GLN A 21 10.30 2.94 10.02
CA GLN A 21 10.09 1.90 9.03
C GLN A 21 8.82 2.18 8.23
N LYS A 22 7.85 2.80 8.90
CA LYS A 22 6.59 3.12 8.26
C LYS A 22 6.41 4.64 8.25
N HIS A 23 6.67 5.23 7.08
CA HIS A 23 6.55 6.67 6.93
C HIS A 23 5.39 6.98 5.98
N GLN A 24 4.63 8.01 6.35
CA GLN A 24 3.49 8.41 5.55
C GLN A 24 3.80 8.25 4.06
N GLN A 25 4.90 8.86 3.64
CA GLN A 25 5.32 8.79 2.25
C GLN A 25 5.34 7.34 1.78
N THR A 26 5.94 6.49 2.60
CA THR A 26 6.03 5.07 2.29
C THR A 26 4.63 4.48 2.05
N PHE A 27 3.69 4.95 2.86
CA PHE A 27 2.32 4.48 2.75
C PHE A 27 1.71 4.88 1.41
N LEU A 28 1.67 6.18 1.18
CA LEU A 28 1.12 6.71 -0.06
C LEU A 28 1.73 5.95 -1.25
N ASN A 29 3.04 5.88 -1.26
CA ASN A 29 3.75 5.19 -2.33
C ASN A 29 3.27 3.75 -2.40
N GLN A 30 2.99 3.18 -1.23
CA GLN A 30 2.51 1.81 -1.15
C GLN A 30 1.14 1.68 -1.82
N LEU A 31 0.24 2.57 -1.41
CA LEU A 31 -1.11 2.56 -1.95
C LEU A 31 -1.08 3.07 -3.39
N ARG A 32 0.05 3.70 -3.74
CA ARG A 32 0.21 4.23 -5.08
C ARG A 32 0.35 3.09 -6.09
N GLU A 33 1.09 2.07 -5.70
CA GLU A 33 1.30 0.92 -6.56
C GLU A 33 0.15 -0.07 -6.41
N ILE A 34 -0.18 -0.35 -5.15
CA ILE A 34 -1.26 -1.29 -4.86
C ILE A 34 -2.46 -0.97 -5.74
N THR A 35 -3.14 0.11 -5.41
CA THR A 35 -4.31 0.53 -6.17
C THR A 35 -3.89 1.14 -7.51
N GLY A 36 -2.61 1.50 -7.58
CA GLY A 36 -2.07 2.10 -8.78
C GLY A 36 -2.36 3.60 -8.83
N ILE A 37 -3.20 4.04 -7.91
CA ILE A 37 -3.57 5.43 -7.84
C ILE A 37 -2.30 6.29 -7.89
N ASN A 38 -2.49 7.56 -8.22
CA ASN A 38 -1.38 8.49 -8.31
C ASN A 38 -1.67 9.70 -7.43
N ASP A 39 -2.83 10.29 -7.63
CA ASP A 39 -3.24 11.45 -6.86
C ASP A 39 -2.88 11.23 -5.38
N ALA A 40 -2.49 12.31 -4.74
CA ALA A 40 -2.13 12.26 -3.33
C ALA A 40 -3.36 12.55 -2.48
N GLN A 41 -4.31 13.25 -3.08
CA GLN A 41 -5.54 13.60 -2.39
C GLN A 41 -6.43 12.37 -2.24
N ILE A 42 -6.11 11.33 -3.00
CA ILE A 42 -6.87 10.10 -2.96
C ILE A 42 -6.16 9.10 -2.05
N LEU A 43 -4.85 9.04 -2.20
CA LEU A 43 -4.04 8.14 -1.41
C LEU A 43 -4.15 8.52 0.07
N GLN A 44 -4.00 9.81 0.33
CA GLN A 44 -4.09 10.32 1.68
C GLN A 44 -5.49 10.07 2.26
N GLN A 45 -6.48 10.49 1.49
CA GLN A 45 -7.87 10.32 1.90
C GLN A 45 -8.10 8.90 2.44
N ALA A 46 -7.56 7.94 1.71
CA ALA A 46 -7.68 6.55 2.10
C ALA A 46 -6.97 6.32 3.43
N LEU A 47 -5.70 6.71 3.46
CA LEU A 47 -4.89 6.57 4.65
C LEU A 47 -5.64 7.18 5.85
N LYS A 48 -6.00 8.43 5.69
CA LYS A 48 -6.71 9.14 6.73
C LYS A 48 -7.85 8.26 7.26
N ASP A 49 -8.71 7.85 6.34
CA ASP A 49 -9.84 7.02 6.68
C ASP A 49 -9.34 5.80 7.47
N SER A 50 -8.47 5.04 6.83
CA SER A 50 -7.91 3.85 7.45
C SER A 50 -7.36 4.19 8.83
N ASN A 51 -6.89 5.42 8.96
CA ASN A 51 -6.33 5.89 10.21
C ASN A 51 -4.90 5.37 10.36
N GLY A 52 -4.40 4.79 9.27
CA GLY A 52 -3.06 4.24 9.26
C GLY A 52 -3.07 2.73 8.99
N ASN A 53 -4.03 2.32 8.18
CA ASN A 53 -4.18 0.91 7.84
C ASN A 53 -4.22 0.76 6.32
N LEU A 54 -3.13 0.24 5.78
CA LEU A 54 -3.03 0.05 4.34
C LEU A 54 -4.17 -0.87 3.88
N GLU A 55 -4.27 -2.01 4.54
CA GLU A 55 -5.32 -2.97 4.21
C GLU A 55 -6.66 -2.26 4.04
N LEU A 56 -6.86 -1.23 4.86
CA LEU A 56 -8.10 -0.47 4.80
C LEU A 56 -8.01 0.56 3.67
N ALA A 57 -6.81 1.11 3.51
CA ALA A 57 -6.58 2.11 2.48
C ALA A 57 -6.80 1.47 1.10
N VAL A 58 -6.53 0.18 1.04
CA VAL A 58 -6.69 -0.56 -0.21
C VAL A 58 -8.15 -1.00 -0.35
N ALA A 59 -8.67 -1.57 0.74
CA ALA A 59 -10.04 -2.04 0.75
C ALA A 59 -10.98 -0.89 0.37
N PHE A 60 -10.68 0.27 0.92
CA PHE A 60 -11.48 1.46 0.66
C PHE A 60 -11.37 1.86 -0.82
N LEU A 61 -10.14 1.84 -1.31
CA LEU A 61 -9.90 2.20 -2.70
C LEU A 61 -10.47 1.13 -3.62
N THR A 62 -10.09 -0.11 -3.34
CA THR A 62 -10.57 -1.23 -4.13
C THR A 62 -12.10 -1.21 -4.23
N ALA A 63 -12.73 -0.82 -3.13
CA ALA A 63 -14.18 -0.74 -3.08
C ALA A 63 -14.65 0.38 -4.00
N LYS A 64 -13.71 1.16 -4.48
CA LYS A 64 -14.02 2.26 -5.36
C LYS A 64 -13.64 1.89 -6.80
N ASN A 65 -12.33 1.76 -7.01
CA ASN A 65 -11.83 1.39 -8.33
C ASN A 65 -12.08 -0.09 -8.58
N ALA A 66 -11.72 -0.89 -7.59
CA ALA A 66 -11.90 -2.33 -7.69
C ALA A 66 -11.18 -2.85 -8.94
N LYS A 67 -9.91 -3.18 -8.75
CA LYS A 67 -9.11 -3.69 -9.85
C LYS A 67 -8.51 -5.03 -9.45
N THR A 68 -8.32 -5.88 -10.45
CA THR A 68 -7.75 -7.20 -10.23
C THR A 68 -6.28 -7.09 -9.81
N PRO A 69 -6.01 -7.48 -8.53
CA PRO A 69 -4.66 -7.42 -8.00
C PRO A 69 -3.81 -8.56 -8.56
N PRO A 70 -2.47 -8.44 -8.33
CA PRO A 70 -1.55 -9.47 -8.79
C PRO A 70 -1.62 -10.72 -7.93
N GLN A 71 -2.83 -11.29 -7.87
CA GLN A 71 -3.05 -12.49 -7.08
C GLN A 71 -2.73 -12.22 -5.60
N GLU A 72 -3.46 -12.92 -4.74
CA GLU A 72 -3.26 -12.77 -3.31
C GLU A 72 -3.01 -14.13 -2.66
N GLU A 73 -2.14 -14.12 -1.67
CA GLU A 73 -1.79 -15.35 -0.97
C GLU A 73 -2.00 -15.17 0.54
N THR A 74 -1.20 -14.29 1.12
CA THR A 74 -1.28 -14.01 2.54
C THR A 74 -2.73 -13.73 2.94
N SER A 75 -3.26 -12.64 2.40
CA SER A 75 -4.63 -12.26 2.69
C SER A 75 -4.89 -12.34 4.19
N GLY A 76 -4.69 -11.23 4.86
CA GLY A 76 -4.90 -11.16 6.30
C GLY A 76 -6.30 -10.65 6.63
N PRO A 77 -6.73 -10.90 7.90
CA PRO A 77 -8.04 -10.47 8.35
C PRO A 77 -8.06 -8.96 8.61
N SER A 78 -9.23 -8.47 8.99
CA SER A 78 -9.39 -7.05 9.27
C SER A 78 -10.32 -6.87 10.48
N SER A 79 -9.81 -6.13 11.46
CA SER A 79 -10.58 -5.86 12.66
C SER A 79 -10.00 -4.65 13.39
N GLY A 80 -10.91 -3.87 13.97
CA GLY A 80 -10.50 -2.68 14.70
C GLY A 80 -11.03 -1.42 14.02
N GLY A 1 28.35 6.61 4.63
CA GLY A 1 28.58 5.39 3.88
C GLY A 1 29.54 5.63 2.71
N SER A 2 30.04 4.54 2.16
CA SER A 2 30.98 4.63 1.04
C SER A 2 30.31 4.09 -0.23
N SER A 3 29.88 2.85 -0.16
CA SER A 3 29.23 2.21 -1.29
C SER A 3 28.56 0.91 -0.85
N GLY A 4 27.70 0.39 -1.72
CA GLY A 4 27.00 -0.85 -1.43
C GLY A 4 27.35 -1.93 -2.45
N SER A 5 28.63 -2.27 -2.48
CA SER A 5 29.11 -3.30 -3.39
C SER A 5 28.98 -4.68 -2.75
N SER A 6 27.96 -5.41 -3.18
CA SER A 6 27.73 -6.75 -2.66
C SER A 6 27.89 -6.75 -1.13
N GLY A 7 26.84 -6.31 -0.46
CA GLY A 7 26.85 -6.25 0.99
C GLY A 7 25.57 -5.61 1.53
N MET A 8 25.54 -4.29 1.46
CA MET A 8 24.38 -3.55 1.94
C MET A 8 23.96 -4.01 3.33
N THR A 9 24.48 -3.32 4.33
CA THR A 9 24.17 -3.65 5.71
C THR A 9 22.95 -2.86 6.19
N VAL A 10 22.33 -3.37 7.24
CA VAL A 10 21.16 -2.72 7.80
C VAL A 10 21.43 -2.39 9.28
N GLU A 11 22.47 -1.60 9.49
CA GLU A 11 22.84 -1.20 10.83
C GLU A 11 22.38 0.24 11.10
N GLN A 12 21.58 0.75 10.18
CA GLN A 12 21.06 2.10 10.30
C GLN A 12 19.60 2.07 10.74
N ASN A 13 18.98 0.91 10.55
CA ASN A 13 17.59 0.73 10.91
C ASN A 13 17.49 0.43 12.40
N VAL A 14 18.44 -0.36 12.88
CA VAL A 14 18.47 -0.74 14.28
C VAL A 14 18.24 0.50 15.14
N LEU A 15 18.91 1.58 14.75
CA LEU A 15 18.79 2.83 15.47
C LEU A 15 17.53 3.57 15.01
N GLN A 16 17.20 3.37 13.74
CA GLN A 16 16.04 4.01 13.16
C GLN A 16 14.82 3.08 13.27
N GLN A 17 14.82 2.28 14.33
CA GLN A 17 13.73 1.34 14.56
C GLN A 17 12.51 2.08 15.12
N SER A 18 12.04 3.06 14.35
CA SER A 18 10.89 3.84 14.76
C SER A 18 10.33 4.62 13.57
N ALA A 19 11.10 5.61 13.15
CA ALA A 19 10.70 6.44 12.02
C ALA A 19 10.19 5.54 10.89
N ALA A 20 10.91 4.46 10.66
CA ALA A 20 10.55 3.52 9.62
C ALA A 20 9.17 2.92 9.93
N GLN A 21 8.97 2.64 11.21
CA GLN A 21 7.70 2.07 11.66
C GLN A 21 6.54 3.02 11.32
N LYS A 22 6.90 4.29 11.16
CA LYS A 22 5.90 5.29 10.83
C LYS A 22 6.41 6.16 9.68
N HIS A 23 6.10 5.74 8.47
CA HIS A 23 6.52 6.46 7.29
C HIS A 23 5.32 6.69 6.37
N GLN A 24 4.82 7.91 6.41
CA GLN A 24 3.67 8.28 5.59
C GLN A 24 4.00 8.08 4.11
N GLN A 25 5.05 8.76 3.68
CA GLN A 25 5.47 8.67 2.29
C GLN A 25 5.46 7.22 1.82
N THR A 26 6.06 6.36 2.64
CA THR A 26 6.13 4.95 2.32
C THR A 26 4.72 4.37 2.13
N PHE A 27 3.79 4.90 2.91
CA PHE A 27 2.41 4.46 2.84
C PHE A 27 1.78 4.83 1.48
N LEU A 28 1.77 6.12 1.20
CA LEU A 28 1.21 6.62 -0.04
C LEU A 28 1.83 5.86 -1.21
N ASN A 29 3.15 5.84 -1.23
CA ASN A 29 3.88 5.15 -2.29
C ASN A 29 3.36 3.72 -2.41
N GLN A 30 3.05 3.15 -1.26
CA GLN A 30 2.54 1.78 -1.22
C GLN A 30 1.15 1.71 -1.87
N LEU A 31 0.28 2.59 -1.40
CA LEU A 31 -1.08 2.64 -1.92
C LEU A 31 -1.06 3.16 -3.35
N ARG A 32 0.07 3.76 -3.71
CA ARG A 32 0.24 4.30 -5.05
C ARG A 32 0.41 3.17 -6.06
N GLU A 33 1.19 2.17 -5.66
CA GLU A 33 1.44 1.03 -6.52
C GLU A 33 0.35 -0.02 -6.34
N ILE A 34 0.07 -0.35 -5.08
CA ILE A 34 -0.94 -1.34 -4.77
C ILE A 34 -2.13 -1.16 -5.72
N THR A 35 -2.76 0.00 -5.62
CA THR A 35 -3.90 0.32 -6.45
C THR A 35 -3.45 1.01 -7.74
N GLY A 36 -2.18 1.37 -7.77
CA GLY A 36 -1.61 2.03 -8.93
C GLY A 36 -2.02 3.51 -8.96
N ILE A 37 -2.84 3.89 -7.99
CA ILE A 37 -3.32 5.26 -7.91
C ILE A 37 -2.12 6.21 -7.99
N ASN A 38 -2.43 7.47 -8.26
CA ASN A 38 -1.39 8.49 -8.36
C ASN A 38 -1.76 9.68 -7.48
N ASP A 39 -3.00 10.14 -7.67
CA ASP A 39 -3.48 11.28 -6.90
C ASP A 39 -3.09 11.11 -5.43
N ALA A 40 -2.74 12.23 -4.82
CA ALA A 40 -2.35 12.22 -3.42
C ALA A 40 -3.57 12.49 -2.54
N GLN A 41 -4.54 13.16 -3.13
CA GLN A 41 -5.76 13.48 -2.41
C GLN A 41 -6.60 12.22 -2.20
N ILE A 42 -6.28 11.20 -2.97
CA ILE A 42 -6.99 9.93 -2.88
C ILE A 42 -6.22 8.99 -1.96
N LEU A 43 -4.91 8.97 -2.14
CA LEU A 43 -4.06 8.12 -1.33
C LEU A 43 -4.19 8.52 0.14
N GLN A 44 -4.03 9.81 0.38
CA GLN A 44 -4.12 10.33 1.73
C GLN A 44 -5.49 10.03 2.33
N GLN A 45 -6.53 10.37 1.55
CA GLN A 45 -7.89 10.14 1.99
C GLN A 45 -8.06 8.70 2.49
N ALA A 46 -7.45 7.78 1.77
CA ALA A 46 -7.52 6.38 2.13
C ALA A 46 -6.79 6.16 3.46
N LEU A 47 -5.63 6.79 3.56
CA LEU A 47 -4.81 6.68 4.77
C LEU A 47 -5.56 7.30 5.94
N LYS A 48 -6.01 8.53 5.72
CA LYS A 48 -6.75 9.26 6.74
C LYS A 48 -7.81 8.35 7.36
N ASP A 49 -8.74 7.93 6.51
CA ASP A 49 -9.81 7.06 6.95
C ASP A 49 -9.22 5.89 7.74
N SER A 50 -8.52 5.02 7.02
CA SER A 50 -7.90 3.86 7.64
C SER A 50 -7.29 4.25 8.99
N ASN A 51 -6.84 5.49 9.07
CA ASN A 51 -6.24 6.00 10.28
C ASN A 51 -4.82 5.45 10.42
N GLY A 52 -4.35 4.86 9.34
CA GLY A 52 -3.01 4.28 9.32
C GLY A 52 -3.06 2.78 9.02
N ASN A 53 -4.00 2.41 8.18
CA ASN A 53 -4.16 1.01 7.81
C ASN A 53 -4.22 0.90 6.28
N LEU A 54 -3.15 0.37 5.71
CA LEU A 54 -3.07 0.20 4.28
C LEU A 54 -4.21 -0.72 3.81
N GLU A 55 -4.29 -1.87 4.45
CA GLU A 55 -5.33 -2.84 4.12
C GLU A 55 -6.68 -2.14 3.97
N LEU A 56 -6.89 -1.14 4.81
CA LEU A 56 -8.13 -0.39 4.77
C LEU A 56 -8.05 0.68 3.67
N ALA A 57 -6.85 1.24 3.53
CA ALA A 57 -6.63 2.26 2.52
C ALA A 57 -6.84 1.66 1.13
N VAL A 58 -6.52 0.37 1.02
CA VAL A 58 -6.66 -0.33 -0.24
C VAL A 58 -8.12 -0.73 -0.43
N ALA A 59 -8.69 -1.30 0.62
CA ALA A 59 -10.07 -1.74 0.59
C ALA A 59 -10.96 -0.58 0.16
N PHE A 60 -10.73 0.57 0.78
CA PHE A 60 -11.49 1.76 0.47
C PHE A 60 -11.30 2.18 -0.98
N LEU A 61 -10.16 1.79 -1.53
CA LEU A 61 -9.83 2.12 -2.91
C LEU A 61 -10.44 1.07 -3.83
N THR A 62 -10.18 -0.18 -3.50
CA THR A 62 -10.68 -1.29 -4.28
C THR A 62 -12.21 -1.32 -4.25
N ALA A 63 -12.75 -0.81 -3.15
CA ALA A 63 -14.20 -0.77 -2.98
C ALA A 63 -14.78 0.27 -3.95
N LYS A 64 -13.89 1.03 -4.56
CA LYS A 64 -14.32 2.05 -5.50
C LYS A 64 -13.88 1.64 -6.92
N ASN A 65 -12.57 1.58 -7.11
CA ASN A 65 -12.03 1.21 -8.40
C ASN A 65 -12.20 -0.29 -8.62
N ALA A 66 -13.35 -0.65 -9.20
CA ALA A 66 -13.65 -2.04 -9.47
C ALA A 66 -15.03 -2.14 -10.13
N LYS A 67 -15.40 -3.37 -10.46
CA LYS A 67 -16.68 -3.62 -11.10
C LYS A 67 -17.81 -3.32 -10.11
N THR A 68 -18.74 -2.49 -10.55
CA THR A 68 -19.86 -2.12 -9.71
C THR A 68 -20.83 -3.31 -9.56
N PRO A 69 -21.44 -3.39 -8.35
CA PRO A 69 -22.38 -4.47 -8.06
C PRO A 69 -23.72 -4.23 -8.75
N PRO A 70 -24.59 -5.27 -8.71
CA PRO A 70 -25.90 -5.18 -9.33
C PRO A 70 -26.84 -4.31 -8.50
N GLN A 71 -26.48 -3.03 -8.39
CA GLN A 71 -27.28 -2.09 -7.64
C GLN A 71 -27.30 -2.48 -6.15
N GLU A 72 -27.11 -1.47 -5.31
CA GLU A 72 -27.10 -1.68 -3.87
C GLU A 72 -28.39 -1.17 -3.25
N GLU A 73 -28.68 -1.66 -2.06
CA GLU A 73 -29.88 -1.26 -1.34
C GLU A 73 -29.91 0.26 -1.18
N THR A 74 -28.76 0.82 -0.81
CA THR A 74 -28.65 2.25 -0.61
C THR A 74 -28.24 2.93 -1.93
N SER A 75 -29.03 3.92 -2.31
CA SER A 75 -28.77 4.67 -3.53
C SER A 75 -29.80 5.78 -3.69
N GLY A 76 -29.36 6.99 -3.38
CA GLY A 76 -30.23 8.16 -3.48
C GLY A 76 -29.42 9.43 -3.78
N PRO A 77 -29.37 9.77 -5.09
CA PRO A 77 -28.63 10.95 -5.53
C PRO A 77 -29.40 12.23 -5.17
N SER A 78 -28.81 13.35 -5.56
CA SER A 78 -29.42 14.65 -5.29
C SER A 78 -28.74 15.73 -6.13
N SER A 79 -29.44 16.83 -6.31
CA SER A 79 -28.92 17.95 -7.08
C SER A 79 -29.81 19.18 -6.89
N GLY A 80 -29.26 20.32 -7.28
CA GLY A 80 -29.98 21.58 -7.15
C GLY A 80 -29.58 22.57 -8.25
N GLY A 1 26.60 -17.04 10.32
CA GLY A 1 27.73 -16.13 10.43
C GLY A 1 28.65 -16.54 11.58
N SER A 2 28.83 -15.61 12.52
CA SER A 2 29.68 -15.86 13.67
C SER A 2 28.83 -16.03 14.93
N SER A 3 29.49 -16.44 16.00
CA SER A 3 28.80 -16.64 17.26
C SER A 3 29.50 -15.84 18.36
N GLY A 4 28.80 -14.82 18.85
CA GLY A 4 29.34 -13.97 19.90
C GLY A 4 30.84 -13.73 19.70
N SER A 5 31.17 -13.19 18.53
CA SER A 5 32.55 -12.91 18.21
C SER A 5 32.67 -11.53 17.56
N SER A 6 33.89 -11.00 17.59
CA SER A 6 34.14 -9.69 17.00
C SER A 6 33.39 -9.55 15.68
N GLY A 7 32.51 -8.56 15.63
CA GLY A 7 31.72 -8.30 14.44
C GLY A 7 30.96 -6.98 14.55
N MET A 8 30.19 -6.87 15.62
CA MET A 8 29.41 -5.67 15.85
C MET A 8 28.45 -5.40 14.70
N THR A 9 27.17 -5.63 14.98
CA THR A 9 26.14 -5.42 13.97
C THR A 9 25.02 -4.54 14.52
N VAL A 10 24.38 -3.82 13.62
CA VAL A 10 23.29 -2.93 14.02
C VAL A 10 22.13 -3.10 13.04
N GLU A 11 21.62 -4.32 12.99
CA GLU A 11 20.50 -4.64 12.11
C GLU A 11 19.20 -4.08 12.69
N GLN A 12 18.23 -3.91 11.80
CA GLN A 12 16.93 -3.39 12.22
C GLN A 12 16.97 -1.86 12.27
N ASN A 13 17.97 -1.36 12.99
CA ASN A 13 18.12 0.08 13.12
C ASN A 13 18.74 0.65 11.84
N VAL A 14 19.60 -0.15 11.23
CA VAL A 14 20.26 0.25 10.00
C VAL A 14 19.21 0.56 8.94
N LEU A 15 18.28 -0.37 8.79
CA LEU A 15 17.22 -0.21 7.81
C LEU A 15 16.27 0.90 8.27
N GLN A 16 15.89 0.83 9.54
CA GLN A 16 14.99 1.81 10.12
C GLN A 16 15.38 3.22 9.65
N GLN A 17 16.68 3.45 9.55
CA GLN A 17 17.20 4.73 9.11
C GLN A 17 16.58 5.11 7.77
N SER A 18 16.35 6.42 7.61
CA SER A 18 15.76 6.92 6.37
C SER A 18 14.28 6.56 6.31
N ALA A 19 14.03 5.27 6.11
CA ALA A 19 12.67 4.78 6.03
C ALA A 19 11.83 5.44 7.12
N ALA A 20 12.40 5.48 8.32
CA ALA A 20 11.71 6.07 9.45
C ALA A 20 11.44 7.56 9.16
N GLN A 21 12.47 8.23 8.69
CA GLN A 21 12.36 9.65 8.37
C GLN A 21 11.16 9.89 7.44
N LYS A 22 10.85 8.86 6.66
CA LYS A 22 9.72 8.95 5.74
C LYS A 22 8.76 7.79 6.00
N HIS A 23 7.80 8.06 6.87
CA HIS A 23 6.81 7.06 7.22
C HIS A 23 5.63 7.14 6.24
N GLN A 24 4.74 8.10 6.52
CA GLN A 24 3.57 8.28 5.67
C GLN A 24 3.93 8.07 4.20
N GLN A 25 4.95 8.80 3.77
CA GLN A 25 5.41 8.70 2.39
C GLN A 25 5.36 7.24 1.92
N THR A 26 6.06 6.39 2.65
CA THR A 26 6.12 4.97 2.33
C THR A 26 4.71 4.43 2.11
N PHE A 27 3.79 4.88 2.96
CA PHE A 27 2.41 4.45 2.86
C PHE A 27 1.81 4.81 1.49
N LEU A 28 1.79 6.10 1.21
CA LEU A 28 1.25 6.59 -0.04
C LEU A 28 1.90 5.83 -1.20
N ASN A 29 3.23 5.83 -1.19
CA ASN A 29 3.98 5.15 -2.23
C ASN A 29 3.48 3.71 -2.35
N GLN A 30 3.14 3.13 -1.21
CA GLN A 30 2.64 1.77 -1.17
C GLN A 30 1.28 1.69 -1.84
N LEU A 31 0.38 2.55 -1.41
CA LEU A 31 -0.96 2.58 -1.95
C LEU A 31 -0.92 3.12 -3.38
N ARG A 32 0.21 3.71 -3.72
CA ARG A 32 0.41 4.28 -5.05
C ARG A 32 0.52 3.15 -6.08
N GLU A 33 1.24 2.11 -5.71
CA GLU A 33 1.43 0.97 -6.59
C GLU A 33 0.27 -0.03 -6.43
N ILE A 34 0.02 -0.39 -5.18
CA ILE A 34 -1.05 -1.32 -4.87
C ILE A 34 -2.26 -1.02 -5.75
N THR A 35 -2.91 0.09 -5.44
CA THR A 35 -4.08 0.51 -6.20
C THR A 35 -3.67 1.14 -7.52
N GLY A 36 -2.40 1.53 -7.58
CA GLY A 36 -1.87 2.15 -8.79
C GLY A 36 -2.19 3.65 -8.83
N ILE A 37 -3.04 4.05 -7.90
CA ILE A 37 -3.45 5.45 -7.82
C ILE A 37 -2.20 6.33 -7.76
N ASN A 38 -2.36 7.57 -8.21
CA ASN A 38 -1.27 8.52 -8.21
C ASN A 38 -1.63 9.72 -7.33
N ASP A 39 -2.79 10.28 -7.62
CA ASP A 39 -3.26 11.44 -6.86
C ASP A 39 -2.99 11.21 -5.38
N ALA A 40 -2.54 12.27 -4.72
CA ALA A 40 -2.24 12.21 -3.30
C ALA A 40 -3.52 12.47 -2.50
N GLN A 41 -4.43 13.21 -3.12
CA GLN A 41 -5.69 13.54 -2.47
C GLN A 41 -6.55 12.28 -2.33
N ILE A 42 -6.20 11.27 -3.11
CA ILE A 42 -6.93 10.01 -3.07
C ILE A 42 -6.20 9.03 -2.15
N LEU A 43 -4.88 9.02 -2.27
CA LEU A 43 -4.06 8.13 -1.47
C LEU A 43 -4.22 8.51 0.01
N GLN A 44 -4.07 9.79 0.29
CA GLN A 44 -4.19 10.29 1.64
C GLN A 44 -5.60 10.05 2.17
N GLN A 45 -6.57 10.40 1.34
CA GLN A 45 -7.97 10.22 1.71
C GLN A 45 -8.21 8.80 2.22
N ALA A 46 -7.55 7.85 1.58
CA ALA A 46 -7.68 6.46 1.96
C ALA A 46 -6.94 6.23 3.28
N LEU A 47 -5.75 6.78 3.36
CA LEU A 47 -4.94 6.64 4.57
C LEU A 47 -5.69 7.24 5.75
N LYS A 48 -6.17 8.45 5.56
CA LYS A 48 -6.90 9.15 6.60
C LYS A 48 -7.97 8.22 7.17
N ASP A 49 -8.92 7.87 6.32
CA ASP A 49 -10.00 6.99 6.73
C ASP A 49 -9.42 5.79 7.49
N SER A 50 -8.62 5.01 6.79
CA SER A 50 -8.00 3.85 7.38
C SER A 50 -7.46 4.19 8.77
N ASN A 51 -7.00 5.43 8.90
CA ASN A 51 -6.46 5.90 10.17
C ASN A 51 -5.02 5.41 10.32
N GLY A 52 -4.50 4.84 9.23
CA GLY A 52 -3.15 4.33 9.23
C GLY A 52 -3.14 2.81 8.96
N ASN A 53 -4.10 2.38 8.15
CA ASN A 53 -4.20 0.97 7.81
C ASN A 53 -4.25 0.81 6.30
N LEU A 54 -3.12 0.40 5.75
CA LEU A 54 -3.00 0.20 4.31
C LEU A 54 -4.13 -0.72 3.84
N GLU A 55 -4.22 -1.88 4.48
CA GLU A 55 -5.24 -2.84 4.14
C GLU A 55 -6.59 -2.15 3.97
N LEU A 56 -6.84 -1.18 4.83
CA LEU A 56 -8.08 -0.43 4.79
C LEU A 56 -8.02 0.58 3.64
N ALA A 57 -6.84 1.14 3.44
CA ALA A 57 -6.63 2.12 2.40
C ALA A 57 -6.82 1.45 1.04
N VAL A 58 -6.43 0.19 0.97
CA VAL A 58 -6.55 -0.57 -0.26
C VAL A 58 -8.00 -1.04 -0.43
N ALA A 59 -8.56 -1.51 0.68
CA ALA A 59 -9.94 -1.99 0.67
C ALA A 59 -10.87 -0.87 0.19
N PHE A 60 -10.68 0.30 0.77
CA PHE A 60 -11.47 1.46 0.41
C PHE A 60 -11.28 1.84 -1.06
N LEU A 61 -10.02 1.78 -1.48
CA LEU A 61 -9.68 2.12 -2.85
C LEU A 61 -10.23 1.03 -3.78
N THR A 62 -10.10 -0.21 -3.34
CA THR A 62 -10.57 -1.34 -4.12
C THR A 62 -12.09 -1.37 -4.15
N ALA A 63 -12.69 -0.95 -3.03
CA ALA A 63 -14.13 -0.92 -2.92
C ALA A 63 -14.64 0.49 -3.22
N LYS A 64 -14.23 1.00 -4.37
CA LYS A 64 -14.62 2.34 -4.79
C LYS A 64 -14.10 2.61 -6.20
N ASN A 65 -12.90 2.11 -6.45
CA ASN A 65 -12.28 2.29 -7.75
C ASN A 65 -11.69 0.96 -8.23
N ALA A 66 -12.47 0.24 -9.01
CA ALA A 66 -12.04 -1.05 -9.52
C ALA A 66 -13.21 -1.73 -10.23
N LYS A 67 -12.98 -2.98 -10.62
CA LYS A 67 -14.00 -3.75 -11.31
C LYS A 67 -14.86 -4.49 -10.28
N THR A 68 -16.08 -4.83 -10.70
CA THR A 68 -17.00 -5.54 -9.83
C THR A 68 -16.57 -6.99 -9.68
N PRO A 69 -16.28 -7.38 -8.40
CA PRO A 69 -15.85 -8.73 -8.10
C PRO A 69 -17.03 -9.70 -8.15
N PRO A 70 -16.70 -11.01 -8.18
CA PRO A 70 -17.72 -12.04 -8.23
C PRO A 70 -18.41 -12.22 -6.86
N GLN A 71 -18.96 -11.12 -6.38
CA GLN A 71 -19.64 -11.13 -5.10
C GLN A 71 -18.83 -11.93 -4.07
N GLU A 72 -19.50 -12.30 -3.00
CA GLU A 72 -18.86 -13.07 -1.94
C GLU A 72 -19.76 -14.23 -1.51
N GLU A 73 -19.14 -15.20 -0.85
CA GLU A 73 -19.86 -16.37 -0.38
C GLU A 73 -18.95 -17.25 0.47
N THR A 74 -18.73 -16.79 1.70
CA THR A 74 -17.89 -17.53 2.62
C THR A 74 -18.52 -17.57 4.01
N SER A 75 -18.66 -16.38 4.59
CA SER A 75 -19.24 -16.26 5.92
C SER A 75 -19.55 -14.80 6.22
N GLY A 76 -18.51 -13.98 6.18
CA GLY A 76 -18.66 -12.55 6.45
C GLY A 76 -18.00 -12.17 7.78
N PRO A 77 -17.96 -10.84 8.04
CA PRO A 77 -17.36 -10.33 9.26
C PRO A 77 -18.28 -10.58 10.46
N SER A 78 -17.67 -10.56 11.64
CA SER A 78 -18.42 -10.78 12.87
C SER A 78 -17.88 -9.87 13.97
N SER A 79 -18.66 -9.77 15.04
CA SER A 79 -18.27 -8.94 16.17
C SER A 79 -16.80 -9.19 16.53
N GLY A 80 -16.51 -10.45 16.84
CA GLY A 80 -15.16 -10.84 17.20
C GLY A 80 -15.13 -11.54 18.57
N GLY A 1 25.31 10.46 8.88
CA GLY A 1 25.46 9.21 9.61
C GLY A 1 26.44 8.27 8.90
N SER A 2 27.67 8.31 9.35
CA SER A 2 28.70 7.47 8.77
C SER A 2 29.99 7.57 9.60
N SER A 3 30.65 6.42 9.76
CA SER A 3 31.87 6.37 10.52
C SER A 3 32.62 5.06 10.24
N GLY A 4 31.93 3.96 10.51
CA GLY A 4 32.49 2.64 10.30
C GLY A 4 31.66 1.57 10.99
N SER A 5 31.70 0.37 10.41
CA SER A 5 30.95 -0.75 10.95
C SER A 5 31.85 -1.99 11.03
N SER A 6 31.43 -2.93 11.85
CA SER A 6 32.18 -4.17 12.02
C SER A 6 31.22 -5.37 12.07
N GLY A 7 31.80 -6.56 12.01
CA GLY A 7 31.02 -7.77 12.05
C GLY A 7 29.95 -7.71 13.15
N MET A 8 28.83 -8.36 12.89
CA MET A 8 27.75 -8.38 13.84
C MET A 8 27.59 -7.02 14.54
N THR A 9 26.90 -6.12 13.85
CA THR A 9 26.67 -4.79 14.38
C THR A 9 25.26 -4.32 14.05
N VAL A 10 24.77 -3.40 14.88
CA VAL A 10 23.43 -2.86 14.69
C VAL A 10 23.53 -1.35 14.48
N GLU A 11 23.59 -0.96 13.22
CA GLU A 11 23.68 0.45 12.87
C GLU A 11 22.63 0.80 11.81
N GLN A 12 22.25 2.07 11.81
CA GLN A 12 21.26 2.55 10.85
C GLN A 12 19.88 1.98 11.19
N ASN A 13 19.80 0.67 11.18
CA ASN A 13 18.55 -0.01 11.48
C ASN A 13 17.98 0.54 12.79
N VAL A 14 18.88 0.84 13.71
CA VAL A 14 18.50 1.36 15.01
C VAL A 14 17.63 2.61 14.80
N LEU A 15 17.96 3.35 13.75
CA LEU A 15 17.23 4.57 13.43
C LEU A 15 15.94 4.20 12.69
N GLN A 16 16.10 3.48 11.60
CA GLN A 16 14.97 3.05 10.80
C GLN A 16 13.85 2.51 11.70
N GLN A 17 14.26 1.77 12.71
CA GLN A 17 13.32 1.19 13.65
C GLN A 17 12.27 2.23 14.04
N SER A 18 11.07 1.74 14.34
CA SER A 18 9.97 2.59 14.72
C SER A 18 9.55 3.47 13.54
N ALA A 19 10.41 4.42 13.20
CA ALA A 19 10.14 5.32 12.10
C ALA A 19 9.64 4.51 10.90
N ALA A 20 10.31 3.41 10.65
CA ALA A 20 9.95 2.55 9.54
C ALA A 20 8.52 2.05 9.73
N GLN A 21 8.23 1.65 10.97
CA GLN A 21 6.90 1.16 11.30
C GLN A 21 5.84 2.20 10.96
N LYS A 22 6.28 3.45 10.92
CA LYS A 22 5.38 4.55 10.61
C LYS A 22 6.02 5.43 9.54
N HIS A 23 5.79 5.07 8.29
CA HIS A 23 6.33 5.82 7.17
C HIS A 23 5.20 6.22 6.22
N GLN A 24 4.74 7.45 6.39
CA GLN A 24 3.67 7.97 5.56
C GLN A 24 4.01 7.79 4.07
N GLN A 25 5.11 8.41 3.68
CA GLN A 25 5.56 8.33 2.30
C GLN A 25 5.41 6.90 1.77
N THR A 26 5.97 5.96 2.54
CA THR A 26 5.91 4.56 2.17
C THR A 26 4.46 4.12 1.99
N PHE A 27 3.60 4.69 2.83
CA PHE A 27 2.18 4.35 2.78
C PHE A 27 1.56 4.83 1.47
N LEU A 28 1.66 6.12 1.23
CA LEU A 28 1.11 6.71 0.01
C LEU A 28 1.70 6.00 -1.20
N ASN A 29 3.02 5.90 -1.22
CA ASN A 29 3.71 5.25 -2.31
C ASN A 29 3.18 3.82 -2.47
N GLN A 30 2.92 3.19 -1.34
CA GLN A 30 2.41 1.84 -1.34
C GLN A 30 1.01 1.80 -1.96
N LEU A 31 0.15 2.66 -1.45
CA LEU A 31 -1.23 2.74 -1.94
C LEU A 31 -1.21 3.27 -3.38
N ARG A 32 -0.08 3.85 -3.75
CA ARG A 32 0.06 4.39 -5.09
C ARG A 32 0.19 3.27 -6.12
N GLU A 33 1.02 2.29 -5.79
CA GLU A 33 1.23 1.16 -6.67
C GLU A 33 0.14 0.11 -6.45
N ILE A 34 -0.12 -0.17 -5.18
CA ILE A 34 -1.13 -1.15 -4.83
C ILE A 34 -2.34 -0.97 -5.74
N THR A 35 -3.06 0.13 -5.51
CA THR A 35 -4.25 0.43 -6.31
C THR A 35 -3.84 1.10 -7.62
N GLY A 36 -2.60 1.53 -7.67
CA GLY A 36 -2.09 2.19 -8.86
C GLY A 36 -2.40 3.69 -8.84
N ILE A 37 -3.32 4.06 -7.96
CA ILE A 37 -3.72 5.44 -7.82
C ILE A 37 -2.47 6.34 -7.81
N ASN A 38 -2.68 7.60 -8.13
CA ASN A 38 -1.59 8.56 -8.17
C ASN A 38 -1.94 9.76 -7.28
N ASP A 39 -3.12 10.32 -7.54
CA ASP A 39 -3.58 11.46 -6.78
C ASP A 39 -3.22 11.28 -5.30
N ALA A 40 -2.70 12.34 -4.71
CA ALA A 40 -2.30 12.31 -3.32
C ALA A 40 -3.53 12.57 -2.44
N GLN A 41 -4.50 13.26 -3.03
CA GLN A 41 -5.72 13.59 -2.32
C GLN A 41 -6.57 12.33 -2.12
N ILE A 42 -6.26 11.31 -2.90
CA ILE A 42 -6.99 10.05 -2.82
C ILE A 42 -6.21 9.08 -1.94
N LEU A 43 -4.91 9.05 -2.14
CA LEU A 43 -4.05 8.17 -1.36
C LEU A 43 -4.13 8.54 0.11
N GLN A 44 -3.96 9.83 0.38
CA GLN A 44 -4.01 10.33 1.74
C GLN A 44 -5.38 10.03 2.36
N GLN A 45 -6.42 10.43 1.64
CA GLN A 45 -7.78 10.21 2.10
C GLN A 45 -7.95 8.77 2.59
N ALA A 46 -7.47 7.84 1.78
CA ALA A 46 -7.56 6.43 2.12
C ALA A 46 -6.78 6.17 3.41
N LEU A 47 -5.72 6.93 3.58
CA LEU A 47 -4.88 6.79 4.76
C LEU A 47 -5.60 7.40 5.96
N LYS A 48 -6.07 8.63 5.78
CA LYS A 48 -6.78 9.33 6.83
C LYS A 48 -7.88 8.42 7.39
N ASP A 49 -8.80 8.05 6.52
CA ASP A 49 -9.90 7.19 6.92
C ASP A 49 -9.35 5.96 7.65
N SER A 50 -8.53 5.21 6.93
CA SER A 50 -7.93 4.01 7.50
C SER A 50 -7.37 4.31 8.89
N ASN A 51 -6.94 5.55 9.06
CA ASN A 51 -6.39 5.98 10.33
C ASN A 51 -4.97 5.45 10.47
N GLY A 52 -4.47 4.90 9.38
CA GLY A 52 -3.12 4.35 9.36
C GLY A 52 -3.15 2.84 9.12
N ASN A 53 -4.07 2.43 8.26
CA ASN A 53 -4.21 1.02 7.93
C ASN A 53 -4.29 0.86 6.42
N LEU A 54 -3.17 0.52 5.82
CA LEU A 54 -3.11 0.33 4.38
C LEU A 54 -4.23 -0.61 3.95
N GLU A 55 -4.27 -1.77 4.60
CA GLU A 55 -5.28 -2.76 4.29
C GLU A 55 -6.66 -2.10 4.17
N LEU A 56 -6.81 -1.00 4.89
CA LEU A 56 -8.07 -0.27 4.87
C LEU A 56 -8.05 0.76 3.74
N ALA A 57 -6.87 1.34 3.54
CA ALA A 57 -6.70 2.34 2.49
C ALA A 57 -6.81 1.66 1.14
N VAL A 58 -6.33 0.42 1.07
CA VAL A 58 -6.37 -0.33 -0.16
C VAL A 58 -7.82 -0.76 -0.45
N ALA A 59 -8.49 -1.20 0.62
CA ALA A 59 -9.87 -1.65 0.50
C ALA A 59 -10.73 -0.48 0.04
N PHE A 60 -10.73 0.58 0.83
CA PHE A 60 -11.51 1.77 0.52
C PHE A 60 -11.32 2.16 -0.95
N LEU A 61 -10.21 1.75 -1.51
CA LEU A 61 -9.90 2.05 -2.90
C LEU A 61 -10.47 0.94 -3.79
N THR A 62 -9.96 -0.27 -3.57
CA THR A 62 -10.40 -1.41 -4.35
C THR A 62 -11.93 -1.56 -4.27
N ALA A 63 -12.49 -0.98 -3.21
CA ALA A 63 -13.93 -1.05 -3.00
C ALA A 63 -14.62 -0.09 -3.99
N LYS A 64 -13.80 0.71 -4.66
CA LYS A 64 -14.32 1.66 -5.63
C LYS A 64 -13.79 1.30 -7.02
N ASN A 65 -12.47 1.26 -7.12
CA ASN A 65 -11.83 0.93 -8.37
C ASN A 65 -11.49 -0.56 -8.41
N ALA A 66 -12.45 -1.34 -8.91
CA ALA A 66 -12.28 -2.77 -9.00
C ALA A 66 -12.59 -3.24 -10.42
N LYS A 67 -12.46 -4.54 -10.63
CA LYS A 67 -12.71 -5.12 -11.95
C LYS A 67 -14.21 -5.06 -12.24
N THR A 68 -14.53 -4.58 -13.43
CA THR A 68 -15.92 -4.48 -13.85
C THR A 68 -16.41 -5.81 -14.42
N PRO A 69 -17.71 -6.10 -14.14
CA PRO A 69 -18.31 -7.34 -14.62
C PRO A 69 -18.60 -7.27 -16.13
N PRO A 70 -19.00 -8.44 -16.68
CA PRO A 70 -19.32 -8.51 -18.11
C PRO A 70 -20.66 -7.86 -18.41
N GLN A 71 -20.76 -6.58 -18.06
CA GLN A 71 -21.98 -5.83 -18.29
C GLN A 71 -21.69 -4.59 -19.14
N GLU A 72 -22.63 -4.29 -20.03
CA GLU A 72 -22.50 -3.15 -20.92
C GLU A 72 -23.38 -2.00 -20.43
N GLU A 73 -22.84 -0.79 -20.53
CA GLU A 73 -23.58 0.39 -20.12
C GLU A 73 -22.73 1.64 -20.35
N THR A 74 -22.92 2.24 -21.52
CA THR A 74 -22.19 3.44 -21.88
C THR A 74 -23.03 4.33 -22.79
N SER A 75 -22.87 5.64 -22.61
CA SER A 75 -23.61 6.59 -23.40
C SER A 75 -23.04 6.65 -24.82
N GLY A 76 -21.79 7.07 -24.90
CA GLY A 76 -21.12 7.18 -26.19
C GLY A 76 -21.55 8.44 -26.94
N PRO A 77 -20.73 9.51 -26.79
CA PRO A 77 -21.02 10.77 -27.44
C PRO A 77 -20.71 10.69 -28.95
N SER A 78 -21.40 11.54 -29.70
CA SER A 78 -21.21 11.58 -31.14
C SER A 78 -20.47 12.87 -31.54
N SER A 79 -21.08 13.99 -31.19
CA SER A 79 -20.50 15.29 -31.50
C SER A 79 -20.41 15.46 -33.02
N GLY A 80 -21.28 16.33 -33.54
CA GLY A 80 -21.31 16.60 -34.96
C GLY A 80 -20.77 18.00 -35.26
N GLY A 1 21.58 0.26 -23.76
CA GLY A 1 22.27 -0.79 -23.03
C GLY A 1 21.83 -0.81 -21.57
N SER A 2 22.35 0.13 -20.80
CA SER A 2 22.02 0.23 -19.39
C SER A 2 22.44 -1.05 -18.67
N SER A 3 22.78 -0.90 -17.40
CA SER A 3 23.20 -2.03 -16.59
C SER A 3 22.70 -1.86 -15.15
N GLY A 4 22.82 -2.94 -14.38
CA GLY A 4 22.39 -2.90 -13.00
C GLY A 4 23.12 -3.98 -12.18
N SER A 5 23.62 -3.56 -11.03
CA SER A 5 24.34 -4.46 -10.14
C SER A 5 23.90 -4.23 -8.69
N SER A 6 24.19 -5.23 -7.86
CA SER A 6 23.84 -5.15 -6.46
C SER A 6 22.32 -5.14 -6.30
N GLY A 7 21.87 -5.57 -5.13
CA GLY A 7 20.45 -5.62 -4.84
C GLY A 7 20.06 -4.56 -3.81
N MET A 8 19.73 -5.04 -2.61
CA MET A 8 19.34 -4.14 -1.53
C MET A 8 19.34 -4.88 -0.19
N THR A 9 19.47 -4.10 0.87
CA THR A 9 19.50 -4.66 2.22
C THR A 9 18.51 -3.92 3.12
N VAL A 10 18.18 -4.56 4.22
CA VAL A 10 17.25 -3.96 5.18
C VAL A 10 18.05 -3.38 6.35
N GLU A 11 19.27 -2.98 6.05
CA GLU A 11 20.13 -2.40 7.08
C GLU A 11 19.95 -0.89 7.13
N GLN A 12 18.80 -0.44 6.65
CA GLN A 12 18.49 0.98 6.63
C GLN A 12 17.12 1.23 7.26
N ASN A 13 16.85 0.47 8.32
CA ASN A 13 15.58 0.60 9.01
C ASN A 13 15.83 0.66 10.52
N VAL A 14 16.69 -0.25 10.98
CA VAL A 14 17.03 -0.30 12.39
C VAL A 14 17.31 1.11 12.90
N LEU A 15 18.04 1.86 12.10
CA LEU A 15 18.38 3.23 12.45
C LEU A 15 17.14 4.12 12.33
N GLN A 16 16.31 3.79 11.34
CA GLN A 16 15.09 4.54 11.11
C GLN A 16 13.93 3.93 11.89
N GLN A 17 14.29 3.25 12.98
CA GLN A 17 13.29 2.61 13.82
C GLN A 17 12.16 3.60 14.15
N SER A 18 11.00 3.03 14.46
CA SER A 18 9.85 3.84 14.79
C SER A 18 9.37 4.61 13.55
N ALA A 19 10.17 5.58 13.15
CA ALA A 19 9.86 6.39 11.99
C ALA A 19 9.43 5.48 10.83
N ALA A 20 10.16 4.38 10.70
CA ALA A 20 9.87 3.42 9.65
C ALA A 20 8.48 2.82 9.88
N GLN A 21 8.17 2.62 11.15
CA GLN A 21 6.88 2.05 11.53
C GLN A 21 5.74 2.99 11.13
N LYS A 22 6.05 4.28 11.17
CA LYS A 22 5.06 5.29 10.81
C LYS A 22 5.60 6.14 9.65
N HIS A 23 5.71 5.50 8.50
CA HIS A 23 6.20 6.18 7.31
C HIS A 23 5.04 6.49 6.37
N GLN A 24 4.59 7.75 6.43
CA GLN A 24 3.49 8.18 5.60
C GLN A 24 3.85 8.02 4.12
N GLN A 25 4.90 8.72 3.72
CA GLN A 25 5.36 8.66 2.33
C GLN A 25 5.30 7.21 1.82
N THR A 26 5.97 6.33 2.55
CA THR A 26 6.00 4.93 2.19
C THR A 26 4.57 4.40 1.97
N PHE A 27 3.67 4.85 2.82
CA PHE A 27 2.29 4.42 2.74
C PHE A 27 1.67 4.84 1.40
N LEU A 28 1.69 6.14 1.15
CA LEU A 28 1.15 6.67 -0.09
C LEU A 28 1.77 5.94 -1.28
N ASN A 29 3.10 5.86 -1.25
CA ASN A 29 3.83 5.20 -2.32
C ASN A 29 3.34 3.75 -2.44
N GLN A 30 3.04 3.16 -1.29
CA GLN A 30 2.55 1.80 -1.27
C GLN A 30 1.18 1.69 -1.92
N LEU A 31 0.28 2.57 -1.48
CA LEU A 31 -1.07 2.59 -2.01
C LEU A 31 -1.04 3.12 -3.45
N ARG A 32 0.09 3.73 -3.79
CA ARG A 32 0.26 4.28 -5.13
C ARG A 32 0.31 3.16 -6.16
N GLU A 33 1.03 2.10 -5.81
CA GLU A 33 1.16 0.96 -6.69
C GLU A 33 0.00 0.00 -6.50
N ILE A 34 -0.25 -0.35 -5.24
CA ILE A 34 -1.33 -1.25 -4.91
C ILE A 34 -2.54 -0.94 -5.78
N THR A 35 -3.17 0.18 -5.50
CA THR A 35 -4.33 0.61 -6.25
C THR A 35 -3.92 1.25 -7.57
N GLY A 36 -2.64 1.60 -7.65
CA GLY A 36 -2.10 2.22 -8.84
C GLY A 36 -2.40 3.72 -8.86
N ILE A 37 -3.23 4.14 -7.92
CA ILE A 37 -3.60 5.54 -7.83
C ILE A 37 -2.33 6.40 -7.79
N ASN A 38 -2.49 7.65 -8.18
CA ASN A 38 -1.37 8.58 -8.19
C ASN A 38 -1.70 9.78 -7.29
N ASP A 39 -2.85 10.37 -7.56
CA ASP A 39 -3.30 11.52 -6.78
C ASP A 39 -3.00 11.28 -5.30
N ALA A 40 -2.54 12.33 -4.64
CA ALA A 40 -2.22 12.24 -3.24
C ALA A 40 -3.48 12.51 -2.41
N GLN A 41 -4.40 13.26 -3.01
CA GLN A 41 -5.65 13.59 -2.36
C GLN A 41 -6.53 12.34 -2.22
N ILE A 42 -6.19 11.33 -3.01
CA ILE A 42 -6.93 10.09 -2.98
C ILE A 42 -6.21 9.08 -2.07
N LEU A 43 -4.89 9.06 -2.22
CA LEU A 43 -4.08 8.15 -1.42
C LEU A 43 -4.22 8.51 0.06
N GLN A 44 -4.06 9.79 0.35
CA GLN A 44 -4.16 10.28 1.71
C GLN A 44 -5.56 10.01 2.26
N GLN A 45 -6.56 10.44 1.52
CA GLN A 45 -7.94 10.24 1.91
C GLN A 45 -8.15 8.82 2.42
N ALA A 46 -7.60 7.88 1.68
CA ALA A 46 -7.73 6.48 2.04
C ALA A 46 -6.98 6.23 3.35
N LEU A 47 -5.78 6.78 3.42
CA LEU A 47 -4.95 6.62 4.61
C LEU A 47 -5.69 7.22 5.82
N LYS A 48 -6.07 8.48 5.67
CA LYS A 48 -6.78 9.18 6.72
C LYS A 48 -7.90 8.28 7.26
N ASP A 49 -8.78 7.88 6.36
CA ASP A 49 -9.89 7.03 6.72
C ASP A 49 -9.36 5.82 7.50
N SER A 50 -8.50 5.06 6.85
CA SER A 50 -7.91 3.88 7.47
C SER A 50 -7.36 4.23 8.85
N ASN A 51 -6.89 5.46 8.97
CA ASN A 51 -6.34 5.94 10.23
C ASN A 51 -4.91 5.42 10.37
N GLY A 52 -4.41 4.83 9.29
CA GLY A 52 -3.06 4.29 9.28
C GLY A 52 -3.08 2.78 9.04
N ASN A 53 -4.03 2.35 8.23
CA ASN A 53 -4.17 0.94 7.91
C ASN A 53 -4.25 0.77 6.39
N LEU A 54 -3.12 0.41 5.80
CA LEU A 54 -3.05 0.22 4.36
C LEU A 54 -4.18 -0.73 3.94
N GLU A 55 -4.22 -1.88 4.59
CA GLU A 55 -5.24 -2.87 4.28
C GLU A 55 -6.60 -2.21 4.15
N LEU A 56 -6.79 -1.15 4.91
CA LEU A 56 -8.05 -0.42 4.89
C LEU A 56 -8.01 0.61 3.75
N ALA A 57 -6.83 1.19 3.56
CA ALA A 57 -6.65 2.20 2.53
C ALA A 57 -6.85 1.54 1.16
N VAL A 58 -6.53 0.25 1.09
CA VAL A 58 -6.68 -0.49 -0.15
C VAL A 58 -8.13 -0.96 -0.29
N ALA A 59 -8.65 -1.51 0.79
CA ALA A 59 -10.02 -2.01 0.79
C ALA A 59 -10.96 -0.87 0.38
N PHE A 60 -10.70 0.30 0.93
CA PHE A 60 -11.51 1.47 0.64
C PHE A 60 -11.38 1.86 -0.84
N LEU A 61 -10.14 1.87 -1.31
CA LEU A 61 -9.88 2.22 -2.70
C LEU A 61 -10.44 1.14 -3.61
N THR A 62 -10.07 -0.10 -3.32
CA THR A 62 -10.53 -1.23 -4.11
C THR A 62 -12.06 -1.20 -4.23
N ALA A 63 -12.70 -0.80 -3.15
CA ALA A 63 -14.15 -0.73 -3.12
C ALA A 63 -14.61 0.39 -4.06
N LYS A 64 -13.65 1.16 -4.53
CA LYS A 64 -13.95 2.26 -5.44
C LYS A 64 -13.58 1.84 -6.87
N ASN A 65 -12.29 1.59 -7.06
CA ASN A 65 -11.80 1.19 -8.36
C ASN A 65 -10.90 -0.03 -8.21
N ALA A 66 -11.39 -1.16 -8.72
CA ALA A 66 -10.64 -2.40 -8.64
C ALA A 66 -10.70 -3.11 -10.00
N LYS A 67 -9.60 -3.78 -10.33
CA LYS A 67 -9.52 -4.50 -11.58
C LYS A 67 -9.25 -5.99 -11.30
N THR A 68 -9.78 -6.83 -12.17
CA THR A 68 -9.61 -8.27 -12.02
C THR A 68 -8.15 -8.65 -12.27
N PRO A 69 -7.49 -9.12 -11.19
CA PRO A 69 -6.09 -9.52 -11.28
C PRO A 69 -5.95 -10.87 -11.98
N PRO A 70 -5.19 -10.86 -13.11
CA PRO A 70 -4.97 -12.07 -13.88
C PRO A 70 -3.99 -13.00 -13.18
N GLN A 71 -4.33 -13.35 -11.95
CA GLN A 71 -3.48 -14.23 -11.15
C GLN A 71 -4.25 -14.75 -9.94
N GLU A 72 -3.67 -15.76 -9.30
CA GLU A 72 -4.28 -16.36 -8.13
C GLU A 72 -3.80 -15.65 -6.85
N GLU A 73 -4.76 -15.12 -6.11
CA GLU A 73 -4.45 -14.42 -4.88
C GLU A 73 -5.73 -14.15 -4.09
N THR A 74 -5.64 -14.34 -2.78
CA THR A 74 -6.77 -14.13 -1.91
C THR A 74 -6.87 -12.65 -1.51
N SER A 75 -8.02 -12.07 -1.77
CA SER A 75 -8.25 -10.67 -1.45
C SER A 75 -9.74 -10.35 -1.53
N GLY A 76 -10.44 -10.62 -0.45
CA GLY A 76 -11.87 -10.36 -0.39
C GLY A 76 -12.29 -9.88 1.00
N PRO A 77 -12.18 -8.53 1.20
CA PRO A 77 -12.54 -7.94 2.47
C PRO A 77 -14.06 -7.88 2.64
N SER A 78 -14.48 -7.49 3.84
CA SER A 78 -15.90 -7.40 4.15
C SER A 78 -16.42 -6.02 3.75
N SER A 79 -17.34 -6.03 2.80
CA SER A 79 -17.93 -4.78 2.32
C SER A 79 -19.08 -5.08 1.36
N GLY A 80 -20.26 -4.61 1.75
CA GLY A 80 -21.45 -4.81 0.93
C GLY A 80 -22.72 -4.51 1.74
N GLY A 1 13.74 -0.27 -4.77
CA GLY A 1 13.08 0.94 -4.32
C GLY A 1 14.02 2.15 -4.38
N SER A 2 13.44 3.32 -4.20
CA SER A 2 14.20 4.55 -4.24
C SER A 2 14.17 5.24 -2.87
N SER A 3 15.36 5.53 -2.36
CA SER A 3 15.47 6.18 -1.07
C SER A 3 14.52 5.52 -0.07
N GLY A 4 15.02 4.45 0.55
CA GLY A 4 14.22 3.72 1.54
C GLY A 4 14.84 2.35 1.82
N SER A 5 14.98 1.56 0.77
CA SER A 5 15.54 0.24 0.89
C SER A 5 16.88 0.16 0.15
N SER A 6 17.94 -0.03 0.91
CA SER A 6 19.27 -0.12 0.33
C SER A 6 19.83 -1.54 0.51
N GLY A 7 19.42 -2.42 -0.40
CA GLY A 7 19.88 -3.80 -0.35
C GLY A 7 19.12 -4.58 0.72
N MET A 8 19.79 -4.82 1.83
CA MET A 8 19.21 -5.56 2.93
C MET A 8 20.20 -5.71 4.08
N THR A 9 20.07 -4.81 5.06
CA THR A 9 20.94 -4.84 6.21
C THR A 9 20.13 -5.13 7.48
N VAL A 10 20.77 -5.83 8.40
CA VAL A 10 20.13 -6.19 9.65
C VAL A 10 21.00 -5.72 10.82
N GLU A 11 20.34 -5.24 11.86
CA GLU A 11 21.04 -4.76 13.03
C GLU A 11 21.38 -3.27 12.87
N GLN A 12 21.09 -2.76 11.69
CA GLN A 12 21.37 -1.36 11.39
C GLN A 12 20.07 -0.63 11.05
N ASN A 13 19.21 -1.32 10.33
CA ASN A 13 17.94 -0.75 9.93
C ASN A 13 16.98 -0.75 11.12
N VAL A 14 17.23 -1.68 12.03
CA VAL A 14 16.40 -1.80 13.23
C VAL A 14 16.45 -0.49 14.00
N LEU A 15 17.66 0.00 14.22
CA LEU A 15 17.84 1.25 14.95
C LEU A 15 16.89 2.30 14.40
N GLN A 16 16.53 2.13 13.13
CA GLN A 16 15.62 3.06 12.48
C GLN A 16 14.17 2.61 12.68
N GLN A 17 13.93 2.02 13.84
CA GLN A 17 12.59 1.54 14.16
C GLN A 17 11.66 2.72 14.43
N SER A 18 10.38 2.41 14.55
CA SER A 18 9.38 3.43 14.80
C SER A 18 9.21 4.32 13.57
N ALA A 19 10.23 5.14 13.32
CA ALA A 19 10.21 6.03 12.19
C ALA A 19 9.77 5.26 10.93
N ALA A 20 10.32 4.08 10.79
CA ALA A 20 9.99 3.24 9.65
C ALA A 20 8.58 2.67 9.83
N GLN A 21 8.19 2.53 11.08
CA GLN A 21 6.88 2.00 11.41
C GLN A 21 5.80 3.05 11.11
N LYS A 22 6.25 4.29 11.04
CA LYS A 22 5.34 5.39 10.78
C LYS A 22 5.89 6.24 9.62
N HIS A 23 5.85 5.65 8.44
CA HIS A 23 6.34 6.34 7.25
C HIS A 23 5.17 6.64 6.32
N GLN A 24 4.71 7.89 6.37
CA GLN A 24 3.61 8.31 5.54
C GLN A 24 3.95 8.14 4.05
N GLN A 25 5.01 8.83 3.64
CA GLN A 25 5.46 8.76 2.26
C GLN A 25 5.41 7.33 1.75
N THR A 26 6.06 6.45 2.52
CA THR A 26 6.09 5.04 2.16
C THR A 26 4.68 4.49 1.98
N PHE A 27 3.78 4.98 2.82
CA PHE A 27 2.39 4.55 2.76
C PHE A 27 1.74 4.97 1.44
N LEU A 28 1.74 6.27 1.21
CA LEU A 28 1.16 6.82 -0.01
C LEU A 28 1.73 6.08 -1.22
N ASN A 29 3.04 5.94 -1.21
CA ASN A 29 3.72 5.25 -2.30
C ASN A 29 3.24 3.80 -2.37
N GLN A 30 3.03 3.23 -1.20
CA GLN A 30 2.57 1.85 -1.12
C GLN A 30 1.17 1.72 -1.75
N LEU A 31 0.29 2.62 -1.33
CA LEU A 31 -1.07 2.62 -1.84
C LEU A 31 -1.07 3.15 -3.28
N ARG A 32 0.09 3.62 -3.71
CA ARG A 32 0.23 4.16 -5.05
C ARG A 32 0.38 3.02 -6.06
N GLU A 33 1.21 2.05 -5.67
CA GLU A 33 1.45 0.89 -6.53
C GLU A 33 0.31 -0.12 -6.39
N ILE A 34 -0.03 -0.41 -5.14
CA ILE A 34 -1.09 -1.36 -4.86
C ILE A 34 -2.27 -1.10 -5.80
N THR A 35 -3.00 -0.05 -5.49
CA THR A 35 -4.16 0.32 -6.30
C THR A 35 -3.71 0.96 -7.61
N GLY A 36 -2.44 1.34 -7.65
CA GLY A 36 -1.88 1.96 -8.83
C GLY A 36 -2.14 3.47 -8.83
N ILE A 37 -3.04 3.88 -7.95
CA ILE A 37 -3.39 5.28 -7.85
C ILE A 37 -2.12 6.13 -7.92
N ASN A 38 -2.32 7.42 -8.16
CA ASN A 38 -1.20 8.35 -8.25
C ASN A 38 -1.49 9.57 -7.40
N ASP A 39 -2.66 10.15 -7.62
CA ASP A 39 -3.07 11.33 -6.88
C ASP A 39 -2.70 11.16 -5.41
N ALA A 40 -2.59 12.29 -4.72
CA ALA A 40 -2.24 12.27 -3.31
C ALA A 40 -3.50 12.51 -2.48
N GLN A 41 -4.45 13.22 -3.08
CA GLN A 41 -5.70 13.51 -2.40
C GLN A 41 -6.53 12.25 -2.25
N ILE A 42 -6.15 11.23 -3.01
CA ILE A 42 -6.86 9.96 -2.97
C ILE A 42 -6.12 9.01 -2.03
N LEU A 43 -4.81 8.99 -2.16
CA LEU A 43 -3.99 8.12 -1.33
C LEU A 43 -4.15 8.52 0.15
N GLN A 44 -4.00 9.82 0.38
CA GLN A 44 -4.14 10.35 1.73
C GLN A 44 -5.52 10.03 2.29
N GLN A 45 -6.54 10.42 1.55
CA GLN A 45 -7.90 10.18 1.95
C GLN A 45 -8.06 8.74 2.48
N ALA A 46 -7.48 7.81 1.73
CA ALA A 46 -7.55 6.41 2.10
C ALA A 46 -6.82 6.20 3.43
N LEU A 47 -5.61 6.71 3.50
CA LEU A 47 -4.79 6.59 4.69
C LEU A 47 -5.56 7.18 5.88
N LYS A 48 -6.03 8.40 5.70
CA LYS A 48 -6.79 9.08 6.74
C LYS A 48 -7.90 8.16 7.25
N ASP A 49 -8.81 7.82 6.33
CA ASP A 49 -9.92 6.95 6.67
C ASP A 49 -9.40 5.76 7.48
N SER A 50 -8.43 5.06 6.89
CA SER A 50 -7.84 3.90 7.55
C SER A 50 -7.29 4.30 8.91
N ASN A 51 -6.91 5.56 9.02
CA ASN A 51 -6.37 6.08 10.27
C ASN A 51 -4.94 5.55 10.45
N GLY A 52 -4.44 4.93 9.40
CA GLY A 52 -3.10 4.37 9.44
C GLY A 52 -3.12 2.86 9.15
N ASN A 53 -3.99 2.48 8.24
CA ASN A 53 -4.12 1.08 7.86
C ASN A 53 -4.14 0.97 6.34
N LEU A 54 -3.14 0.26 5.82
CA LEU A 54 -3.03 0.07 4.38
C LEU A 54 -4.14 -0.87 3.91
N GLU A 55 -4.33 -1.95 4.67
CA GLU A 55 -5.34 -2.93 4.35
C GLU A 55 -6.70 -2.25 4.20
N LEU A 56 -6.87 -1.15 4.93
CA LEU A 56 -8.11 -0.41 4.89
C LEU A 56 -8.05 0.63 3.76
N ALA A 57 -6.85 1.19 3.59
CA ALA A 57 -6.64 2.19 2.56
C ALA A 57 -6.82 1.54 1.18
N VAL A 58 -6.45 0.28 1.11
CA VAL A 58 -6.56 -0.46 -0.15
C VAL A 58 -8.02 -0.85 -0.37
N ALA A 59 -8.64 -1.38 0.67
CA ALA A 59 -10.03 -1.79 0.60
C ALA A 59 -10.88 -0.60 0.16
N PHE A 60 -10.70 0.50 0.87
CA PHE A 60 -11.45 1.71 0.56
C PHE A 60 -11.26 2.12 -0.90
N LEU A 61 -10.11 1.74 -1.44
CA LEU A 61 -9.80 2.06 -2.82
C LEU A 61 -10.38 0.98 -3.74
N THR A 62 -10.12 -0.26 -3.37
CA THR A 62 -10.61 -1.39 -4.14
C THR A 62 -12.14 -1.34 -4.22
N ALA A 63 -12.75 -0.87 -3.15
CA ALA A 63 -14.19 -0.77 -3.09
C ALA A 63 -14.64 0.58 -3.66
N LYS A 64 -14.01 0.97 -4.76
CA LYS A 64 -14.33 2.23 -5.40
C LYS A 64 -14.02 2.12 -6.89
N ASN A 65 -12.75 1.86 -7.19
CA ASN A 65 -12.32 1.73 -8.57
C ASN A 65 -12.02 0.26 -8.87
N ALA A 66 -11.15 -0.31 -8.05
CA ALA A 66 -10.77 -1.70 -8.21
C ALA A 66 -10.06 -1.87 -9.56
N LYS A 67 -9.00 -1.10 -9.74
CA LYS A 67 -8.23 -1.16 -10.98
C LYS A 67 -6.91 -1.89 -10.71
N THR A 68 -6.76 -3.04 -11.35
CA THR A 68 -5.57 -3.83 -11.19
C THR A 68 -4.53 -3.44 -12.25
N PRO A 69 -3.23 -3.51 -11.85
CA PRO A 69 -2.15 -3.18 -12.76
C PRO A 69 -1.93 -4.30 -13.78
N PRO A 70 -1.12 -3.97 -14.83
CA PRO A 70 -0.82 -4.93 -15.87
C PRO A 70 0.18 -5.97 -15.39
N GLN A 71 -0.18 -6.64 -14.30
CA GLN A 71 0.68 -7.66 -13.72
C GLN A 71 -0.10 -8.49 -12.70
N GLU A 72 0.41 -9.69 -12.45
CA GLU A 72 -0.23 -10.59 -11.50
C GLU A 72 0.32 -10.35 -10.09
N GLU A 73 -0.54 -10.57 -9.11
CA GLU A 73 -0.17 -10.38 -7.72
C GLU A 73 -1.09 -11.19 -6.81
N THR A 74 -0.59 -11.43 -5.60
CA THR A 74 -1.37 -12.19 -4.63
C THR A 74 -1.35 -11.48 -3.27
N SER A 75 -2.46 -11.63 -2.56
CA SER A 75 -2.59 -11.01 -1.25
C SER A 75 -3.17 -12.02 -0.25
N GLY A 76 -2.88 -11.77 1.02
CA GLY A 76 -3.37 -12.64 2.08
C GLY A 76 -4.86 -12.93 1.91
N PRO A 77 -5.69 -12.01 2.44
CA PRO A 77 -7.14 -12.15 2.35
C PRO A 77 -7.63 -11.84 0.94
N SER A 78 -7.62 -12.86 0.11
CA SER A 78 -8.07 -12.72 -1.27
C SER A 78 -9.59 -12.75 -1.33
N SER A 79 -10.14 -12.09 -2.35
CA SER A 79 -11.57 -12.04 -2.53
C SER A 79 -11.99 -12.97 -3.68
N GLY A 80 -12.99 -13.78 -3.39
CA GLY A 80 -13.49 -14.73 -4.38
C GLY A 80 -14.20 -14.00 -5.52
#